data_1DLP
#
_entry.id   1DLP
#
_cell.length_a   277.940
_cell.length_b   164.100
_cell.length_c   53.600
_cell.angle_alpha   90.00
_cell.angle_beta   95.38
_cell.angle_gamma   90.00
#
_symmetry.space_group_name_H-M   'C 1 2 1'
#
loop_
_entity.id
_entity.type
_entity.pdbx_description
1 polymer 'LECTIN SCAFET PRECURSOR'
2 water water
#
_entity_poly.entity_id   1
_entity_poly.type   'polypeptide(L)'
_entity_poly.pdbx_seq_one_letter_code
;NNILFGLSHEGSHPQTLHAAQSLELSSFRFTMQSDCNLVLFDSDVRVWASNTAGATGCRAVLQSDGLLVILTAQNTIRWS
SGTKGSIGNYVLVLQPDRTVTIYGPGLWDSGTSNKGSVVVANNGNSILYSTQGNDNHPQTLHATQSLQLSPYRLSMETDC
NLVLFDRDDRVWSTNTAGKGTGCRAVLQPNGRMDVLTNQNIAVWTSGNSRSAGRYVFVLQPDRNLAIYGGALWTTG
;
_entity_poly.pdbx_strand_id   A,B,C,D,E,F
#
# COMPACT_ATOMS: atom_id res chain seq x y z
N ASN A 1 6.75 21.45 13.34
CA ASN A 1 8.21 21.71 13.61
C ASN A 1 7.92 23.07 14.30
N ASN A 2 9.10 23.59 14.63
CA ASN A 2 9.03 24.78 15.44
C ASN A 2 10.16 25.61 15.22
N ILE A 3 11.21 25.35 14.54
CA ILE A 3 12.03 26.25 13.80
C ILE A 3 11.47 26.87 12.49
N LEU A 4 12.25 27.77 11.84
CA LEU A 4 12.08 28.38 10.56
C LEU A 4 13.45 28.54 9.98
N PHE A 5 13.84 28.13 8.73
CA PHE A 5 15.26 28.23 8.40
C PHE A 5 15.77 29.47 7.72
N GLY A 6 16.72 30.29 7.62
CA GLY A 6 16.20 31.66 7.09
C GLY A 6 16.64 31.52 5.64
N LEU A 7 16.75 32.55 4.87
CA LEU A 7 17.00 32.55 3.48
C LEU A 7 18.13 31.71 3.17
N SER A 8 19.36 31.40 3.35
CA SER A 8 20.15 30.29 2.83
C SER A 8 19.98 28.85 3.33
N HIS A 9 19.96 27.99 2.34
CA HIS A 9 20.00 26.77 1.80
C HIS A 9 19.82 25.41 1.34
N GLU A 10 20.41 24.49 2.06
CA GLU A 10 20.12 23.10 2.23
C GLU A 10 18.60 23.00 2.39
N GLY A 11 17.75 23.34 1.50
CA GLY A 11 16.36 23.07 1.64
C GLY A 11 15.92 22.35 2.93
N SER A 12 16.14 23.27 3.92
CA SER A 12 15.60 22.71 5.21
C SER A 12 14.59 23.83 5.17
N HIS A 13 13.44 23.25 5.41
CA HIS A 13 12.35 24.24 5.27
C HIS A 13 11.51 24.31 6.47
N PRO A 14 10.59 25.15 6.64
CA PRO A 14 10.27 26.46 6.21
C PRO A 14 11.27 27.41 5.69
N GLN A 15 11.04 28.41 4.90
CA GLN A 15 12.27 29.21 4.58
C GLN A 15 11.30 30.39 4.62
N THR A 16 9.98 30.20 4.83
CA THR A 16 8.82 31.05 5.02
C THR A 16 7.45 30.72 5.71
N LEU A 17 6.92 31.75 6.36
CA LEU A 17 5.71 31.49 6.96
C LEU A 17 4.88 32.56 6.25
N HIS A 18 3.89 31.93 5.66
CA HIS A 18 2.92 32.57 4.92
C HIS A 18 1.80 32.37 5.89
N ALA A 19 1.00 33.18 5.39
CA ALA A 19 -0.30 33.79 5.43
C ALA A 19 -1.02 32.77 6.19
N ALA A 20 -1.00 31.74 6.94
CA ALA A 20 -2.03 31.42 7.90
C ALA A 20 -1.63 30.00 8.30
N GLN A 21 -0.29 30.23 8.40
CA GLN A 21 0.67 29.20 8.64
C GLN A 21 1.38 29.59 9.92
N SER A 22 1.05 28.78 10.90
CA SER A 22 1.73 28.89 12.21
C SER A 22 3.02 28.08 12.31
N LEU A 23 3.84 28.20 13.33
CA LEU A 23 4.92 27.42 13.94
C LEU A 23 4.28 26.91 15.25
N GLU A 24 4.33 25.56 15.55
CA GLU A 24 3.72 25.03 16.76
C GLU A 24 4.53 24.25 17.76
N LEU A 25 4.58 24.50 19.09
CA LEU A 25 5.30 23.56 20.06
C LEU A 25 4.06 23.21 20.86
N SER A 26 3.97 22.14 21.39
CA SER A 26 2.70 21.80 22.18
C SER A 26 1.59 22.66 22.44
N SER A 27 0.44 23.01 21.98
CA SER A 27 -0.16 24.24 22.66
C SER A 27 0.48 25.59 22.33
N PHE A 28 1.73 25.92 22.27
CA PHE A 28 2.16 27.21 21.80
C PHE A 28 2.11 26.98 20.27
N ARG A 29 2.25 28.21 19.72
CA ARG A 29 1.89 28.45 18.32
C ARG A 29 2.21 29.92 18.00
N PHE A 30 3.20 30.16 17.10
CA PHE A 30 3.49 31.52 16.58
C PHE A 30 3.37 31.31 15.06
N THR A 31 2.21 31.71 14.52
CA THR A 31 1.39 31.93 13.35
C THR A 31 1.41 33.36 12.69
N MET A 32 1.84 33.56 11.44
CA MET A 32 1.85 34.58 10.43
C MET A 32 0.38 34.77 9.93
N GLN A 33 -0.42 35.53 10.60
CA GLN A 33 -1.76 35.49 10.20
C GLN A 33 -2.08 36.72 9.43
N SER A 34 -3.22 36.35 8.93
CA SER A 34 -4.45 36.42 8.17
C SER A 34 -4.56 37.87 7.81
N ASP A 35 -4.14 38.87 8.53
CA ASP A 35 -4.04 40.27 8.35
C ASP A 35 -2.73 40.94 8.71
N CYS A 36 -1.56 40.51 8.45
CA CYS A 36 -0.22 40.82 8.64
C CYS A 36 0.12 40.77 10.14
N ASN A 37 -0.68 40.21 11.01
CA ASN A 37 -0.19 40.26 12.36
C ASN A 37 0.47 38.92 12.52
N LEU A 38 1.64 39.05 13.21
CA LEU A 38 2.71 38.15 13.53
C LEU A 38 2.63 37.94 14.99
N VAL A 39 1.85 36.99 15.38
CA VAL A 39 1.56 36.69 16.79
C VAL A 39 1.87 35.35 17.49
N LEU A 40 2.21 35.49 18.87
CA LEU A 40 2.37 34.24 19.59
C LEU A 40 1.17 33.87 20.51
N PHE A 41 0.84 32.63 20.55
CA PHE A 41 -0.29 32.38 21.32
C PHE A 41 -0.01 31.03 22.01
N ASP A 42 -0.50 31.01 23.25
CA ASP A 42 -0.62 29.87 24.08
C ASP A 42 -2.00 29.38 23.84
N SER A 43 -2.56 28.44 23.11
CA SER A 43 -4.05 28.34 23.07
C SER A 43 -4.93 29.54 22.69
N ASP A 44 -5.76 30.06 23.63
CA ASP A 44 -6.50 31.30 23.29
C ASP A 44 -5.54 32.17 24.10
N VAL A 45 -5.44 32.99 25.06
CA VAL A 45 -4.26 33.68 25.56
C VAL A 45 -3.27 33.85 24.40
N ARG A 46 -3.09 35.13 24.35
CA ARG A 46 -2.33 35.83 23.40
C ARG A 46 -1.04 36.32 23.93
N VAL A 47 0.12 35.77 23.64
CA VAL A 47 1.18 36.52 24.19
C VAL A 47 2.01 37.53 23.54
N TRP A 48 2.64 37.59 22.42
CA TRP A 48 3.32 38.76 21.89
C TRP A 48 2.82 38.97 20.46
N ALA A 49 2.91 40.13 19.82
CA ALA A 49 2.48 40.26 18.45
C ALA A 49 3.04 41.49 17.82
N SER A 50 2.86 41.93 16.57
CA SER A 50 3.98 42.88 16.08
C SER A 50 3.15 44.14 16.06
N ASN A 51 1.83 43.79 16.17
CA ASN A 51 0.80 44.81 16.20
C ASN A 51 0.86 45.47 14.81
N THR A 52 1.02 44.62 13.82
CA THR A 52 1.30 45.27 12.56
C THR A 52 0.03 44.91 11.84
N ALA A 53 -1.23 45.12 12.33
CA ALA A 53 -2.27 44.70 11.37
C ALA A 53 -3.04 45.63 10.50
N GLY A 54 -3.85 44.89 9.79
CA GLY A 54 -4.82 45.07 8.74
C GLY A 54 -4.32 45.19 7.34
N ALA A 55 -3.61 44.25 6.81
CA ALA A 55 -3.17 44.58 5.45
C ALA A 55 -3.12 43.21 4.82
N THR A 56 -2.55 42.95 3.64
CA THR A 56 -2.50 41.70 3.02
C THR A 56 -1.27 41.30 2.12
N GLY A 57 -1.25 40.00 2.56
CA GLY A 57 -0.54 38.89 2.17
C GLY A 57 0.84 39.10 2.67
N CYS A 58 0.88 39.51 3.94
CA CYS A 58 2.24 39.81 4.53
C CYS A 58 2.79 38.42 4.75
N ARG A 59 4.04 38.11 4.47
CA ARG A 59 4.48 36.78 4.81
C ARG A 59 5.67 37.22 5.74
N ALA A 60 6.02 36.28 6.59
CA ALA A 60 7.05 36.29 7.56
C ALA A 60 8.34 35.67 7.14
N VAL A 61 9.14 34.89 6.46
CA VAL A 61 10.60 35.11 6.29
C VAL A 61 11.78 35.59 7.14
N LEU A 62 12.88 34.72 7.04
CA LEU A 62 14.01 35.17 7.84
C LEU A 62 15.20 35.54 7.13
N GLN A 63 15.91 36.57 7.63
CA GLN A 63 17.13 36.87 6.97
C GLN A 63 18.46 36.44 7.13
N SER A 64 19.55 37.04 6.72
CA SER A 64 20.79 36.41 6.64
C SER A 64 21.72 37.15 7.54
N ASP A 65 21.08 38.09 8.21
CA ASP A 65 21.95 39.06 8.95
C ASP A 65 20.99 39.06 10.09
N GLY A 66 20.38 37.91 10.33
CA GLY A 66 19.52 37.69 11.40
C GLY A 66 18.28 38.55 11.31
N LEU A 67 17.78 39.28 10.30
CA LEU A 67 16.53 39.92 10.79
C LEU A 67 15.32 39.09 10.58
N LEU A 68 14.28 39.20 11.32
CA LEU A 68 13.07 38.48 11.01
C LEU A 68 12.24 39.61 10.54
N VAL A 69 11.63 39.92 9.49
CA VAL A 69 10.89 40.70 8.63
C VAL A 69 9.66 39.97 8.01
N ILE A 70 8.59 40.72 8.19
CA ILE A 70 7.31 40.74 7.64
C ILE A 70 7.21 41.68 6.55
N LEU A 71 7.27 41.15 5.35
CA LEU A 71 7.34 41.39 3.99
C LEU A 71 5.95 41.28 3.51
N THR A 72 6.05 42.32 2.70
CA THR A 72 4.76 42.57 2.08
C THR A 72 4.59 41.89 0.75
N ALA A 73 3.41 41.52 0.39
CA ALA A 73 2.64 41.36 -0.78
C ALA A 73 3.28 42.09 -1.97
N GLN A 74 3.91 43.27 -1.74
CA GLN A 74 4.64 43.68 -2.89
C GLN A 74 6.04 43.97 -2.54
N ASN A 75 6.60 43.26 -1.62
CA ASN A 75 7.98 43.33 -1.32
C ASN A 75 8.31 44.51 -0.42
N THR A 76 7.32 45.09 0.25
CA THR A 76 7.69 46.04 1.16
C THR A 76 7.73 45.76 2.63
N ILE A 77 8.77 45.54 3.45
CA ILE A 77 8.81 45.49 4.94
C ILE A 77 7.76 45.93 5.89
N ARG A 78 6.65 45.29 6.34
CA ARG A 78 5.69 45.96 7.28
C ARG A 78 6.26 46.25 8.63
N TRP A 79 7.33 45.72 9.09
CA TRP A 79 7.88 45.52 10.37
C TRP A 79 9.19 44.76 10.33
N SER A 80 10.24 45.06 11.05
CA SER A 80 11.51 44.41 11.15
C SER A 80 11.59 43.97 12.64
N SER A 81 12.72 43.46 12.92
CA SER A 81 13.15 43.08 14.25
C SER A 81 14.32 44.00 14.52
N GLY A 82 15.48 44.37 14.17
CA GLY A 82 16.17 45.61 14.41
C GLY A 82 17.60 45.41 14.77
N THR A 83 17.59 44.07 14.85
CA THR A 83 18.95 43.76 15.36
C THR A 83 19.58 43.05 14.25
N LYS A 84 20.76 42.94 14.07
CA LYS A 84 21.16 42.38 12.82
C LYS A 84 22.48 41.76 13.16
N GLY A 85 23.03 40.82 12.36
CA GLY A 85 24.27 40.29 12.72
C GLY A 85 25.22 40.15 11.57
N SER A 86 25.59 38.86 11.62
CA SER A 86 26.65 38.45 10.68
C SER A 86 26.55 37.62 9.44
N ILE A 87 27.28 36.62 8.72
CA ILE A 87 26.51 36.48 7.55
C ILE A 87 25.64 35.39 7.54
N GLY A 88 25.87 34.18 7.62
CA GLY A 88 24.79 33.27 7.75
C GLY A 88 23.38 33.03 7.86
N ASN A 89 23.67 31.78 8.35
CA ASN A 89 22.52 30.87 8.51
C ASN A 89 21.93 31.08 9.85
N TYR A 90 20.71 31.40 10.16
CA TYR A 90 20.05 31.52 11.38
C TYR A 90 18.91 30.67 11.54
N VAL A 91 18.37 30.01 12.39
CA VAL A 91 17.17 29.37 12.83
C VAL A 91 16.63 30.59 13.54
N LEU A 92 15.36 30.57 13.69
CA LEU A 92 14.29 31.27 14.27
C LEU A 92 13.49 30.03 14.92
N VAL A 93 13.58 29.44 16.09
CA VAL A 93 12.93 28.57 16.99
C VAL A 93 11.89 29.03 17.97
N LEU A 94 10.86 28.42 18.34
CA LEU A 94 9.81 28.78 19.26
C LEU A 94 10.04 27.47 20.09
N GLN A 95 10.45 27.53 21.31
CA GLN A 95 11.05 27.09 22.51
C GLN A 95 10.00 26.83 23.52
N PRO A 96 10.39 25.92 24.35
CA PRO A 96 9.62 25.53 25.47
C PRO A 96 9.50 26.57 26.62
N ASP A 97 10.46 27.49 26.91
CA ASP A 97 9.96 28.50 27.78
C ASP A 97 8.95 29.35 26.97
N ARG A 98 7.95 29.06 26.13
CA ARG A 98 7.34 30.21 25.57
C ARG A 98 8.16 31.37 25.08
N THR A 99 9.28 31.14 24.42
CA THR A 99 9.68 32.30 23.75
C THR A 99 9.98 32.21 22.29
N VAL A 100 10.38 33.16 21.47
CA VAL A 100 10.72 32.85 20.10
C VAL A 100 12.19 33.28 20.05
N THR A 101 13.22 32.76 19.33
CA THR A 101 14.58 33.32 19.36
C THR A 101 15.55 33.14 18.15
N ILE A 102 16.62 33.94 17.87
CA ILE A 102 17.60 33.78 16.83
C ILE A 102 18.86 33.19 17.06
N TYR A 103 19.24 32.10 16.37
CA TYR A 103 20.71 31.98 16.63
C TYR A 103 21.39 32.17 15.35
N GLY A 104 22.60 32.55 15.31
CA GLY A 104 23.25 32.53 14.09
C GLY A 104 24.58 33.25 14.31
N PRO A 105 25.09 33.03 13.16
CA PRO A 105 25.76 32.46 12.10
C PRO A 105 25.55 31.03 12.53
N GLY A 106 25.90 30.12 11.64
CA GLY A 106 25.94 28.90 12.52
C GLY A 106 27.40 28.75 12.96
N LEU A 107 27.60 27.54 13.44
CA LEU A 107 29.01 27.33 13.74
C LEU A 107 29.59 25.97 13.61
N TRP A 108 29.11 24.73 13.55
CA TRP A 108 29.87 23.58 13.11
C TRP A 108 28.91 22.70 12.29
N ASP A 109 28.94 22.13 11.06
CA ASP A 109 27.86 21.27 10.64
C ASP A 109 28.66 19.91 10.59
N SER A 110 27.95 18.80 10.36
CA SER A 110 28.53 17.51 10.44
C SER A 110 29.44 17.07 9.39
N GLY A 111 28.90 17.61 8.36
CA GLY A 111 28.73 17.69 6.93
C GLY A 111 27.82 16.56 6.40
N THR A 112 26.60 16.18 6.69
CA THR A 112 26.05 14.97 6.09
C THR A 112 24.66 15.12 5.45
N SER A 113 24.38 16.03 4.51
CA SER A 113 23.14 16.35 4.02
C SER A 113 22.86 15.84 2.61
N ASN A 114 21.54 15.64 2.49
CA ASN A 114 20.57 15.03 1.77
C ASN A 114 19.36 15.70 1.29
N LYS A 115 19.46 16.01 0.02
CA LYS A 115 18.18 16.29 -0.70
C LYS A 115 17.65 14.86 -0.97
N GLY A 116 16.46 14.54 -0.44
CA GLY A 116 15.69 13.31 -0.40
C GLY A 116 14.46 13.54 0.50
N SER A 117 13.95 12.58 1.27
CA SER A 117 12.76 12.62 2.08
C SER A 117 12.42 13.60 3.18
N VAL A 118 13.31 14.23 3.88
CA VAL A 118 13.23 15.42 4.70
C VAL A 118 12.04 15.70 5.58
N VAL A 119 11.39 14.80 6.23
CA VAL A 119 10.13 14.58 6.90
C VAL A 119 9.49 15.24 8.07
N VAL A 120 8.63 14.74 8.95
CA VAL A 120 7.93 15.31 10.09
C VAL A 120 6.45 14.95 10.17
N ALA A 121 5.76 14.05 10.89
CA ALA A 121 4.25 14.12 10.78
C ALA A 121 3.72 14.67 12.13
N ASN A 122 4.60 15.28 12.94
CA ASN A 122 4.68 16.05 14.14
C ASN A 122 6.11 16.57 14.41
N ASN A 123 6.80 16.08 15.39
CA ASN A 123 7.85 16.52 16.24
C ASN A 123 9.38 16.39 16.06
N GLY A 124 10.15 16.80 17.06
CA GLY A 124 11.28 17.08 17.76
C GLY A 124 12.66 16.72 18.35
N ASN A 125 13.69 17.28 17.70
CA ASN A 125 14.91 17.56 17.19
C ASN A 125 16.00 18.60 17.32
N SER A 126 15.84 19.48 18.30
CA SER A 126 16.93 20.26 18.81
C SER A 126 17.25 19.83 20.29
N ILE A 127 18.50 20.17 20.60
CA ILE A 127 19.11 20.16 21.94
C ILE A 127 19.38 21.56 22.61
N LEU A 128 19.29 21.98 23.92
CA LEU A 128 19.32 23.33 24.11
C LEU A 128 20.56 23.78 24.71
N TYR A 129 21.90 23.99 24.83
CA TYR A 129 22.92 24.94 25.41
C TYR A 129 22.74 24.41 26.87
N SER A 130 22.65 24.75 28.06
CA SER A 130 22.56 25.11 29.43
C SER A 130 21.92 26.48 30.07
N THR A 131 20.82 26.68 30.94
CA THR A 131 20.64 27.87 31.60
C THR A 131 19.45 27.72 32.53
N ASN A 134 16.19 29.61 30.39
CA ASN A 134 15.42 28.90 31.41
C ASN A 134 15.27 27.38 31.14
N ASP A 135 14.06 26.89 31.13
CA ASP A 135 13.49 25.65 31.31
C ASP A 135 13.19 25.10 30.00
N ASN A 136 14.07 25.23 29.11
CA ASN A 136 13.95 25.22 27.59
C ASN A 136 14.66 23.97 27.74
N HIS A 137 14.22 22.75 27.76
CA HIS A 137 15.10 21.62 27.27
C HIS A 137 14.95 20.53 26.18
N PRO A 138 15.91 19.68 26.31
CA PRO A 138 16.97 18.81 26.27
C PRO A 138 18.21 19.48 26.81
N GLN A 139 19.02 19.14 27.76
CA GLN A 139 20.21 20.11 27.69
C GLN A 139 21.42 19.28 27.72
N THR A 140 20.79 17.90 27.76
CA THR A 140 21.63 16.80 27.70
C THR A 140 20.87 15.60 27.27
N LEU A 141 21.71 15.00 26.42
CA LEU A 141 21.34 13.69 25.98
C LEU A 141 22.21 12.55 26.55
N HIS A 142 21.29 11.59 26.97
CA HIS A 142 21.65 10.47 27.63
C HIS A 142 21.91 9.10 27.10
N ALA A 143 21.45 7.89 27.46
CA ALA A 143 22.19 6.75 26.79
C ALA A 143 20.93 6.30 26.28
N THR A 144 20.50 5.82 25.12
CA THR A 144 19.07 5.59 24.98
C THR A 144 18.35 6.96 24.79
N GLN A 145 18.99 8.17 24.82
CA GLN A 145 18.25 9.38 24.51
C GLN A 145 18.86 9.90 23.24
N SER A 146 18.10 10.50 22.28
CA SER A 146 17.94 11.11 21.02
C SER A 146 17.80 12.32 20.20
N LEU A 147 16.77 13.11 20.25
CA LEU A 147 16.67 14.11 19.11
C LEU A 147 16.14 13.23 17.97
N GLN A 148 14.96 13.19 17.39
CA GLN A 148 14.37 12.62 16.23
C GLN A 148 13.70 13.51 15.20
N LEU A 149 13.98 13.59 13.90
CA LEU A 149 13.21 14.19 12.80
C LEU A 149 12.46 12.99 12.16
N SER A 150 13.00 12.29 11.13
CA SER A 150 11.82 11.43 10.88
C SER A 150 12.09 10.04 10.41
N PRO A 151 12.77 9.92 9.32
CA PRO A 151 13.45 8.64 9.27
C PRO A 151 14.70 8.81 10.20
N TYR A 152 15.34 10.02 10.13
CA TYR A 152 16.47 10.63 10.74
C TYR A 152 16.47 10.55 12.24
N ARG A 153 17.53 10.02 12.79
CA ARG A 153 17.72 10.12 14.28
C ARG A 153 19.09 10.05 14.97
N LEU A 154 19.24 10.73 16.14
CA LEU A 154 20.59 10.90 16.81
C LEU A 154 20.77 10.06 18.15
N SER A 155 21.73 9.10 18.12
CA SER A 155 21.54 8.56 19.41
C SER A 155 22.79 8.39 20.21
N MET A 156 22.33 8.58 21.45
CA MET A 156 23.42 8.32 22.32
C MET A 156 23.46 6.89 22.71
N GLU A 157 24.46 6.13 22.31
CA GLU A 157 24.34 4.72 22.68
C GLU A 157 24.79 4.13 23.94
N THR A 158 24.61 3.00 24.53
CA THR A 158 25.62 2.53 25.48
C THR A 158 27.03 2.38 25.11
N ASP A 159 27.69 2.26 23.97
CA ASP A 159 29.09 2.14 23.64
C ASP A 159 29.51 3.51 23.82
N CYS A 160 29.01 4.61 24.16
CA CYS A 160 29.76 5.86 24.34
C CYS A 160 29.80 6.36 22.88
N ASN A 161 28.84 6.09 21.95
CA ASN A 161 29.03 6.71 20.59
C ASN A 161 27.88 7.46 19.96
N LEU A 162 28.07 8.75 19.51
CA LEU A 162 26.83 9.49 19.11
C LEU A 162 26.55 9.01 17.70
N VAL A 163 25.38 8.54 17.26
CA VAL A 163 25.22 7.95 15.94
C VAL A 163 23.94 8.52 15.37
N LEU A 164 23.88 8.49 14.03
CA LEU A 164 22.97 9.02 13.07
C LEU A 164 22.18 8.00 12.27
N PHE A 165 21.02 7.55 12.82
CA PHE A 165 20.41 6.74 11.75
C PHE A 165 19.77 7.68 10.69
N ASP A 166 19.64 7.03 9.45
CA ASP A 166 18.86 7.44 8.28
C ASP A 166 18.03 6.16 8.18
N ARG A 167 16.90 6.16 8.64
CA ARG A 167 16.17 4.90 8.64
C ARG A 167 16.98 3.85 9.31
N ASP A 168 17.09 3.38 10.54
CA ASP A 168 17.85 2.17 10.63
C ASP A 168 19.18 2.03 10.02
N ASP A 169 19.87 3.00 9.51
CA ASP A 169 21.24 2.84 9.12
C ASP A 169 22.19 4.00 9.46
N ARG A 170 23.32 3.47 9.92
CA ARG A 170 24.51 4.18 10.31
C ARG A 170 24.99 5.21 9.28
N VAL A 171 25.04 6.50 9.42
CA VAL A 171 25.16 7.41 8.38
C VAL A 171 26.26 8.14 9.00
N TRP A 172 26.27 8.90 10.05
CA TRP A 172 27.49 9.55 10.56
C TRP A 172 27.72 9.05 11.97
N SER A 173 28.93 9.01 12.46
CA SER A 173 29.06 8.49 13.82
C SER A 173 30.19 8.76 14.69
N THR A 174 30.69 8.70 15.92
CA THR A 174 31.77 9.57 16.45
C THR A 174 33.07 8.83 16.58
N ASN A 175 32.60 7.61 16.39
CA ASN A 175 33.32 6.40 16.43
C ASN A 175 34.09 6.68 17.74
N THR A 176 33.23 6.53 18.77
CA THR A 176 33.97 6.68 20.10
C THR A 176 33.29 5.47 20.64
N ALA A 177 33.35 4.21 20.14
CA ALA A 177 32.49 3.25 20.85
C ALA A 177 33.38 2.75 22.03
N GLY A 178 32.85 2.10 23.07
CA GLY A 178 33.62 1.78 24.20
C GLY A 178 34.69 2.71 24.50
N LYS A 179 34.66 3.91 24.95
CA LYS A 179 35.81 4.61 25.54
C LYS A 179 35.12 5.22 26.78
N GLY A 180 33.96 4.70 27.22
CA GLY A 180 33.30 5.16 28.24
C GLY A 180 32.10 4.47 28.78
N THR A 181 31.70 4.48 30.15
CA THR A 181 30.48 3.74 30.26
C THR A 181 29.39 4.72 30.50
N GLY A 182 29.63 5.90 30.90
CA GLY A 182 28.21 6.32 30.93
C GLY A 182 27.97 7.48 30.17
N CYS A 183 28.20 7.65 28.86
CA CYS A 183 28.24 9.01 28.22
C CYS A 183 27.05 9.87 28.15
N ARG A 184 27.19 11.08 27.74
CA ARG A 184 26.22 12.05 27.48
C ARG A 184 26.98 13.01 26.57
N ALA A 185 26.05 13.77 25.98
CA ALA A 185 26.26 14.75 24.93
C ALA A 185 25.35 15.93 25.33
N VAL A 186 26.20 16.81 25.65
CA VAL A 186 25.73 18.08 26.15
C VAL A 186 26.23 19.25 25.25
N LEU A 187 25.39 20.43 25.13
CA LEU A 187 26.07 21.26 24.44
C LEU A 187 26.50 22.42 25.19
N GLN A 188 27.81 22.63 24.99
CA GLN A 188 28.25 23.81 25.91
C GLN A 188 27.87 25.23 25.98
N PRO A 189 28.10 26.14 26.91
CA PRO A 189 27.79 27.54 26.91
C PRO A 189 28.52 28.29 25.80
N ASN A 190 29.45 27.74 24.97
CA ASN A 190 29.91 28.56 23.87
C ASN A 190 29.88 27.83 22.54
N GLY A 191 28.85 27.04 22.20
CA GLY A 191 28.38 26.03 21.37
C GLY A 191 29.47 25.22 20.88
N ARG A 192 29.84 24.26 21.62
CA ARG A 192 30.67 23.04 21.83
C ARG A 192 30.18 21.79 22.39
N MET A 193 29.88 20.86 21.40
CA MET A 193 29.11 19.71 21.71
C MET A 193 30.28 18.91 22.32
N ASP A 194 29.88 18.17 23.41
CA ASP A 194 30.82 17.20 23.84
C ASP A 194 30.29 15.90 24.27
N VAL A 195 31.28 15.05 24.14
CA VAL A 195 30.57 13.76 24.39
C VAL A 195 31.57 13.28 25.42
N LEU A 196 30.85 13.36 26.59
CA LEU A 196 31.63 13.14 27.76
C LEU A 196 31.15 11.94 28.45
N THR A 197 32.17 11.43 29.03
CA THR A 197 32.21 10.15 29.71
C THR A 197 31.76 10.36 31.13
N ASN A 198 31.39 9.30 31.79
CA ASN A 198 31.07 8.97 33.10
C ASN A 198 31.39 10.00 34.16
N GLN A 199 32.62 10.20 34.25
CA GLN A 199 33.81 10.71 34.63
C GLN A 199 34.16 12.00 33.97
N ASN A 200 33.30 12.92 33.60
CA ASN A 200 33.33 14.29 33.07
C ASN A 200 34.54 14.32 32.13
N ILE A 201 34.92 13.32 31.25
CA ILE A 201 36.06 13.49 30.40
C ILE A 201 35.37 13.36 29.00
N ALA A 202 35.84 14.30 28.22
CA ALA A 202 35.27 14.44 26.91
C ALA A 202 36.08 13.66 25.92
N VAL A 203 35.48 12.60 25.49
CA VAL A 203 35.87 11.66 24.41
C VAL A 203 35.71 12.30 23.04
N TRP A 204 34.82 13.29 22.76
CA TRP A 204 34.61 13.99 21.53
C TRP A 204 34.07 15.38 21.67
N THR A 205 34.67 16.23 20.86
CA THR A 205 34.13 17.59 20.74
C THR A 205 34.08 18.06 19.25
N SER A 206 32.93 18.63 18.88
CA SER A 206 32.55 19.54 17.92
C SER A 206 33.70 20.54 17.75
N GLY A 207 34.73 20.93 18.33
CA GLY A 207 35.57 21.86 18.57
C GLY A 207 35.44 23.41 18.64
N ASN A 208 34.51 23.80 17.79
CA ASN A 208 34.59 25.22 17.46
C ASN A 208 33.67 25.91 18.45
N SER A 209 34.25 27.04 18.88
CA SER A 209 33.24 27.68 19.76
C SER A 209 33.35 29.16 19.72
N ARG A 210 32.43 29.79 20.42
CA ARG A 210 32.28 31.21 20.51
C ARG A 210 32.05 31.79 21.91
N SER A 211 31.89 33.13 21.86
CA SER A 211 31.60 33.85 23.01
C SER A 211 30.53 33.01 23.70
N ALA A 212 30.54 32.56 24.92
CA ALA A 212 29.46 32.09 25.63
C ALA A 212 28.16 32.94 25.43
N GLY A 213 27.10 32.20 25.49
CA GLY A 213 25.81 32.78 25.48
C GLY A 213 25.19 31.40 25.59
N ARG A 214 24.23 31.32 24.64
CA ARG A 214 23.14 30.29 24.48
C ARG A 214 22.95 29.99 23.06
N TYR A 215 23.61 28.90 22.51
CA TYR A 215 23.48 28.25 21.40
C TYR A 215 22.47 27.15 21.32
N VAL A 216 22.22 26.52 20.15
CA VAL A 216 21.32 25.41 19.80
C VAL A 216 22.01 24.51 18.71
N PHE A 217 21.70 23.22 18.68
CA PHE A 217 22.14 22.27 17.70
C PHE A 217 20.86 21.70 17.12
N VAL A 218 20.50 21.59 15.81
CA VAL A 218 19.41 21.04 15.02
C VAL A 218 19.77 19.89 14.10
N LEU A 219 18.92 18.91 14.12
CA LEU A 219 19.22 17.59 13.48
C LEU A 219 18.42 18.10 12.26
N GLN A 220 19.10 18.60 11.23
CA GLN A 220 18.44 19.40 10.21
C GLN A 220 17.30 18.89 9.55
N PRO A 221 16.55 19.31 8.59
CA PRO A 221 15.70 18.25 7.82
C PRO A 221 16.71 17.87 6.74
N ASP A 222 18.08 17.97 6.71
CA ASP A 222 18.65 17.61 5.41
C ASP A 222 19.43 16.58 6.18
N ARG A 223 18.91 15.84 7.21
CA ARG A 223 19.99 14.99 7.68
C ARG A 223 21.30 15.77 7.96
N ASN A 224 21.26 17.04 8.46
CA ASN A 224 22.36 17.81 8.93
C ASN A 224 22.51 18.02 10.48
N LEU A 225 23.83 17.83 10.80
CA LEU A 225 23.76 18.24 12.21
C LEU A 225 24.43 19.55 12.11
N ALA A 226 23.79 20.37 12.93
CA ALA A 226 24.55 21.67 12.81
C ALA A 226 24.29 22.64 13.97
N ILE A 227 25.38 23.52 14.23
CA ILE A 227 25.04 24.24 15.50
C ILE A 227 25.04 25.73 15.31
N TYR A 228 24.24 26.62 15.72
CA TYR A 228 23.88 27.94 15.57
C TYR A 228 23.90 28.65 16.92
N GLY A 229 24.37 29.91 17.02
CA GLY A 229 24.81 30.66 18.05
C GLY A 229 25.61 31.81 17.64
N GLY A 230 25.10 32.75 18.22
CA GLY A 230 24.88 34.08 18.62
C GLY A 230 23.66 33.55 19.48
N ALA A 231 22.61 34.10 19.77
CA ALA A 231 21.36 34.38 20.16
C ALA A 231 20.88 35.82 20.49
N LEU A 232 20.66 36.70 19.53
CA LEU A 232 20.28 37.72 18.75
C LEU A 232 18.89 38.21 18.99
N TRP A 233 17.88 37.58 19.44
CA TRP A 233 16.55 38.17 19.62
C TRP A 233 15.51 37.28 20.22
N THR A 234 14.71 37.70 21.21
CA THR A 234 13.51 36.99 21.61
C THR A 234 12.32 37.82 21.95
N THR A 235 11.06 37.48 21.81
CA THR A 235 10.03 38.27 22.52
C THR A 235 10.20 38.40 24.05
N ASN B 1 -7.93 11.10 -24.46
CA ASN B 1 -8.60 9.89 -25.20
C ASN B 1 -7.19 9.46 -25.65
N ASN B 2 -7.03 8.42 -26.37
CA ASN B 2 -6.01 7.84 -27.13
C ASN B 2 -5.95 7.56 -28.65
N ILE B 3 -6.75 8.09 -29.59
CA ILE B 3 -6.48 8.11 -31.01
C ILE B 3 -6.32 9.61 -31.45
N LEU B 4 -5.72 9.85 -32.62
CA LEU B 4 -5.63 11.04 -33.43
C LEU B 4 -6.45 11.15 -34.78
N PHE B 5 -7.41 11.92 -35.38
CA PHE B 5 -7.94 11.83 -36.68
C PHE B 5 -7.15 12.38 -37.84
N GLY B 6 -7.46 11.82 -39.09
CA GLY B 6 -7.11 12.20 -40.53
C GLY B 6 -7.31 13.72 -40.35
N LEU B 7 -6.80 14.82 -40.87
CA LEU B 7 -7.25 16.21 -41.35
C LEU B 7 -8.48 16.06 -42.19
N SER B 8 -9.64 15.96 -41.66
CA SER B 8 -10.95 15.46 -41.95
C SER B 8 -11.61 16.80 -41.93
N HIS B 9 -12.71 16.93 -42.37
CA HIS B 9 -13.59 18.00 -42.45
C HIS B 9 -14.74 18.12 -41.49
N GLU B 10 -14.71 17.00 -40.78
CA GLU B 10 -15.91 16.55 -40.07
C GLU B 10 -15.74 16.76 -38.61
N GLY B 11 -14.54 17.11 -38.12
CA GLY B 11 -14.87 17.58 -36.73
C GLY B 11 -15.57 16.66 -35.63
N SER B 12 -14.57 16.08 -35.08
CA SER B 12 -13.77 15.00 -34.82
C SER B 12 -12.23 15.40 -34.72
N HIS B 13 -12.06 15.76 -33.41
CA HIS B 13 -10.89 16.19 -32.68
C HIS B 13 -9.97 15.64 -31.63
N PRO B 14 -8.74 15.33 -31.68
CA PRO B 14 -7.79 16.09 -32.32
C PRO B 14 -7.52 15.85 -33.87
N GLN B 15 -6.90 17.02 -34.37
CA GLN B 15 -6.54 16.53 -35.72
C GLN B 15 -5.09 16.80 -35.87
N THR B 16 -4.44 17.37 -34.86
CA THR B 16 -3.03 17.66 -34.84
C THR B 16 -2.35 17.51 -33.48
N LEU B 17 -1.09 16.93 -33.57
CA LEU B 17 -0.63 16.95 -32.12
C LEU B 17 0.19 18.16 -32.06
N HIS B 18 0.23 19.09 -31.21
CA HIS B 18 0.93 20.18 -31.11
C HIS B 18 2.20 20.18 -30.33
N ALA B 19 2.23 20.86 -29.21
CA ALA B 19 3.63 21.34 -29.05
C ALA B 19 3.90 20.90 -27.70
N ALA B 20 2.97 21.03 -26.80
CA ALA B 20 3.18 20.66 -25.41
C ALA B 20 2.33 19.43 -25.44
N GLN B 21 1.73 19.01 -26.56
CA GLN B 21 0.63 18.09 -26.65
C GLN B 21 1.09 16.71 -27.02
N SER B 22 0.52 15.65 -26.68
CA SER B 22 0.27 14.35 -26.31
C SER B 22 -0.87 13.41 -26.48
N LEU B 23 -0.90 12.16 -26.75
CA LEU B 23 -2.16 11.51 -26.60
C LEU B 23 -1.67 10.52 -25.51
N GLU B 24 -2.49 10.37 -24.53
CA GLU B 24 -2.30 9.51 -23.50
C GLU B 24 -3.04 8.25 -23.36
N LEU B 25 -2.82 6.96 -23.49
CA LEU B 25 -3.37 5.76 -22.86
C LEU B 25 -2.27 5.50 -21.67
N SER B 26 -2.97 5.49 -20.58
CA SER B 26 -2.90 5.58 -19.17
C SER B 26 -2.15 4.40 -18.67
N SER B 27 -0.94 4.79 -18.57
CA SER B 27 0.31 4.17 -18.46
C SER B 27 1.26 4.76 -19.52
N PHE B 28 0.87 4.88 -20.84
CA PHE B 28 1.66 5.40 -21.97
C PHE B 28 1.58 6.80 -22.61
N ARG B 29 2.67 7.20 -23.29
CA ARG B 29 2.58 8.59 -23.55
C ARG B 29 3.22 8.71 -24.87
N PHE B 30 2.26 9.30 -25.54
CA PHE B 30 2.67 9.93 -26.81
C PHE B 30 2.61 11.40 -26.90
N THR B 31 3.40 12.24 -26.96
CA THR B 31 3.50 13.77 -26.94
C THR B 31 4.37 14.35 -28.16
N MET B 32 3.93 15.66 -28.34
CA MET B 32 4.80 16.38 -29.19
C MET B 32 6.04 16.85 -28.42
N GLN B 33 7.33 16.51 -28.73
CA GLN B 33 8.13 17.29 -27.72
C GLN B 33 8.47 18.67 -28.14
N SER B 34 8.98 19.61 -27.41
CA SER B 34 9.27 20.87 -28.04
C SER B 34 10.62 20.99 -28.66
N ASP B 35 11.24 19.98 -29.06
CA ASP B 35 12.58 20.08 -29.59
C ASP B 35 12.28 19.45 -30.92
N CYS B 36 10.98 19.13 -31.08
CA CYS B 36 10.67 18.37 -32.27
C CYS B 36 10.80 16.94 -31.81
N ASN B 37 10.73 16.35 -30.63
CA ASN B 37 10.83 14.85 -30.87
C ASN B 37 9.47 14.23 -30.79
N LEU B 38 8.94 13.54 -31.80
CA LEU B 38 7.59 13.07 -31.36
C LEU B 38 8.07 11.86 -30.58
N VAL B 39 7.79 11.74 -29.31
CA VAL B 39 8.19 10.60 -28.50
C VAL B 39 7.04 9.80 -27.80
N LEU B 40 7.08 8.51 -27.58
CA LEU B 40 6.35 7.52 -26.97
C LEU B 40 6.90 7.21 -25.56
N PHE B 41 6.57 7.82 -24.42
CA PHE B 41 7.11 7.20 -23.20
C PHE B 41 6.59 5.99 -22.52
N ASP B 42 7.08 5.13 -21.58
CA ASP B 42 6.22 4.17 -20.81
C ASP B 42 6.18 4.77 -19.44
N SER B 43 5.53 5.68 -18.78
CA SER B 43 5.81 6.09 -17.38
C SER B 43 6.73 7.26 -17.61
N ASP B 44 7.98 7.19 -17.34
CA ASP B 44 9.04 7.98 -17.87
C ASP B 44 9.73 6.81 -18.61
N VAL B 45 10.72 7.05 -19.41
CA VAL B 45 11.47 5.91 -19.94
C VAL B 45 10.76 5.91 -21.29
N ARG B 46 11.57 6.44 -22.17
CA ARG B 46 11.18 6.39 -23.56
C ARG B 46 11.14 5.05 -24.26
N VAL B 47 10.35 4.87 -25.30
CA VAL B 47 10.34 3.67 -25.95
C VAL B 47 10.73 3.90 -27.36
N TRP B 48 10.25 4.95 -27.98
CA TRP B 48 10.67 5.25 -29.36
C TRP B 48 10.61 6.68 -29.74
N ALA B 49 10.69 6.94 -31.02
CA ALA B 49 10.54 8.38 -31.23
C ALA B 49 11.11 8.75 -32.52
N SER B 50 10.68 9.87 -33.02
CA SER B 50 11.19 10.15 -34.41
C SER B 50 12.66 10.46 -34.34
N ASN B 51 13.46 10.78 -33.37
CA ASN B 51 14.93 10.99 -33.61
C ASN B 51 15.08 12.21 -34.48
N THR B 52 14.25 13.18 -34.23
CA THR B 52 14.14 14.37 -34.98
C THR B 52 14.38 15.42 -33.95
N ALA B 53 14.77 15.25 -32.72
CA ALA B 53 14.73 16.48 -31.82
C ALA B 53 15.81 17.36 -32.34
N GLY B 54 15.88 18.60 -32.70
CA GLY B 54 16.73 19.14 -33.77
C GLY B 54 15.95 20.04 -34.82
N ALA B 55 14.83 19.77 -35.75
CA ALA B 55 14.09 21.11 -35.93
C ALA B 55 13.09 21.93 -35.03
N THR B 56 12.59 22.95 -35.63
CA THR B 56 11.93 24.18 -35.39
C THR B 56 11.02 24.75 -34.32
N GLY B 57 9.78 24.69 -34.18
CA GLY B 57 8.58 24.80 -33.76
C GLY B 57 7.58 23.79 -34.25
N CYS B 58 7.71 22.45 -34.28
CA CYS B 58 6.92 21.35 -34.73
C CYS B 58 5.58 20.90 -34.21
N ARG B 59 4.80 20.03 -34.83
CA ARG B 59 3.50 19.62 -34.66
C ARG B 59 3.34 18.27 -35.51
N ALA B 60 2.41 17.50 -34.81
CA ALA B 60 2.22 16.13 -35.12
C ALA B 60 1.07 15.94 -35.81
N VAL B 61 -0.09 15.96 -36.19
CA VAL B 61 -0.53 15.79 -37.76
C VAL B 61 -0.25 14.71 -38.73
N LEU B 62 -1.69 14.20 -38.93
CA LEU B 62 -1.94 13.04 -39.75
C LEU B 62 -2.61 13.16 -41.13
N GLN B 63 -2.10 12.58 -42.26
CA GLN B 63 -2.81 12.90 -43.40
C GLN B 63 -3.95 12.24 -43.95
N SER B 64 -4.36 13.16 -44.88
CA SER B 64 -5.34 12.38 -45.92
C SER B 64 -4.85 11.06 -46.30
N ASP B 65 -3.89 10.30 -46.46
CA ASP B 65 -3.78 8.97 -46.90
C ASP B 65 -3.01 8.42 -45.77
N GLY B 66 -3.40 8.41 -44.47
CA GLY B 66 -2.63 7.90 -43.38
C GLY B 66 -1.08 7.94 -43.53
N LEU B 67 -0.59 9.21 -43.72
CA LEU B 67 0.75 9.44 -43.53
C LEU B 67 1.22 10.15 -42.29
N LEU B 68 1.80 9.75 -41.15
CA LEU B 68 1.99 10.70 -40.08
C LEU B 68 2.99 11.66 -40.70
N VAL B 69 2.50 12.97 -40.35
CA VAL B 69 3.65 13.77 -40.86
C VAL B 69 3.90 14.64 -39.59
N ILE B 70 5.15 14.90 -39.33
CA ILE B 70 5.59 16.03 -38.42
C ILE B 70 6.71 16.88 -39.05
N LEU B 71 6.37 18.10 -38.88
CA LEU B 71 6.52 19.18 -39.78
C LEU B 71 6.78 20.42 -39.08
N THR B 72 7.47 21.44 -39.22
CA THR B 72 8.08 22.56 -38.78
C THR B 72 7.15 23.73 -38.86
N ALA B 73 7.38 24.81 -38.18
CA ALA B 73 7.20 26.22 -38.02
C ALA B 73 6.95 26.41 -39.55
N GLN B 74 7.70 26.29 -40.57
CA GLN B 74 8.03 26.31 -41.87
C GLN B 74 7.60 25.25 -42.89
N ASN B 75 6.78 24.48 -42.22
CA ASN B 75 5.92 23.58 -42.85
C ASN B 75 6.42 22.36 -43.54
N THR B 76 7.69 22.21 -43.36
CA THR B 76 8.33 21.17 -44.05
C THR B 76 8.28 20.07 -43.03
N ILE B 77 7.58 18.98 -42.96
CA ILE B 77 8.11 17.77 -42.42
C ILE B 77 9.55 17.64 -41.98
N ARG B 78 9.63 16.68 -41.03
CA ARG B 78 10.97 16.36 -40.55
C ARG B 78 11.13 14.87 -40.55
N TRP B 79 9.95 14.29 -40.56
CA TRP B 79 9.91 12.85 -40.54
C TRP B 79 8.49 12.52 -40.88
N SER B 80 8.18 11.54 -41.57
CA SER B 80 7.06 11.07 -42.26
C SER B 80 7.12 9.57 -42.14
N SER B 81 6.08 9.10 -41.62
CA SER B 81 5.84 7.70 -41.51
C SER B 81 5.82 6.79 -42.68
N GLY B 82 6.12 6.79 -43.94
CA GLY B 82 5.79 5.76 -44.88
C GLY B 82 4.54 5.85 -45.79
N THR B 83 4.18 4.61 -45.91
CA THR B 83 2.99 3.94 -46.48
C THR B 83 1.96 5.08 -46.59
N LYS B 84 1.29 5.44 -47.62
CA LYS B 84 0.20 6.33 -47.87
C LYS B 84 -0.64 5.46 -48.77
N GLY B 85 -1.83 5.22 -48.73
CA GLY B 85 -2.74 4.16 -49.22
C GLY B 85 -3.71 5.14 -49.89
N SER B 86 -4.94 4.92 -49.81
CA SER B 86 -6.29 5.20 -50.24
C SER B 86 -6.20 6.66 -50.41
N ILE B 87 -7.05 7.29 -49.65
CA ILE B 87 -7.42 8.57 -49.55
C ILE B 87 -8.87 8.85 -49.29
N GLY B 88 -9.20 8.63 -48.06
CA GLY B 88 -10.45 9.13 -47.37
C GLY B 88 -9.88 9.68 -46.05
N ASN B 89 -10.47 9.11 -44.95
CA ASN B 89 -10.38 8.99 -43.51
C ASN B 89 -9.60 7.94 -42.74
N TYR B 90 -8.49 8.02 -42.00
CA TYR B 90 -7.69 7.20 -41.09
C TYR B 90 -7.82 7.49 -39.53
N VAL B 91 -7.20 6.64 -38.66
CA VAL B 91 -6.94 6.82 -37.26
C VAL B 91 -5.46 6.41 -36.92
N LEU B 92 -4.51 7.06 -36.16
CA LEU B 92 -3.13 6.81 -35.73
C LEU B 92 -3.56 6.55 -34.27
N VAL B 93 -3.75 5.35 -33.79
CA VAL B 93 -4.01 5.00 -32.44
C VAL B 93 -2.77 4.44 -31.66
N LEU B 94 -2.76 4.80 -30.30
CA LEU B 94 -1.67 4.24 -29.53
C LEU B 94 -2.42 3.36 -28.50
N GLN B 95 -2.05 2.04 -28.62
CA GLN B 95 -3.12 1.14 -28.19
C GLN B 95 -3.05 0.58 -26.90
N PRO B 96 -3.61 -0.45 -26.48
CA PRO B 96 -3.27 -1.02 -25.16
C PRO B 96 -1.99 -1.83 -25.30
N ASP B 97 -1.56 -2.38 -26.47
CA ASP B 97 -0.38 -3.10 -26.57
C ASP B 97 0.67 -2.10 -26.82
N ARG B 98 0.80 -0.83 -26.42
CA ARG B 98 1.97 -0.01 -26.67
C ARG B 98 2.29 -0.04 -28.18
N THR B 99 1.40 -0.33 -29.21
CA THR B 99 2.00 -0.21 -30.58
C THR B 99 1.37 1.06 -31.18
N VAL B 100 2.20 1.85 -31.91
CA VAL B 100 1.45 3.02 -32.35
C VAL B 100 1.15 2.63 -33.75
N THR B 101 -0.09 2.73 -34.06
CA THR B 101 -0.70 2.51 -35.41
C THR B 101 -1.70 3.25 -36.26
N ILE B 102 -1.59 3.13 -37.55
CA ILE B 102 -2.59 3.85 -38.41
C ILE B 102 -3.51 2.96 -39.24
N TYR B 103 -4.77 3.05 -39.03
CA TYR B 103 -5.87 2.34 -39.65
C TYR B 103 -6.43 3.21 -40.77
N GLY B 104 -7.18 2.63 -41.73
CA GLY B 104 -7.13 3.31 -43.00
C GLY B 104 -7.29 2.43 -44.18
N PRO B 105 -8.47 2.85 -44.39
CA PRO B 105 -9.66 3.28 -44.84
C PRO B 105 -10.73 3.85 -43.95
N GLY B 106 -11.92 4.10 -44.23
CA GLY B 106 -13.17 4.49 -43.66
C GLY B 106 -13.96 3.29 -43.98
N LEU B 107 -15.16 3.01 -44.40
CA LEU B 107 -15.51 1.49 -44.44
C LEU B 107 -16.61 1.29 -43.57
N TRP B 108 -17.34 1.57 -42.52
CA TRP B 108 -18.83 1.57 -42.53
C TRP B 108 -19.10 2.68 -41.53
N ASP B 109 -19.77 3.68 -41.29
CA ASP B 109 -20.40 4.33 -40.28
C ASP B 109 -21.91 3.95 -40.28
N SER B 110 -22.40 4.41 -39.15
CA SER B 110 -23.59 4.63 -38.62
C SER B 110 -24.17 5.87 -39.19
N GLY B 111 -23.65 6.75 -40.00
CA GLY B 111 -24.34 7.93 -40.42
C GLY B 111 -25.01 8.95 -39.53
N THR B 112 -25.31 8.93 -38.22
CA THR B 112 -25.96 9.79 -37.25
C THR B 112 -25.52 11.20 -36.84
N SER B 113 -24.48 11.93 -37.21
CA SER B 113 -23.67 13.10 -37.12
C SER B 113 -24.21 14.35 -36.39
N ASN B 123 -11.88 9.41 -22.23
CA ASN B 123 -11.88 7.91 -22.17
C ASN B 123 -13.26 7.32 -22.64
N GLY B 124 -13.20 6.02 -23.12
CA GLY B 124 -13.44 4.71 -23.58
C GLY B 124 -13.73 3.64 -24.60
N ASN B 125 -13.92 4.01 -25.83
CA ASN B 125 -14.10 4.02 -27.17
C ASN B 125 -13.49 3.13 -28.22
N SER B 126 -12.45 2.49 -28.53
CA SER B 126 -12.17 1.40 -29.42
C SER B 126 -12.70 0.02 -29.08
N ILE B 127 -12.84 -0.91 -30.03
CA ILE B 127 -13.02 -2.39 -29.97
C ILE B 127 -12.31 -2.99 -31.18
N LEU B 128 -11.16 -3.56 -31.00
CA LEU B 128 -10.03 -4.00 -31.71
C LEU B 128 -10.76 -5.23 -32.26
N TYR B 129 -10.20 -5.90 -33.17
CA TYR B 129 -10.60 -6.77 -34.09
C TYR B 129 -10.85 -8.23 -34.05
N SER B 130 -9.85 -9.00 -33.90
CA SER B 130 -10.09 -10.46 -33.76
C SER B 130 -8.67 -10.72 -33.97
N THR B 131 -7.72 -9.83 -33.57
CA THR B 131 -6.27 -9.88 -33.78
C THR B 131 -5.48 -9.65 -32.54
N GLN B 132 -4.30 -9.19 -32.65
CA GLN B 132 -3.59 -9.72 -31.41
C GLN B 132 -3.51 -9.09 -30.04
N ASN B 136 -4.09 -7.22 -27.31
CA ASN B 136 -4.76 -5.89 -27.57
C ASN B 136 -6.26 -5.57 -27.38
N HIS B 137 -7.04 -5.02 -26.45
CA HIS B 137 -8.43 -5.34 -26.37
C HIS B 137 -9.73 -4.88 -25.99
N PRO B 138 -10.91 -4.27 -25.84
CA PRO B 138 -11.96 -5.15 -26.05
C PRO B 138 -12.00 -5.76 -27.44
N GLN B 139 -12.38 -7.03 -27.12
CA GLN B 139 -12.27 -7.67 -28.49
C GLN B 139 -13.66 -8.14 -28.74
N THR B 140 -14.61 -7.81 -27.86
CA THR B 140 -15.93 -8.14 -28.09
C THR B 140 -16.81 -7.47 -27.07
N LEU B 141 -18.15 -7.45 -27.26
CA LEU B 141 -19.13 -6.73 -26.58
C LEU B 141 -20.26 -7.62 -26.12
N HIS B 142 -20.84 -7.68 -24.98
CA HIS B 142 -21.74 -8.55 -24.27
C HIS B 142 -22.93 -8.16 -23.37
N ALA B 143 -23.46 -7.10 -22.88
CA ALA B 143 -24.73 -6.83 -22.24
C ALA B 143 -24.60 -5.91 -21.08
N THR B 144 -25.01 -4.98 -20.27
CA THR B 144 -24.29 -4.02 -19.40
C THR B 144 -22.82 -4.04 -19.94
N GLN B 145 -22.46 -4.15 -21.26
CA GLN B 145 -21.19 -4.25 -21.88
C GLN B 145 -21.14 -3.22 -23.02
N SER B 146 -20.38 -2.12 -22.87
CA SER B 146 -20.48 -1.06 -23.80
C SER B 146 -19.46 -0.16 -24.34
N LEU B 147 -18.29 0.29 -24.23
CA LEU B 147 -17.93 1.49 -25.08
C LEU B 147 -18.88 2.72 -24.94
N GLN B 148 -18.16 3.80 -24.43
CA GLN B 148 -18.82 5.05 -24.26
C GLN B 148 -17.80 6.19 -24.47
N LEU B 149 -18.18 7.39 -24.87
CA LEU B 149 -17.31 8.42 -24.94
C LEU B 149 -17.79 9.63 -24.04
N SER B 150 -18.90 10.08 -24.36
CA SER B 150 -19.11 11.24 -23.35
C SER B 150 -20.58 11.27 -23.11
N PRO B 151 -21.69 11.80 -23.47
CA PRO B 151 -23.03 11.42 -23.20
C PRO B 151 -23.36 10.24 -24.09
N TYR B 152 -22.52 10.08 -25.07
CA TYR B 152 -22.48 8.96 -25.92
C TYR B 152 -21.89 7.68 -25.36
N ARG B 153 -22.32 6.64 -25.90
CA ARG B 153 -21.99 5.27 -25.68
C ARG B 153 -22.57 4.13 -26.54
N LEU B 154 -21.85 3.17 -27.15
CA LEU B 154 -22.48 2.18 -27.95
C LEU B 154 -22.52 0.83 -27.28
N SER B 155 -23.62 0.64 -26.52
CA SER B 155 -23.86 -0.51 -25.65
C SER B 155 -24.55 -1.61 -26.44
N MET B 156 -24.53 -2.84 -26.03
CA MET B 156 -25.00 -4.10 -26.35
C MET B 156 -26.10 -4.81 -25.53
N GLU B 157 -27.32 -4.73 -25.96
CA GLU B 157 -28.36 -5.01 -25.06
C GLU B 157 -28.18 -6.48 -24.76
N THR B 158 -28.80 -6.80 -23.67
CA THR B 158 -29.12 -8.15 -23.29
C THR B 158 -30.10 -8.49 -24.41
N ASP B 159 -31.20 -7.87 -24.61
CA ASP B 159 -32.35 -7.89 -25.38
C ASP B 159 -31.99 -8.04 -26.82
N CYS B 160 -30.82 -8.12 -27.26
CA CYS B 160 -30.03 -8.43 -28.31
C CYS B 160 -29.62 -7.28 -29.19
N ASN B 161 -30.07 -6.09 -28.98
CA ASN B 161 -29.99 -4.92 -29.78
C ASN B 161 -28.65 -4.23 -29.53
N LEU B 162 -28.40 -3.46 -30.53
CA LEU B 162 -27.28 -2.66 -30.66
C LEU B 162 -27.68 -1.21 -30.65
N VAL B 163 -28.15 -0.70 -29.51
CA VAL B 163 -28.24 0.80 -29.74
C VAL B 163 -26.95 1.66 -29.73
N LEU B 164 -27.07 3.02 -29.90
CA LEU B 164 -26.31 4.14 -29.52
C LEU B 164 -27.03 5.13 -28.63
N PHE B 165 -26.47 5.64 -27.61
CA PHE B 165 -27.31 6.62 -26.95
C PHE B 165 -26.84 8.04 -26.92
N ASP B 166 -27.67 9.09 -26.94
CA ASP B 166 -26.86 10.25 -26.81
C ASP B 166 -27.41 10.73 -25.54
N ARG B 167 -27.37 10.13 -24.42
CA ARG B 167 -27.69 11.01 -23.26
C ARG B 167 -28.98 10.34 -22.89
N ASP B 168 -29.09 9.07 -23.11
CA ASP B 168 -30.35 8.48 -22.61
C ASP B 168 -31.39 8.48 -23.75
N ASP B 169 -30.76 8.58 -24.93
CA ASP B 169 -31.64 8.48 -26.09
C ASP B 169 -30.89 8.22 -27.38
N ARG B 170 -31.53 7.19 -27.91
CA ARG B 170 -31.30 6.26 -28.96
C ARG B 170 -31.10 6.89 -30.30
N VAL B 171 -29.84 6.99 -30.66
CA VAL B 171 -29.61 7.63 -31.96
C VAL B 171 -29.48 6.70 -33.09
N TRP B 172 -29.28 5.44 -32.89
CA TRP B 172 -29.07 4.37 -33.87
C TRP B 172 -29.08 2.98 -33.24
N SER B 173 -29.78 1.97 -33.79
CA SER B 173 -29.85 0.67 -33.22
C SER B 173 -29.81 -0.44 -34.21
N THR B 174 -29.83 -1.71 -33.94
CA THR B 174 -29.79 -2.74 -34.95
C THR B 174 -31.06 -3.37 -35.42
N ASN B 175 -32.15 -3.01 -34.83
CA ASN B 175 -33.52 -3.46 -35.08
C ASN B 175 -33.60 -4.87 -34.67
N THR B 176 -32.65 -5.68 -34.41
CA THR B 176 -32.38 -6.90 -33.75
C THR B 176 -32.81 -6.95 -32.27
N ALA B 177 -33.76 -7.65 -31.75
CA ALA B 177 -34.29 -7.75 -30.45
C ALA B 177 -35.33 -8.86 -30.36
N GLY B 180 -34.08 -12.36 -28.81
CA GLY B 180 -32.77 -12.94 -28.70
C GLY B 180 -32.23 -13.04 -27.28
N THR B 181 -31.08 -13.61 -26.88
CA THR B 181 -30.75 -13.66 -25.46
C THR B 181 -29.29 -13.86 -25.24
N GLY B 182 -28.46 -14.60 -25.96
CA GLY B 182 -27.03 -14.38 -25.47
C GLY B 182 -26.08 -13.77 -26.47
N CYS B 183 -26.36 -12.62 -27.15
CA CYS B 183 -25.54 -12.18 -28.25
C CYS B 183 -24.46 -11.25 -27.70
N ARG B 184 -23.31 -11.23 -28.34
CA ARG B 184 -22.25 -10.27 -28.38
C ARG B 184 -21.82 -9.74 -29.80
N ALA B 185 -21.56 -8.45 -30.01
CA ALA B 185 -21.00 -8.01 -31.24
C ALA B 185 -19.58 -8.37 -31.03
N VAL B 186 -18.91 -8.63 -32.03
CA VAL B 186 -17.56 -8.97 -32.37
C VAL B 186 -17.25 -8.47 -33.82
N LEU B 187 -16.02 -7.92 -34.03
CA LEU B 187 -15.92 -7.29 -35.35
C LEU B 187 -14.93 -8.11 -36.22
N GLN B 188 -15.46 -8.41 -37.36
CA GLN B 188 -14.69 -9.33 -38.18
C GLN B 188 -13.29 -8.95 -38.54
N PRO B 189 -12.39 -9.39 -39.36
CA PRO B 189 -11.02 -9.23 -39.64
C PRO B 189 -10.72 -9.00 -41.17
N ASN B 190 -11.77 -8.61 -41.78
CA ASN B 190 -12.20 -8.20 -43.01
C ASN B 190 -13.35 -7.19 -42.65
N GLY B 191 -14.30 -7.04 -41.75
CA GLY B 191 -14.73 -5.76 -41.49
C GLY B 191 -16.06 -5.69 -41.10
N ARG B 192 -16.64 -6.62 -40.41
CA ARG B 192 -18.04 -6.05 -40.29
C ARG B 192 -18.32 -6.24 -38.87
N MET B 193 -19.04 -5.22 -38.36
CA MET B 193 -19.36 -5.68 -36.99
C MET B 193 -20.34 -6.81 -37.48
N ASP B 194 -20.85 -7.68 -36.75
CA ASP B 194 -21.43 -8.70 -36.15
C ASP B 194 -22.07 -8.90 -34.75
N VAL B 195 -23.32 -9.25 -35.02
CA VAL B 195 -24.22 -9.50 -33.96
C VAL B 195 -24.27 -10.98 -33.74
N LEU B 196 -23.49 -12.01 -33.94
CA LEU B 196 -23.45 -13.21 -33.17
C LEU B 196 -24.08 -13.39 -31.74
N THR B 197 -24.19 -14.76 -31.68
CA THR B 197 -25.11 -15.39 -30.79
C THR B 197 -25.10 -16.81 -30.32
N ASN B 198 -25.02 -16.79 -29.00
CA ASN B 198 -25.29 -18.05 -28.42
C ASN B 198 -24.89 -19.32 -28.93
N GLN B 199 -25.48 -20.00 -29.82
CA GLN B 199 -25.11 -21.17 -30.51
C GLN B 199 -24.30 -20.74 -31.72
N ASN B 200 -24.20 -19.53 -32.19
CA ASN B 200 -23.49 -18.99 -33.29
C ASN B 200 -23.96 -18.65 -34.68
N ILE B 201 -25.13 -18.21 -34.91
CA ILE B 201 -25.99 -17.68 -35.87
C ILE B 201 -25.35 -16.40 -36.38
N ALA B 202 -25.77 -15.22 -36.65
CA ALA B 202 -25.37 -13.96 -37.21
C ALA B 202 -26.66 -13.29 -36.80
N VAL B 203 -27.31 -12.21 -36.78
CA VAL B 203 -28.57 -11.74 -36.26
C VAL B 203 -28.41 -10.39 -36.94
N TRP B 204 -27.20 -10.10 -37.49
CA TRP B 204 -26.95 -8.79 -38.01
C TRP B 204 -25.54 -8.84 -38.52
N THR B 205 -25.31 -8.11 -39.59
CA THR B 205 -24.02 -7.72 -40.01
C THR B 205 -23.89 -6.32 -40.65
N SER B 206 -22.83 -5.58 -40.31
CA SER B 206 -22.34 -4.34 -40.84
C SER B 206 -22.72 -4.35 -42.32
N GLY B 207 -22.37 -5.27 -43.22
CA GLY B 207 -22.84 -5.11 -44.58
C GLY B 207 -21.66 -5.32 -45.45
N ASN B 208 -20.41 -5.08 -45.09
CA ASN B 208 -19.34 -5.40 -45.98
C ASN B 208 -17.96 -5.14 -45.49
N SER B 209 -17.24 -5.48 -46.55
CA SER B 209 -15.91 -5.71 -46.17
C SER B 209 -14.65 -5.42 -46.84
N ARG B 210 -13.59 -6.00 -46.38
CA ARG B 210 -12.56 -5.48 -47.26
C ARG B 210 -11.26 -6.21 -47.18
N SER B 211 -10.09 -5.75 -47.49
CA SER B 211 -9.01 -6.69 -47.67
C SER B 211 -8.64 -7.30 -46.35
N ALA B 212 -8.00 -8.35 -46.11
CA ALA B 212 -7.96 -9.01 -44.80
C ALA B 212 -6.91 -8.25 -43.92
N GLY B 213 -7.24 -8.01 -42.57
CA GLY B 213 -6.36 -7.29 -41.77
C GLY B 213 -6.85 -6.53 -40.52
N ARG B 214 -5.93 -6.12 -39.60
CA ARG B 214 -6.24 -5.36 -38.38
C ARG B 214 -7.21 -4.30 -38.71
N TYR B 215 -8.33 -4.15 -38.06
CA TYR B 215 -9.42 -3.23 -38.27
C TYR B 215 -9.80 -2.63 -36.92
N VAL B 216 -10.47 -1.52 -36.79
CA VAL B 216 -10.62 -1.08 -35.47
C VAL B 216 -11.91 -0.54 -35.49
N PHE B 217 -12.46 0.08 -34.46
CA PHE B 217 -13.85 0.52 -34.56
C PHE B 217 -14.17 1.60 -33.52
N VAL B 218 -13.83 2.77 -33.72
CA VAL B 218 -14.19 3.84 -32.82
C VAL B 218 -15.60 4.45 -32.82
N LEU B 219 -16.05 4.92 -31.69
CA LEU B 219 -17.37 5.62 -31.30
C LEU B 219 -16.87 7.07 -31.40
N GLN B 220 -17.46 8.15 -31.85
CA GLN B 220 -16.59 9.27 -32.12
C GLN B 220 -17.35 10.53 -31.83
N PRO B 221 -16.47 11.53 -31.66
CA PRO B 221 -16.92 12.84 -31.25
C PRO B 221 -18.08 13.28 -32.09
N ASP B 222 -18.32 12.88 -33.34
CA ASP B 222 -19.19 13.14 -34.40
C ASP B 222 -20.41 12.41 -34.06
N ARG B 223 -20.99 11.56 -33.45
CA ARG B 223 -21.89 10.71 -32.92
C ARG B 223 -22.09 9.48 -33.79
N ASN B 224 -21.09 8.81 -34.19
CA ASN B 224 -21.35 7.75 -35.22
C ASN B 224 -20.39 6.63 -35.02
N LEU B 225 -20.34 5.38 -35.49
CA LEU B 225 -19.41 4.28 -35.37
C LEU B 225 -18.66 4.09 -36.67
N ALA B 226 -17.66 3.55 -36.79
CA ALA B 226 -16.95 3.99 -38.03
C ALA B 226 -15.73 3.14 -37.81
N ILE B 227 -15.56 2.53 -39.02
CA ILE B 227 -14.61 1.40 -38.83
C ILE B 227 -13.29 1.58 -39.50
N TYR B 228 -12.17 1.93 -38.81
CA TYR B 228 -11.00 2.11 -39.74
C TYR B 228 -10.53 0.71 -40.11
N GLY B 229 -9.77 0.37 -41.00
CA GLY B 229 -9.89 -0.93 -41.68
C GLY B 229 -8.97 -0.76 -42.88
N GLY B 230 -8.01 -0.83 -41.95
CA GLY B 230 -6.69 -0.64 -42.27
C GLY B 230 -5.94 -2.00 -42.46
N ALA B 231 -5.06 -1.42 -41.73
CA ALA B 231 -3.85 -1.69 -41.23
C ALA B 231 -3.03 -0.88 -42.24
N LEU B 232 -2.13 0.07 -41.80
CA LEU B 232 -1.21 0.62 -42.83
C LEU B 232 0.10 1.00 -42.40
N TRP B 233 0.35 1.28 -41.14
CA TRP B 233 1.71 1.39 -40.46
C TRP B 233 1.52 1.30 -38.97
N THR B 234 2.60 0.93 -38.32
CA THR B 234 2.93 0.65 -36.96
C THR B 234 4.42 0.82 -36.68
N THR B 235 5.08 0.55 -35.57
CA THR B 235 6.29 0.51 -34.77
C THR B 235 6.81 -0.77 -34.07
N ASN C 1 11.56 -5.27 23.33
CA ASN C 1 11.74 -4.05 24.18
C ASN C 1 12.97 -4.47 25.03
N ASN C 2 12.90 -4.19 26.31
CA ASN C 2 14.02 -4.28 27.20
C ASN C 2 13.35 -4.86 28.42
N ILE C 3 12.07 -5.06 28.28
CA ILE C 3 11.44 -5.43 29.51
C ILE C 3 10.67 -6.73 29.25
N LEU C 4 10.53 -7.48 30.38
CA LEU C 4 9.93 -8.76 30.29
C LEU C 4 8.65 -8.82 31.14
N PHE C 5 7.46 -9.31 30.86
CA PHE C 5 6.59 -9.12 31.93
C PHE C 5 6.39 -10.37 32.69
N GLY C 6 5.57 -10.04 33.67
CA GLY C 6 5.18 -10.93 34.76
C GLY C 6 4.56 -12.21 34.21
N LEU C 7 4.34 -13.32 34.89
CA LEU C 7 3.51 -14.41 34.38
C LEU C 7 2.04 -14.09 34.43
N SER C 8 1.65 -13.02 35.11
CA SER C 8 0.48 -12.17 34.91
C SER C 8 0.53 -10.87 33.99
N HIS C 9 -0.14 -10.82 32.85
CA HIS C 9 -1.47 -11.19 32.89
C HIS C 9 -2.14 -10.81 31.62
N GLU C 10 -3.02 -9.93 31.88
CA GLU C 10 -3.86 -9.64 30.77
C GLU C 10 -2.95 -9.31 29.64
N GLY C 11 -2.23 -8.25 29.33
CA GLY C 11 -1.71 -8.54 28.02
C GLY C 11 -0.40 -8.13 27.75
N SER C 12 0.60 -7.74 28.45
CA SER C 12 1.87 -7.15 27.98
C SER C 12 2.72 -8.27 27.63
N HIS C 13 3.38 -8.40 26.49
CA HIS C 13 4.11 -9.58 26.14
C HIS C 13 5.53 -9.52 25.78
N PRO C 14 6.75 -9.70 26.15
CA PRO C 14 6.95 -11.11 26.42
C PRO C 14 6.39 -11.62 27.75
N GLN C 15 5.89 -12.85 27.68
CA GLN C 15 5.67 -13.36 29.03
C GLN C 15 6.86 -14.33 29.28
N THR C 16 7.82 -14.35 28.31
CA THR C 16 8.76 -15.36 28.34
C THR C 16 10.06 -15.26 27.60
N LEU C 17 11.15 -15.80 27.98
CA LEU C 17 12.13 -15.53 26.92
C LEU C 17 12.24 -16.87 26.32
N HIS C 18 11.81 -17.38 25.21
CA HIS C 18 12.04 -18.72 24.69
C HIS C 18 13.44 -18.82 24.16
N ALA C 19 13.72 -19.74 23.24
CA ALA C 19 15.16 -19.94 23.12
C ALA C 19 16.03 -19.12 22.37
N ALA C 20 16.08 -18.30 21.38
CA ALA C 20 17.32 -17.44 21.37
C ALA C 20 16.81 -16.02 21.39
N GLN C 21 15.81 -15.93 22.29
CA GLN C 21 15.09 -14.75 22.66
C GLN C 21 15.99 -13.78 23.41
N SER C 22 16.03 -12.47 23.01
CA SER C 22 16.73 -11.52 23.80
C SER C 22 15.88 -10.33 24.16
N LEU C 23 16.26 -9.41 24.99
CA LEU C 23 15.93 -8.15 25.46
C LEU C 23 17.07 -7.37 24.89
N GLU C 24 16.73 -6.22 24.25
CA GLU C 24 17.83 -5.40 23.76
C GLU C 24 17.82 -3.97 24.21
N LEU C 25 18.74 -3.03 24.45
CA LEU C 25 18.70 -1.68 24.87
C LEU C 25 20.06 -1.31 24.21
N SER C 26 20.29 -0.59 23.18
CA SER C 26 21.39 -0.04 22.54
C SER C 26 22.59 -0.87 22.65
N SER C 27 22.75 -2.16 22.75
CA SER C 27 24.10 -2.77 23.04
C SER C 27 23.98 -3.65 24.28
N PHE C 28 23.02 -3.23 25.13
CA PHE C 28 22.71 -4.32 26.07
C PHE C 28 21.89 -5.34 25.33
N ARG C 29 21.93 -6.60 25.54
CA ARG C 29 21.17 -7.69 25.08
C ARG C 29 20.91 -8.60 26.24
N PHE C 30 19.72 -8.94 26.67
CA PHE C 30 20.05 -10.11 27.56
C PHE C 30 19.26 -11.27 26.94
N THR C 31 20.04 -12.06 26.21
CA THR C 31 19.55 -13.25 25.58
C THR C 31 19.57 -14.50 26.49
N MET C 32 18.85 -15.59 26.20
CA MET C 32 18.57 -16.78 26.96
C MET C 32 18.94 -17.86 25.97
N GLN C 33 20.18 -18.20 25.92
CA GLN C 33 20.77 -18.95 24.86
C GLN C 33 20.27 -20.39 24.79
N SER C 34 20.69 -20.89 23.65
CA SER C 34 20.52 -22.18 23.02
C SER C 34 20.66 -23.43 23.87
N ASP C 35 21.78 -23.45 24.52
CA ASP C 35 22.28 -24.22 25.58
C ASP C 35 21.75 -23.80 26.94
N CYS C 36 20.50 -23.57 27.22
CA CYS C 36 20.15 -23.12 28.53
C CYS C 36 20.83 -22.11 29.42
N ASN C 37 21.73 -21.29 28.86
CA ASN C 37 22.44 -20.42 29.76
C ASN C 37 22.01 -19.01 29.43
N LEU C 38 21.19 -18.31 30.21
CA LEU C 38 20.70 -17.01 30.49
C LEU C 38 21.91 -16.12 30.66
N VAL C 39 22.53 -15.16 30.07
CA VAL C 39 23.71 -14.35 29.82
C VAL C 39 23.58 -12.90 29.34
N LEU C 40 23.99 -11.76 29.78
CA LEU C 40 23.79 -10.34 29.39
C LEU C 40 25.12 -9.85 28.83
N PHE C 41 25.46 -9.65 27.61
CA PHE C 41 26.50 -9.18 26.73
C PHE C 41 26.41 -7.68 26.37
N ASP C 42 27.44 -6.92 26.19
CA ASP C 42 27.49 -5.51 26.09
C ASP C 42 28.20 -5.68 24.77
N SER C 43 27.70 -5.38 23.56
CA SER C 43 28.55 -5.70 22.40
C SER C 43 29.18 -7.06 22.59
N ASP C 44 30.44 -7.39 22.40
CA ASP C 44 30.67 -8.89 22.54
C ASP C 44 31.12 -9.12 23.95
N VAL C 45 30.42 -9.28 25.07
CA VAL C 45 31.23 -9.29 26.30
C VAL C 45 30.25 -9.74 27.34
N ARG C 46 30.48 -10.99 27.70
CA ARG C 46 29.97 -11.92 28.75
C ARG C 46 30.04 -11.03 29.97
N VAL C 47 29.31 -10.42 30.81
CA VAL C 47 29.19 -9.67 31.96
C VAL C 47 28.16 -10.52 32.74
N TRP C 48 27.21 -11.36 32.30
CA TRP C 48 26.47 -11.89 33.43
C TRP C 48 26.05 -13.29 33.07
N ALA C 49 25.69 -14.18 34.09
CA ALA C 49 25.28 -15.44 33.62
C ALA C 49 24.87 -16.55 34.45
N SER C 50 23.88 -16.83 35.17
CA SER C 50 23.59 -18.21 35.67
C SER C 50 24.57 -19.13 35.04
N ASN C 51 25.73 -19.65 35.39
CA ASN C 51 26.43 -20.42 34.36
C ASN C 51 25.67 -21.65 34.08
N THR C 52 24.45 -21.99 34.42
CA THR C 52 23.67 -23.09 33.89
C THR C 52 23.79 -23.49 32.40
N ALA C 53 24.85 -23.92 31.69
CA ALA C 53 24.79 -24.28 30.28
C ALA C 53 24.66 -25.77 30.05
N GLY C 54 25.25 -26.45 29.07
CA GLY C 54 25.11 -27.85 28.87
C GLY C 54 23.73 -28.42 28.78
N ALA C 55 22.76 -27.85 28.15
CA ALA C 55 21.42 -28.42 28.17
C ALA C 55 20.52 -27.83 27.13
N THR C 56 19.26 -28.25 27.04
CA THR C 56 18.30 -27.71 26.15
C THR C 56 16.78 -27.78 26.47
N GLY C 57 16.44 -26.73 25.74
CA GLY C 57 15.27 -26.07 25.44
C GLY C 57 14.84 -25.41 26.74
N CYS C 58 15.93 -24.63 27.19
CA CYS C 58 15.39 -23.98 28.43
C CYS C 58 14.80 -22.64 28.06
N ARG C 59 13.93 -22.29 29.04
CA ARG C 59 13.20 -21.01 28.91
C ARG C 59 13.06 -20.14 30.17
N ALA C 60 13.48 -18.88 29.85
CA ALA C 60 13.38 -17.73 30.72
C ALA C 60 11.99 -17.24 30.98
N VAL C 61 10.80 -16.82 31.12
CA VAL C 61 9.93 -16.76 32.38
C VAL C 61 10.21 -16.22 33.85
N LEU C 62 9.32 -15.28 34.34
CA LEU C 62 9.52 -14.70 35.62
C LEU C 62 8.05 -14.66 36.11
N GLN C 63 8.10 -15.11 37.30
CA GLN C 63 7.13 -15.53 38.24
C GLN C 63 6.42 -14.46 39.02
N SER C 64 5.31 -14.82 39.65
CA SER C 64 4.34 -13.90 40.27
C SER C 64 4.73 -13.39 41.66
N ASP C 65 5.63 -14.28 42.18
CA ASP C 65 6.38 -14.03 43.35
C ASP C 65 7.72 -13.52 42.86
N GLY C 66 8.18 -13.17 41.71
CA GLY C 66 9.41 -12.43 41.75
C GLY C 66 10.60 -13.19 41.20
N LEU C 67 10.05 -14.30 40.83
CA LEU C 67 11.23 -15.13 40.66
C LEU C 67 11.58 -15.27 39.24
N LEU C 68 12.88 -15.49 39.10
CA LEU C 68 13.28 -15.74 37.78
C LEU C 68 13.85 -17.14 37.63
N VAL C 69 12.87 -18.12 37.58
CA VAL C 69 13.25 -19.47 37.14
C VAL C 69 13.53 -19.49 35.64
N ILE C 70 14.34 -20.46 35.44
CA ILE C 70 14.87 -20.92 34.17
C ILE C 70 14.35 -22.37 34.11
N LEU C 71 13.45 -22.69 33.21
CA LEU C 71 12.79 -23.95 33.23
C LEU C 71 13.28 -24.52 31.88
N THR C 72 13.09 -25.80 32.06
CA THR C 72 13.84 -26.81 31.39
C THR C 72 13.31 -27.70 30.32
N ALA C 73 12.09 -27.23 30.08
CA ALA C 73 11.49 -28.20 29.14
C ALA C 73 11.02 -28.84 30.46
N GLN C 74 10.70 -30.09 30.60
CA GLN C 74 9.96 -30.86 31.48
C GLN C 74 9.53 -30.05 32.65
N ASN C 75 9.69 -28.81 32.85
CA ASN C 75 9.48 -27.85 33.79
C ASN C 75 10.22 -28.14 35.10
N THR C 76 11.49 -28.33 34.94
CA THR C 76 12.33 -28.39 36.02
C THR C 76 13.36 -27.31 36.27
N ILE C 77 13.20 -26.10 36.66
CA ILE C 77 14.15 -25.31 37.32
C ILE C 77 15.62 -25.57 37.35
N ARG C 78 16.14 -25.31 36.18
CA ARG C 78 17.62 -25.35 36.03
C ARG C 78 18.17 -24.32 37.03
N TRP C 79 17.85 -23.06 36.86
CA TRP C 79 18.27 -22.07 37.83
C TRP C 79 17.15 -21.21 38.37
N SER C 80 17.26 -20.37 39.39
CA SER C 80 16.37 -19.47 40.02
C SER C 80 17.23 -18.36 40.67
N SER C 81 16.58 -17.31 41.08
CA SER C 81 17.39 -16.17 41.38
C SER C 81 17.17 -16.11 42.84
N GLY C 82 16.22 -16.94 43.22
CA GLY C 82 15.77 -16.89 44.59
C GLY C 82 15.73 -15.66 45.44
N THR C 83 14.89 -14.75 45.02
CA THR C 83 14.60 -13.76 46.04
C THR C 83 13.17 -14.08 45.96
N LYS C 84 12.31 -13.38 46.44
CA LYS C 84 10.94 -13.83 46.36
C LYS C 84 10.19 -12.73 47.03
N GLY C 85 9.05 -12.40 46.60
CA GLY C 85 8.47 -11.19 47.18
C GLY C 85 6.97 -11.38 47.13
N SER C 86 6.10 -10.44 47.41
CA SER C 86 4.69 -10.63 47.54
C SER C 86 3.95 -10.85 46.30
N ILE C 87 2.65 -10.93 46.28
CA ILE C 87 2.04 -11.56 45.18
C ILE C 87 2.00 -10.71 43.98
N GLY C 88 0.95 -9.92 43.94
CA GLY C 88 1.15 -9.13 42.61
C GLY C 88 1.95 -9.40 41.41
N ASN C 89 2.28 -8.54 40.50
CA ASN C 89 2.91 -8.86 39.25
C ASN C 89 4.22 -8.10 39.07
N TYR C 90 5.09 -8.81 38.39
CA TYR C 90 6.32 -8.09 38.18
C TYR C 90 6.80 -7.75 36.81
N VAL C 91 7.76 -6.93 36.59
CA VAL C 91 8.39 -6.68 35.32
C VAL C 91 9.87 -6.87 35.47
N LEU C 92 10.73 -7.47 34.70
CA LEU C 92 12.19 -7.49 34.80
C LEU C 92 12.75 -6.48 33.77
N VAL C 93 13.57 -5.45 33.92
CA VAL C 93 13.97 -4.67 32.75
C VAL C 93 15.46 -4.63 32.41
N LEU C 94 16.20 -4.66 31.32
CA LEU C 94 17.63 -4.41 31.05
C LEU C 94 17.93 -2.91 31.10
N GLN C 95 18.88 -2.19 31.62
CA GLN C 95 18.68 -0.82 32.07
C GLN C 95 19.88 -0.13 31.60
N PRO C 96 19.90 1.19 31.46
CA PRO C 96 20.90 1.88 30.68
C PRO C 96 22.26 1.68 31.33
N ASP C 97 22.30 1.16 32.54
CA ASP C 97 23.21 1.07 33.61
C ASP C 97 23.86 -0.26 33.43
N ARG C 98 23.42 -0.94 32.40
CA ARG C 98 23.87 -2.32 32.25
C ARG C 98 23.49 -3.37 33.26
N THR C 99 22.29 -3.38 33.80
CA THR C 99 21.90 -4.38 34.72
C THR C 99 20.59 -4.95 34.41
N VAL C 100 19.78 -5.60 35.16
CA VAL C 100 18.52 -6.20 34.73
C VAL C 100 17.96 -6.21 36.11
N THR C 101 16.74 -5.88 36.31
CA THR C 101 16.40 -5.92 37.70
C THR C 101 14.95 -6.21 37.85
N ILE C 102 14.42 -7.08 38.65
CA ILE C 102 12.95 -7.14 38.55
C ILE C 102 12.51 -5.93 39.39
N TYR C 103 11.38 -5.35 39.37
CA TYR C 103 10.75 -4.45 40.27
C TYR C 103 9.31 -4.88 40.54
N GLY C 104 8.56 -4.87 41.57
CA GLY C 104 7.38 -5.22 42.13
C GLY C 104 7.01 -5.28 43.60
N PRO C 105 5.83 -5.79 43.74
CA PRO C 105 4.52 -5.60 43.20
C PRO C 105 4.26 -4.28 42.53
N GLY C 106 3.05 -4.14 42.12
CA GLY C 106 2.86 -2.81 41.63
C GLY C 106 2.06 -2.20 42.73
N LEU C 107 2.02 -0.97 42.40
CA LEU C 107 1.77 0.17 43.20
C LEU C 107 0.82 1.07 42.53
N TRP C 108 0.71 1.44 41.31
CA TRP C 108 -0.57 2.18 40.98
C TRP C 108 -0.78 1.85 39.51
N ASP C 109 -1.88 2.04 38.88
CA ASP C 109 -2.07 1.86 37.49
C ASP C 109 -3.19 2.85 37.18
N SER C 110 -3.23 3.37 35.95
CA SER C 110 -4.15 4.19 35.25
C SER C 110 -5.51 3.59 34.81
N GLY C 111 -5.61 2.35 34.38
CA GLY C 111 -6.85 1.67 34.04
C GLY C 111 -7.19 2.03 32.65
N THR C 112 -6.32 1.70 31.77
CA THR C 112 -6.43 2.12 30.42
C THR C 112 -5.80 1.01 29.63
N SER C 113 -5.81 -0.24 30.04
CA SER C 113 -5.26 -1.32 29.20
C SER C 113 -6.37 -1.20 28.16
N ASN C 114 -6.25 -1.73 26.99
CA ASN C 114 -7.00 -1.80 25.76
C ASN C 114 -6.46 -2.98 24.97
N LYS C 115 -7.18 -3.99 24.49
CA LYS C 115 -6.52 -5.13 23.84
C LYS C 115 -6.54 -5.24 22.31
N GLY C 116 -5.41 -5.26 21.61
CA GLY C 116 -5.26 -5.26 20.15
C GLY C 116 -3.95 -4.91 19.45
N SER C 117 -3.74 -4.05 18.47
CA SER C 117 -2.65 -3.57 17.66
C SER C 117 -1.14 -3.90 17.78
N VAL C 118 -0.49 -3.55 18.85
CA VAL C 118 0.22 -3.19 20.01
C VAL C 118 1.71 -3.21 20.30
N VAL C 119 2.48 -3.19 19.27
CA VAL C 119 3.67 -3.22 18.52
C VAL C 119 4.92 -3.25 19.36
N VAL C 120 5.92 -2.46 19.09
CA VAL C 120 7.25 -2.24 19.53
C VAL C 120 8.07 -2.28 18.22
N ALA C 121 8.45 -1.31 17.45
CA ALA C 121 9.28 -1.74 16.27
C ALA C 121 10.74 -1.33 16.52
N ASN C 122 11.03 -0.99 17.79
CA ASN C 122 12.17 -0.61 18.60
C ASN C 122 11.79 -0.31 20.09
N ASN C 123 11.85 0.90 20.65
CA ASN C 123 11.96 1.53 21.94
C ASN C 123 11.04 2.54 22.62
N GLY C 124 11.41 3.31 23.63
CA GLY C 124 11.25 4.31 24.55
C GLY C 124 10.51 4.96 25.69
N ASN C 125 9.94 4.41 26.72
CA ASN C 125 9.04 3.74 27.59
C ASN C 125 8.84 3.46 29.15
N SER C 126 9.84 3.71 30.04
CA SER C 126 9.95 3.67 31.50
C SER C 126 10.54 5.05 31.80
N ILE C 127 10.36 5.43 33.01
CA ILE C 127 11.03 6.56 33.74
C ILE C 127 11.27 5.93 35.13
N LEU C 128 12.51 5.91 35.44
CA LEU C 128 13.51 5.64 36.42
C LEU C 128 13.11 6.70 37.51
N TYR C 129 13.05 6.51 38.83
CA TYR C 129 12.81 6.75 40.19
C TYR C 129 13.58 7.96 40.64
N SER C 130 14.83 8.21 40.53
CA SER C 130 15.51 9.46 41.04
C SER C 130 16.36 8.73 42.06
N THR C 131 16.78 7.74 41.27
CA THR C 131 17.75 6.63 41.29
C THR C 131 18.93 7.62 41.21
N GLN C 132 20.19 7.38 41.45
CA GLN C 132 21.12 8.19 40.77
C GLN C 132 22.27 7.30 40.67
N GLY C 133 22.36 6.19 39.97
CA GLY C 133 22.63 4.93 39.27
C GLY C 133 22.46 5.47 37.77
N ASN C 136 22.08 5.84 34.23
CA ASN C 136 20.47 5.47 34.13
C ASN C 136 19.05 6.19 34.22
N HIS C 137 18.94 6.86 33.06
CA HIS C 137 17.74 7.56 32.65
C HIS C 137 16.81 7.74 31.42
N PRO C 138 15.67 8.32 31.80
CA PRO C 138 14.97 9.48 32.23
C PRO C 138 14.73 9.70 33.78
N GLN C 139 15.31 10.92 34.36
CA GLN C 139 14.65 10.54 35.70
C GLN C 139 13.56 11.46 35.91
N THR C 140 13.02 11.76 34.74
CA THR C 140 11.97 12.59 34.40
C THR C 140 11.57 13.17 33.09
N LEU C 141 10.39 13.77 33.27
CA LEU C 141 9.80 14.35 32.08
C LEU C 141 9.58 15.82 31.96
N HIS C 142 10.16 16.66 31.13
CA HIS C 142 9.83 17.99 31.07
C HIS C 142 8.89 18.41 30.01
N ALA C 143 8.74 19.29 29.12
CA ALA C 143 7.30 19.59 28.67
C ALA C 143 7.75 19.48 27.29
N THR C 144 7.02 18.90 26.34
CA THR C 144 7.81 18.69 25.18
C THR C 144 8.72 17.56 25.59
N GLN C 145 8.24 16.68 26.47
CA GLN C 145 9.09 15.48 26.82
C GLN C 145 7.99 14.56 27.12
N SER C 146 7.79 13.51 26.50
CA SER C 146 7.48 12.33 25.88
C SER C 146 7.05 10.99 26.49
N LEU C 147 7.70 9.84 26.48
CA LEU C 147 7.49 8.54 26.83
C LEU C 147 6.43 8.11 25.75
N GLN C 148 7.02 7.09 25.18
CA GLN C 148 6.45 6.52 23.96
C GLN C 148 6.43 5.05 23.61
N LEU C 149 5.45 4.24 23.41
CA LEU C 149 5.68 2.96 22.89
C LEU C 149 5.41 2.98 21.39
N SER C 150 4.03 3.12 21.04
CA SER C 150 4.06 3.02 19.56
C SER C 150 3.00 3.81 18.82
N PRO C 151 1.76 3.33 18.62
CA PRO C 151 0.70 4.27 18.39
C PRO C 151 0.76 5.41 19.48
N TYR C 152 0.75 4.95 20.76
CA TYR C 152 0.73 5.34 22.12
C TYR C 152 1.90 6.21 22.59
N ARG C 153 1.40 7.29 23.28
CA ARG C 153 2.42 8.02 24.04
C ARG C 153 2.06 8.99 25.19
N LEU C 154 3.12 9.08 26.08
CA LEU C 154 2.64 9.69 27.31
C LEU C 154 3.04 11.08 27.31
N SER C 155 2.42 12.24 27.25
CA SER C 155 3.38 13.29 27.44
C SER C 155 3.07 14.56 28.16
N MET C 156 4.17 15.26 28.42
CA MET C 156 4.16 16.32 29.35
C MET C 156 3.73 17.52 28.50
N GLU C 157 2.55 17.88 28.95
CA GLU C 157 2.16 19.12 28.25
C GLU C 157 3.00 20.29 28.31
N THR C 158 2.60 21.51 28.11
CA THR C 158 2.93 22.85 28.22
C THR C 158 1.66 23.45 28.83
N ASP C 159 0.51 22.83 28.89
CA ASP C 159 -0.70 23.18 29.50
C ASP C 159 -0.39 22.86 30.95
N CYS C 160 0.65 22.16 31.36
CA CYS C 160 0.89 21.58 32.66
C CYS C 160 0.05 20.27 32.46
N ASN C 161 -0.16 19.47 31.41
CA ASN C 161 -0.94 18.26 31.60
C ASN C 161 -0.28 16.93 31.19
N LEU C 162 -0.62 15.88 31.95
CA LEU C 162 0.27 14.79 31.50
C LEU C 162 -0.68 14.27 30.51
N VAL C 163 -0.31 14.25 29.19
CA VAL C 163 -1.39 13.55 28.43
C VAL C 163 -1.00 12.26 27.79
N LEU C 164 -1.90 11.29 27.65
CA LEU C 164 -1.61 10.00 27.10
C LEU C 164 -2.28 9.94 25.75
N PHE C 165 -1.62 9.71 24.71
CA PHE C 165 -2.47 9.72 23.55
C PHE C 165 -2.30 8.37 22.87
N ASP C 166 -3.50 8.05 22.31
CA ASP C 166 -3.55 6.85 21.46
C ASP C 166 -3.39 7.06 20.00
N ARG C 167 -2.61 7.81 19.25
CA ARG C 167 -2.58 7.64 17.71
C ARG C 167 -3.12 9.06 17.93
N ASP C 168 -2.44 10.13 17.71
CA ASP C 168 -3.23 11.34 17.94
C ASP C 168 -4.53 11.36 18.67
N ASP C 169 -5.13 10.63 19.64
CA ASP C 169 -6.25 11.10 20.39
C ASP C 169 -6.22 10.74 21.87
N ARG C 170 -6.13 11.80 22.61
CA ARG C 170 -6.09 12.04 23.99
C ARG C 170 -6.72 10.88 24.61
N VAL C 171 -6.21 9.84 25.15
CA VAL C 171 -7.00 8.87 25.78
C VAL C 171 -6.96 8.99 27.26
N TRP C 172 -5.99 9.34 28.12
CA TRP C 172 -6.06 9.56 29.57
C TRP C 172 -5.37 10.83 29.86
N SER C 173 -5.71 11.78 30.66
CA SER C 173 -4.86 12.84 31.14
C SER C 173 -4.85 13.17 32.68
N THR C 174 -3.86 13.92 33.15
CA THR C 174 -3.70 14.37 34.47
C THR C 174 -4.77 15.22 34.82
N ASN C 175 -5.34 16.05 34.11
CA ASN C 175 -6.26 17.06 33.94
C ASN C 175 -5.81 18.15 34.87
N THR C 176 -4.66 18.56 35.06
CA THR C 176 -3.99 19.77 35.40
C THR C 176 -4.33 20.63 34.20
N ALA C 177 -3.57 21.37 33.44
CA ALA C 177 -3.84 22.12 32.19
C ALA C 177 -4.34 23.46 32.56
N GLY C 178 -3.35 24.30 32.73
CA GLY C 178 -3.25 25.61 33.28
C GLY C 178 -3.42 25.90 34.74
N LYS C 179 -2.68 25.21 35.55
CA LYS C 179 -2.38 24.91 36.92
C LYS C 179 -0.93 25.35 36.96
N GLY C 180 -0.34 25.48 35.75
CA GLY C 180 0.97 25.82 35.64
C GLY C 180 1.80 26.20 34.51
N THR C 181 3.10 26.27 34.77
CA THR C 181 4.09 26.52 33.82
C THR C 181 5.24 25.62 33.57
N GLY C 182 6.23 25.49 34.40
CA GLY C 182 7.35 24.75 33.72
C GLY C 182 7.04 23.36 34.03
N CYS C 183 5.99 22.62 34.07
CA CYS C 183 6.08 21.39 34.83
C CYS C 183 6.90 20.34 34.26
N ARG C 184 7.12 19.37 35.12
CA ARG C 184 7.75 18.11 34.68
C ARG C 184 6.96 17.25 35.63
N ALA C 185 7.10 16.01 35.27
CA ALA C 185 6.55 15.07 36.25
C ALA C 185 7.81 14.26 36.54
N VAL C 186 7.79 13.88 37.76
CA VAL C 186 8.72 13.21 38.61
C VAL C 186 8.08 12.05 39.32
N LEU C 187 8.73 11.07 39.69
CA LEU C 187 8.55 9.76 40.16
C LEU C 187 9.39 9.45 41.37
N GLN C 188 8.78 9.59 42.53
CA GLN C 188 9.49 9.66 43.83
C GLN C 188 10.05 8.44 44.35
N PRO C 189 11.14 8.39 45.07
CA PRO C 189 11.92 7.25 45.48
C PRO C 189 11.20 6.24 46.25
N ASN C 190 9.96 6.23 46.45
CA ASN C 190 8.74 5.88 47.00
C ASN C 190 7.73 5.42 45.92
N GLY C 191 8.02 5.59 44.58
CA GLY C 191 7.01 5.36 43.56
C GLY C 191 5.70 6.15 43.66
N ARG C 192 5.96 7.45 44.03
CA ARG C 192 4.82 8.32 43.82
C ARG C 192 5.04 9.20 42.52
N MET C 193 3.98 9.22 41.56
CA MET C 193 4.35 9.96 40.38
C MET C 193 3.73 11.25 40.78
N ASP C 194 4.27 12.39 40.61
CA ASP C 194 4.10 13.76 40.95
C ASP C 194 4.25 14.67 39.78
N VAL C 195 3.44 15.60 39.44
CA VAL C 195 3.62 16.44 38.19
C VAL C 195 3.56 17.76 38.97
N LEU C 196 4.73 18.31 38.96
CA LEU C 196 4.90 19.46 39.87
C LEU C 196 5.28 20.57 38.96
N THR C 197 5.29 21.75 39.33
CA THR C 197 5.33 23.06 38.83
C THR C 197 6.75 23.52 38.94
N ASN C 198 6.64 24.67 38.34
CA ASN C 198 7.65 25.57 38.02
C ASN C 198 8.10 26.10 39.35
N GLN C 199 7.25 26.31 40.28
CA GLN C 199 7.60 26.70 41.53
C GLN C 199 7.17 25.51 42.30
N ASN C 200 7.89 24.47 42.40
CA ASN C 200 7.76 23.24 43.04
C ASN C 200 6.52 22.95 43.80
N ILE C 201 5.41 22.60 43.21
CA ILE C 201 4.09 22.25 43.61
C ILE C 201 3.38 21.20 42.86
N ALA C 202 2.94 20.07 43.33
CA ALA C 202 2.02 19.08 43.00
C ALA C 202 0.66 19.71 42.83
N VAL C 203 0.16 19.36 41.77
CA VAL C 203 -1.01 19.72 40.98
C VAL C 203 -1.38 18.26 40.60
N TRP C 204 -0.45 17.34 40.41
CA TRP C 204 -1.07 16.05 40.24
C TRP C 204 -0.12 15.15 40.88
N THR C 205 -0.52 14.14 41.52
CA THR C 205 0.14 13.01 42.17
C THR C 205 -0.30 11.54 41.97
N SER C 206 0.57 10.53 41.86
CA SER C 206 -0.08 9.20 41.61
C SER C 206 -0.87 8.63 42.69
N GLY C 207 -0.90 9.09 43.89
CA GLY C 207 -0.85 8.94 45.30
C GLY C 207 -0.53 7.86 46.17
N ASN C 208 0.09 6.80 46.09
CA ASN C 208 0.20 5.60 46.84
C ASN C 208 1.70 5.41 46.71
N SER C 209 2.45 5.58 47.77
CA SER C 209 3.87 5.31 47.93
C SER C 209 4.05 4.09 48.89
N ARG C 210 5.25 3.48 48.81
CA ARG C 210 5.85 2.46 49.57
C ARG C 210 7.16 2.83 50.23
N SER C 211 8.07 1.89 50.37
CA SER C 211 9.26 1.83 51.16
C SER C 211 10.22 2.67 50.44
N ALA C 212 10.53 3.88 50.39
CA ALA C 212 11.68 4.18 49.53
C ALA C 212 12.79 3.17 49.19
N GLY C 213 12.94 2.95 47.88
CA GLY C 213 14.05 2.13 47.32
C GLY C 213 14.08 2.56 45.88
N ARG C 214 14.40 2.00 44.78
CA ARG C 214 14.26 2.39 43.41
C ARG C 214 12.96 1.81 42.77
N TYR C 215 11.93 2.38 42.23
CA TYR C 215 10.78 2.04 41.41
C TYR C 215 10.97 2.64 39.99
N VAL C 216 9.95 2.32 39.13
CA VAL C 216 9.89 2.29 37.62
C VAL C 216 8.55 2.50 36.97
N PHE C 217 8.06 3.48 36.24
CA PHE C 217 6.77 3.90 35.64
C PHE C 217 6.78 3.34 34.25
N VAL C 218 5.77 2.59 33.83
CA VAL C 218 5.91 1.96 32.48
C VAL C 218 4.83 2.27 31.47
N LEU C 219 5.08 2.54 30.19
CA LEU C 219 3.81 2.63 29.35
C LEU C 219 3.55 1.32 28.67
N GLN C 220 2.68 0.46 29.17
CA GLN C 220 2.75 -0.89 28.69
C GLN C 220 2.12 -1.08 27.39
N PRO C 221 2.66 -1.86 26.51
CA PRO C 221 2.01 -2.50 25.40
C PRO C 221 0.54 -2.50 25.65
N ASP C 222 -0.33 -3.04 26.45
CA ASP C 222 -1.70 -2.60 26.50
C ASP C 222 -1.92 -1.10 26.64
N ARG C 223 -1.39 0.06 26.37
CA ARG C 223 -2.07 1.26 26.85
C ARG C 223 -2.21 1.50 28.39
N ASN C 224 -1.64 0.53 29.21
CA ASN C 224 -1.66 0.66 30.62
C ASN C 224 -0.58 1.53 31.11
N LEU C 225 -0.78 2.39 32.09
CA LEU C 225 0.46 3.04 32.65
C LEU C 225 0.58 2.49 34.03
N ALA C 226 1.58 1.88 34.58
CA ALA C 226 1.64 1.26 35.93
C ALA C 226 2.97 1.54 36.67
N ILE C 227 2.98 1.65 38.05
CA ILE C 227 4.29 1.83 38.69
C ILE C 227 4.73 0.59 39.39
N TYR C 228 5.91 0.07 39.33
CA TYR C 228 6.35 -1.19 39.75
C TYR C 228 7.63 -1.05 40.57
N GLY C 229 7.23 -1.29 41.77
CA GLY C 229 7.66 -1.00 43.08
C GLY C 229 8.30 -1.84 44.08
N GLY C 230 9.37 -2.29 43.78
CA GLY C 230 10.11 -3.39 44.15
C GLY C 230 11.51 -3.21 43.64
N ALA C 231 12.76 -2.89 43.83
CA ALA C 231 13.75 -3.66 43.39
C ALA C 231 14.24 -4.89 44.04
N LEU C 232 13.37 -5.86 44.30
CA LEU C 232 13.79 -7.20 44.57
C LEU C 232 14.98 -7.81 43.90
N TRP C 233 15.52 -8.09 42.75
CA TRP C 233 16.85 -8.65 42.61
C TRP C 233 17.63 -8.08 41.41
N THR C 234 19.00 -8.21 41.32
CA THR C 234 19.52 -7.53 40.14
C THR C 234 20.82 -8.00 39.54
N THR C 235 21.67 -7.53 38.68
CA THR C 235 23.00 -8.08 38.46
C THR C 235 24.07 -7.13 38.97
N GLY C 236 25.32 -7.04 38.49
CA GLY C 236 26.32 -6.12 39.15
C GLY C 236 25.83 -5.04 40.14
N ASN D 1 -0.66 19.65 -18.11
CA ASN D 1 -1.18 20.64 -19.11
C ASN D 1 -2.69 20.96 -18.91
N ASN D 2 -2.99 22.03 -18.17
CA ASN D 2 -3.74 23.02 -17.61
C ASN D 2 -3.74 24.56 -17.82
N ILE D 3 -3.22 25.32 -18.81
CA ILE D 3 -3.50 26.64 -19.32
C ILE D 3 -4.16 26.47 -20.71
N LEU D 4 -5.10 27.18 -21.22
CA LEU D 4 -5.74 27.48 -22.43
C LEU D 4 -5.41 28.91 -22.89
N PHE D 5 -4.55 29.04 -23.84
CA PHE D 5 -4.03 30.36 -24.36
C PHE D 5 -5.10 30.83 -25.20
N GLY D 6 -5.66 31.97 -25.18
CA GLY D 6 -6.70 32.50 -25.93
C GLY D 6 -5.76 33.36 -26.91
N LEU D 7 -5.93 33.16 -28.20
CA LEU D 7 -6.16 33.27 -29.55
C LEU D 7 -4.94 33.46 -30.33
N SER D 8 -4.93 34.68 -30.07
CA SER D 8 -3.61 35.25 -30.30
C SER D 8 -2.50 34.11 -30.14
N HIS D 9 -2.40 33.71 -31.45
CA HIS D 9 -1.64 33.13 -32.38
C HIS D 9 -0.14 32.69 -32.38
N GLU D 10 0.67 32.30 -31.36
CA GLU D 10 2.03 32.12 -31.74
C GLU D 10 2.54 30.73 -31.35
N GLY D 11 1.70 29.81 -30.89
CA GLY D 11 2.56 28.53 -30.81
C GLY D 11 2.04 27.95 -29.53
N SER D 12 1.50 28.85 -28.79
CA SER D 12 0.93 28.50 -27.47
C SER D 12 -0.25 27.60 -27.86
N HIS D 13 -0.15 26.26 -27.93
CA HIS D 13 -1.42 25.53 -27.97
C HIS D 13 -2.21 25.30 -26.79
N PRO D 14 -3.07 24.62 -26.24
CA PRO D 14 -4.34 24.93 -26.57
C PRO D 14 -4.82 26.35 -26.93
N GLN D 15 -5.65 26.51 -27.97
CA GLN D 15 -6.21 27.80 -28.21
C GLN D 15 -7.61 27.41 -28.19
N THR D 16 -7.99 26.13 -28.37
CA THR D 16 -9.38 25.86 -28.06
C THR D 16 -9.87 24.72 -27.26
N LEU D 17 -11.03 24.66 -26.52
CA LEU D 17 -10.89 23.13 -26.29
C LEU D 17 -11.89 22.52 -27.20
N HIS D 18 -11.69 21.37 -27.90
CA HIS D 18 -12.68 20.73 -28.74
C HIS D 18 -13.65 19.78 -28.05
N ALA D 19 -14.24 18.66 -28.26
CA ALA D 19 -15.29 18.25 -27.46
C ALA D 19 -14.76 16.95 -26.85
N ALA D 20 -13.89 16.08 -27.36
CA ALA D 20 -13.88 15.15 -26.08
C ALA D 20 -12.58 15.64 -25.56
N GLN D 21 -12.27 16.87 -25.21
CA GLN D 21 -10.95 17.52 -25.04
C GLN D 21 -11.05 18.35 -23.80
N SER D 22 -10.01 18.51 -22.94
CA SER D 22 -10.09 18.98 -21.57
C SER D 22 -8.76 19.54 -21.10
N LEU D 23 -8.88 20.28 -19.99
CA LEU D 23 -7.63 20.55 -19.27
C LEU D 23 -7.62 19.75 -18.01
N GLU D 24 -6.44 19.28 -17.72
CA GLU D 24 -6.20 18.37 -16.59
C GLU D 24 -5.27 18.65 -15.46
N LEU D 25 -5.36 18.97 -14.19
CA LEU D 25 -4.47 19.13 -13.06
C LEU D 25 -4.83 17.82 -12.26
N SER D 26 -3.94 16.72 -12.51
CA SER D 26 -4.65 15.70 -11.68
C SER D 26 -5.34 16.03 -10.34
N SER D 27 -6.57 15.45 -10.39
CA SER D 27 -7.88 15.20 -9.89
C SER D 27 -8.98 15.81 -10.78
N PHE D 28 -8.92 17.10 -10.88
CA PHE D 28 -9.22 18.31 -11.39
C PHE D 28 -9.09 17.91 -12.89
N ARG D 29 -10.25 17.76 -13.55
CA ARG D 29 -10.28 17.67 -14.99
C ARG D 29 -11.25 18.76 -15.38
N PHE D 30 -10.92 19.46 -16.44
CA PHE D 30 -11.85 20.35 -17.07
C PHE D 30 -12.33 20.03 -18.53
N THR D 31 -13.52 19.43 -18.61
CA THR D 31 -13.77 18.96 -19.92
C THR D 31 -15.02 19.64 -20.62
N MET D 32 -14.91 19.52 -21.91
CA MET D 32 -15.70 20.18 -22.84
C MET D 32 -16.39 18.91 -23.37
N GLN D 33 -17.68 19.12 -23.27
CA GLN D 33 -18.21 17.80 -23.49
C GLN D 33 -18.99 17.33 -24.62
N SER D 34 -19.34 16.11 -25.06
CA SER D 34 -20.31 15.58 -25.96
C SER D 34 -21.53 16.11 -25.61
N ASP D 35 -22.12 16.70 -24.70
CA ASP D 35 -23.41 17.31 -24.78
C ASP D 35 -23.28 18.70 -24.62
N CYS D 36 -22.58 19.76 -24.80
CA CYS D 36 -22.55 21.13 -24.64
C CYS D 36 -22.20 21.57 -23.22
N ASN D 37 -21.79 20.68 -22.37
CA ASN D 37 -21.36 20.99 -21.02
C ASN D 37 -19.87 21.09 -20.80
N LEU D 38 -19.77 22.25 -20.16
CA LEU D 38 -18.35 22.65 -19.89
C LEU D 38 -18.19 22.37 -18.41
N VAL D 39 -17.30 21.40 -18.13
CA VAL D 39 -17.34 20.77 -16.88
C VAL D 39 -15.99 20.33 -16.32
N LEU D 40 -15.95 20.56 -15.02
CA LEU D 40 -15.07 20.56 -13.96
C LEU D 40 -15.28 19.37 -13.08
N PHE D 41 -14.38 18.47 -13.16
CA PHE D 41 -14.54 17.43 -12.17
C PHE D 41 -13.30 17.66 -11.27
N ASP D 42 -13.60 17.10 -10.08
CA ASP D 42 -12.77 16.72 -8.97
C ASP D 42 -12.77 15.19 -8.90
N SER D 43 -11.75 14.45 -9.15
CA SER D 43 -11.95 13.05 -9.27
C SER D 43 -12.98 12.42 -10.13
N ASP D 44 -14.17 12.77 -10.02
CA ASP D 44 -15.31 12.52 -10.87
C ASP D 44 -16.35 13.07 -9.98
N VAL D 45 -17.26 13.87 -10.05
CA VAL D 45 -17.94 14.37 -8.86
C VAL D 45 -17.45 15.74 -9.37
N ARG D 46 -18.30 16.03 -10.28
CA ARG D 46 -18.76 17.09 -11.06
C ARG D 46 -18.71 18.27 -10.18
N VAL D 47 -18.07 19.39 -10.23
CA VAL D 47 -18.17 20.48 -9.31
C VAL D 47 -18.67 21.75 -9.88
N TRP D 48 -18.55 22.03 -11.16
CA TRP D 48 -19.13 23.29 -11.72
C TRP D 48 -19.04 22.79 -13.17
N ALA D 49 -20.06 23.36 -13.85
CA ALA D 49 -20.32 23.21 -15.26
C ALA D 49 -20.86 24.54 -15.69
N SER D 50 -21.25 24.79 -16.93
CA SER D 50 -21.88 25.95 -17.59
C SER D 50 -23.26 25.48 -17.76
N ASN D 51 -23.61 24.24 -17.65
CA ASN D 51 -25.07 23.98 -17.67
C ASN D 51 -25.93 24.49 -18.80
N THR D 52 -25.51 24.47 -19.99
CA THR D 52 -25.42 24.53 -21.33
C THR D 52 -25.59 23.03 -21.69
N ALA D 53 -26.12 22.08 -20.81
CA ALA D 53 -26.32 20.79 -21.53
C ALA D 53 -27.60 20.92 -22.43
N GLY D 54 -27.52 20.31 -23.64
CA GLY D 54 -28.58 20.56 -24.65
C GLY D 54 -28.05 21.50 -25.78
N ALA D 55 -27.12 20.94 -26.68
CA ALA D 55 -26.50 21.08 -28.02
C ALA D 55 -25.53 19.98 -28.61
N THR D 56 -24.92 20.25 -29.82
CA THR D 56 -23.83 19.42 -30.39
C THR D 56 -22.85 20.20 -31.34
N GLY D 57 -21.56 19.87 -31.24
CA GLY D 57 -20.21 19.95 -31.49
C GLY D 57 -19.71 21.36 -31.27
N CYS D 58 -19.83 21.65 -30.02
CA CYS D 58 -19.66 22.76 -29.07
C CYS D 58 -18.24 22.92 -28.77
N ARG D 59 -17.56 24.00 -28.77
CA ARG D 59 -16.13 24.27 -28.29
C ARG D 59 -16.04 25.39 -27.33
N ALA D 60 -14.97 25.26 -26.67
CA ALA D 60 -14.56 26.24 -25.62
C ALA D 60 -13.43 27.29 -25.86
N VAL D 61 -12.48 27.60 -26.60
CA VAL D 61 -12.31 29.09 -26.77
C VAL D 61 -12.61 30.30 -25.89
N LEU D 62 -11.68 31.05 -25.70
CA LEU D 62 -11.26 32.05 -24.86
C LEU D 62 -10.54 32.92 -25.90
N GLN D 63 -11.48 33.89 -25.74
CA GLN D 63 -11.47 35.21 -26.31
C GLN D 63 -10.32 36.15 -26.38
N SER D 64 -10.66 37.41 -26.76
CA SER D 64 -9.35 37.93 -27.20
C SER D 64 -8.91 39.11 -26.46
N ASP D 65 -9.88 39.19 -25.64
CA ASP D 65 -10.05 40.32 -24.74
C ASP D 65 -10.59 39.59 -23.50
N GLY D 66 -10.25 38.28 -23.65
CA GLY D 66 -10.49 37.45 -22.58
C GLY D 66 -11.80 37.19 -22.03
N LEU D 67 -12.83 36.97 -22.79
CA LEU D 67 -14.15 36.48 -22.39
C LEU D 67 -14.02 34.96 -22.61
N LEU D 68 -14.10 33.88 -21.78
CA LEU D 68 -14.10 32.53 -22.47
C LEU D 68 -15.51 32.28 -23.06
N VAL D 69 -15.72 31.66 -24.28
CA VAL D 69 -17.14 31.69 -24.73
C VAL D 69 -17.49 30.22 -24.80
N ILE D 70 -18.50 29.58 -24.96
CA ILE D 70 -18.79 28.25 -25.47
C ILE D 70 -19.81 28.38 -26.61
N LEU D 71 -19.50 27.89 -27.78
CA LEU D 71 -20.06 28.27 -28.97
C LEU D 71 -20.59 27.04 -29.59
N THR D 72 -21.77 27.22 -30.11
CA THR D 72 -22.43 26.05 -30.70
C THR D 72 -21.98 25.48 -31.93
N ALA D 73 -22.58 24.39 -32.47
CA ALA D 73 -22.16 23.80 -33.77
C ALA D 73 -22.38 24.95 -34.69
N GLN D 74 -22.93 26.06 -34.49
CA GLN D 74 -23.15 27.23 -35.16
C GLN D 74 -22.63 28.52 -34.71
N ASN D 75 -21.51 28.51 -34.10
CA ASN D 75 -21.04 29.77 -33.67
C ASN D 75 -21.92 30.59 -32.79
N THR D 76 -23.02 30.15 -32.25
CA THR D 76 -23.58 31.22 -31.36
C THR D 76 -23.36 30.69 -30.00
N ILE D 77 -22.88 31.07 -28.89
CA ILE D 77 -22.40 31.34 -27.59
C ILE D 77 -23.52 31.09 -26.60
N ARG D 78 -23.56 29.92 -26.01
CA ARG D 78 -24.45 29.29 -25.08
C ARG D 78 -23.88 29.65 -23.70
N TRP D 79 -22.62 30.01 -23.59
CA TRP D 79 -22.39 30.32 -22.16
C TRP D 79 -21.29 31.28 -22.32
N SER D 80 -21.11 32.40 -21.73
CA SER D 80 -19.91 33.14 -21.76
C SER D 80 -19.30 33.56 -20.45
N SER D 81 -18.19 33.45 -19.81
CA SER D 81 -17.72 33.99 -18.59
C SER D 81 -18.19 35.34 -18.31
N GLY D 82 -17.97 36.35 -19.02
CA GLY D 82 -18.71 37.54 -18.95
C GLY D 82 -17.86 38.71 -18.96
N THR D 83 -16.98 38.77 -17.99
CA THR D 83 -16.15 39.96 -17.90
C THR D 83 -15.08 40.19 -18.90
N LYS D 84 -13.98 40.30 -19.52
CA LYS D 84 -13.80 40.83 -20.91
C LYS D 84 -12.99 42.09 -20.77
N GLY D 85 -12.03 42.48 -21.45
CA GLY D 85 -11.25 43.58 -20.73
C GLY D 85 -10.51 44.18 -21.83
N SER D 86 -9.35 44.75 -21.92
CA SER D 86 -8.81 45.39 -23.04
C SER D 86 -8.35 44.30 -23.94
N ILE D 87 -7.27 44.30 -24.70
CA ILE D 87 -7.24 43.43 -25.84
C ILE D 87 -6.22 42.49 -26.33
N GLY D 88 -4.97 42.69 -26.51
CA GLY D 88 -4.30 41.33 -26.84
C GLY D 88 -4.42 40.08 -26.09
N ASN D 89 -3.55 39.15 -25.77
CA ASN D 89 -3.13 37.95 -25.08
C ASN D 89 -3.51 37.50 -23.68
N TYR D 90 -4.26 36.53 -23.22
CA TYR D 90 -4.62 36.21 -21.86
C TYR D 90 -4.47 34.73 -21.55
N VAL D 91 -4.87 34.13 -20.46
CA VAL D 91 -4.75 32.74 -20.06
C VAL D 91 -6.02 32.36 -19.29
N LEU D 92 -6.93 31.34 -19.43
CA LEU D 92 -8.06 30.71 -18.67
C LEU D 92 -7.09 29.75 -17.80
N VAL D 93 -6.75 29.75 -16.46
CA VAL D 93 -5.93 28.71 -15.99
C VAL D 93 -6.55 27.75 -15.00
N LEU D 94 -6.14 26.48 -14.92
CA LEU D 94 -6.79 25.56 -13.92
C LEU D 94 -5.92 25.38 -12.69
N GLN D 95 -6.29 26.12 -11.63
CA GLN D 95 -5.22 26.30 -10.60
C GLN D 95 -5.12 25.24 -9.65
N PRO D 96 -4.07 24.88 -9.02
CA PRO D 96 -4.09 23.84 -7.99
C PRO D 96 -5.01 24.35 -6.95
N ASP D 97 -5.54 25.37 -6.43
CA ASP D 97 -6.67 25.40 -5.60
C ASP D 97 -7.99 25.04 -6.30
N ARG D 98 -8.26 24.42 -7.47
CA ARG D 98 -9.54 24.27 -8.11
C ARG D 98 -10.17 25.58 -8.66
N THR D 99 -9.53 26.81 -8.47
CA THR D 99 -10.37 27.88 -9.02
C THR D 99 -9.65 27.66 -10.37
N VAL D 100 -10.66 27.79 -11.27
CA VAL D 100 -10.68 27.83 -12.75
C VAL D 100 -10.61 29.30 -13.12
N THR D 101 -9.75 30.07 -13.69
CA THR D 101 -9.62 31.51 -13.90
C THR D 101 -8.93 32.42 -14.85
N ILE D 102 -8.76 33.74 -14.86
CA ILE D 102 -8.18 34.34 -16.08
C ILE D 102 -7.32 35.57 -16.01
N TYR D 103 -6.18 35.54 -16.47
CA TYR D 103 -5.17 36.52 -16.33
C TYR D 103 -4.80 37.09 -17.64
N GLY D 104 -4.85 38.42 -17.64
CA GLY D 104 -4.34 39.19 -18.81
C GLY D 104 -4.74 40.58 -18.88
N PRO D 105 -3.85 41.03 -19.69
CA PRO D 105 -2.95 41.48 -20.53
C PRO D 105 -1.79 40.57 -20.65
N GLY D 106 -0.82 40.36 -21.50
CA GLY D 106 0.50 39.84 -21.59
C GLY D 106 1.14 41.01 -20.85
N LEU D 107 2.08 41.89 -20.63
CA LEU D 107 2.38 42.77 -19.47
C LEU D 107 3.89 42.42 -19.35
N TRP D 108 4.51 41.36 -19.22
CA TRP D 108 5.92 41.44 -19.57
C TRP D 108 6.52 40.27 -20.12
N ASP D 109 7.58 40.12 -21.04
CA ASP D 109 8.17 38.86 -21.47
C ASP D 109 9.50 38.59 -22.14
N SER D 110 10.03 37.38 -22.37
CA SER D 110 11.44 37.30 -22.83
C SER D 110 11.77 38.01 -24.07
N GLY D 111 11.12 37.61 -25.13
CA GLY D 111 11.28 38.28 -26.44
C GLY D 111 12.00 37.33 -27.43
N THR D 112 12.49 36.22 -26.92
CA THR D 112 13.18 35.02 -27.29
C THR D 112 12.71 33.82 -28.09
N SER D 113 11.60 33.80 -28.81
CA SER D 113 10.73 32.91 -29.53
C SER D 113 11.07 32.19 -30.84
N ASN D 114 10.12 31.33 -31.21
CA ASN D 114 10.06 30.23 -32.12
C ASN D 114 8.62 29.88 -32.54
N ASN D 123 2.47 20.59 -17.91
CA ASN D 123 3.06 20.26 -16.55
C ASN D 123 4.49 20.86 -16.30
N GLY D 124 4.69 21.51 -15.07
CA GLY D 124 5.81 22.08 -14.31
C GLY D 124 5.67 23.55 -13.98
N ASN D 125 5.59 24.41 -14.91
CA ASN D 125 5.30 25.58 -15.61
C ASN D 125 4.87 26.99 -15.24
N SER D 126 3.83 27.18 -14.48
CA SER D 126 3.41 28.43 -13.93
C SER D 126 4.08 28.57 -12.53
N ILE D 127 4.33 29.90 -12.33
CA ILE D 127 4.57 30.31 -10.99
C ILE D 127 3.59 31.29 -10.55
N LEU D 128 2.77 31.00 -9.54
CA LEU D 128 1.64 31.62 -9.02
C LEU D 128 2.21 32.87 -8.41
N TYR D 129 2.83 33.88 -7.91
CA TYR D 129 2.19 35.11 -7.51
C TYR D 129 2.23 35.59 -6.09
N SER D 130 1.52 35.81 -5.04
CA SER D 130 1.59 36.47 -3.67
C SER D 130 0.09 36.88 -3.56
N THR D 131 -0.63 35.65 -3.36
CA THR D 131 -1.73 34.72 -2.92
C THR D 131 -2.14 33.22 -2.64
N ASN D 136 -2.61 28.58 -3.17
CA ASN D 136 -2.18 28.34 -4.72
C ASN D 136 -0.70 28.11 -5.02
N HIS D 137 0.23 27.18 -5.10
CA HIS D 137 1.57 27.51 -5.51
C HIS D 137 2.46 26.63 -6.30
N PRO D 138 3.53 27.19 -6.86
CA PRO D 138 4.71 27.85 -6.50
C PRO D 138 4.68 29.34 -6.06
N GLN D 139 5.22 29.78 -4.88
CA GLN D 139 4.96 31.24 -4.99
C GLN D 139 6.27 32.02 -5.07
N THR D 140 7.17 31.07 -5.13
CA THR D 140 8.54 31.18 -5.32
C THR D 140 9.39 29.94 -5.64
N LEU D 141 10.38 30.34 -6.42
CA LEU D 141 11.51 29.72 -7.03
C LEU D 141 12.81 30.30 -6.48
N HIS D 142 13.75 29.73 -5.90
CA HIS D 142 14.82 29.22 -5.27
C HIS D 142 16.14 28.58 -5.61
N ALA D 143 16.71 27.86 -6.48
CA ALA D 143 18.11 27.57 -6.66
C ALA D 143 18.16 26.10 -6.68
N THR D 144 18.29 25.20 -7.56
CA THR D 144 18.05 23.81 -7.77
C THR D 144 16.62 24.11 -8.41
N GLN D 145 15.95 25.18 -8.02
CA GLN D 145 14.67 25.67 -8.29
C GLN D 145 14.55 26.38 -9.65
N SER D 146 13.51 25.82 -10.22
CA SER D 146 12.86 25.65 -11.47
C SER D 146 11.51 25.63 -12.14
N LEU D 147 10.27 25.67 -12.49
CA LEU D 147 9.53 25.68 -13.86
C LEU D 147 10.24 25.02 -15.14
N GLN D 148 9.66 23.93 -15.71
CA GLN D 148 9.83 23.15 -16.84
C GLN D 148 8.63 22.90 -17.74
N LEU D 149 8.63 23.06 -19.11
CA LEU D 149 7.84 22.74 -20.21
C LEU D 149 8.44 21.48 -20.88
N SER D 150 9.51 21.73 -21.64
CA SER D 150 9.65 20.22 -22.10
C SER D 150 11.06 19.97 -22.36
N PRO D 151 11.67 20.49 -23.37
CA PRO D 151 13.07 20.82 -23.32
C PRO D 151 13.05 22.16 -22.60
N TYR D 152 12.08 22.98 -22.21
CA TYR D 152 12.28 24.30 -21.68
C TYR D 152 12.20 24.27 -20.18
N ARG D 153 12.92 25.15 -19.56
CA ARG D 153 12.94 25.40 -18.14
C ARG D 153 13.64 26.70 -17.79
N LEU D 154 12.83 27.31 -16.93
CA LEU D 154 13.15 28.69 -16.46
C LEU D 154 13.55 28.34 -14.98
N SER D 155 14.81 28.31 -14.51
CA SER D 155 15.47 28.01 -13.33
C SER D 155 16.13 29.28 -12.80
N MET D 156 16.43 29.37 -11.53
CA MET D 156 17.12 30.44 -10.91
C MET D 156 18.42 29.88 -10.43
N GLU D 157 19.16 29.05 -11.00
CA GLU D 157 20.48 28.87 -10.51
C GLU D 157 21.03 29.44 -9.22
N THR D 158 22.00 28.60 -8.65
CA THR D 158 22.71 29.32 -7.61
C THR D 158 23.79 30.21 -8.13
N ASP D 159 24.58 30.67 -9.05
CA ASP D 159 25.19 31.99 -9.23
C ASP D 159 24.26 33.17 -9.09
N CYS D 160 23.04 32.91 -8.74
CA CYS D 160 21.94 33.78 -8.40
C CYS D 160 21.49 34.60 -9.60
N ASN D 161 21.50 34.01 -10.80
CA ASN D 161 21.16 34.26 -12.12
C ASN D 161 19.90 33.51 -12.58
N LEU D 162 18.96 34.32 -13.09
CA LEU D 162 17.81 33.64 -13.66
C LEU D 162 18.09 33.30 -15.08
N VAL D 163 18.25 32.07 -15.60
CA VAL D 163 18.34 31.69 -16.93
C VAL D 163 17.10 30.96 -17.57
N LEU D 164 16.88 31.00 -18.89
CA LEU D 164 15.99 30.17 -19.55
C LEU D 164 16.73 29.05 -20.32
N PHE D 165 16.65 27.75 -20.19
CA PHE D 165 17.47 27.07 -21.16
C PHE D 165 16.50 26.34 -22.11
N ASP D 166 16.91 25.88 -23.30
CA ASP D 166 16.18 25.15 -24.28
C ASP D 166 17.01 23.95 -24.64
N ARG D 167 16.76 22.81 -24.14
CA ARG D 167 17.64 21.70 -24.34
C ARG D 167 18.90 22.49 -24.03
N ASP D 168 19.28 22.42 -22.78
CA ASP D 168 20.42 22.79 -21.97
C ASP D 168 21.25 23.61 -22.97
N ASP D 169 20.81 24.86 -22.83
CA ASP D 169 21.40 25.97 -23.46
C ASP D 169 20.47 27.15 -23.82
N ARG D 170 21.04 27.90 -22.91
CA ARG D 170 20.96 29.21 -22.52
C ARG D 170 20.52 30.26 -23.53
N VAL D 171 19.24 30.45 -23.58
CA VAL D 171 18.48 31.19 -24.48
C VAL D 171 18.15 32.50 -23.98
N TRP D 172 17.78 32.73 -22.77
CA TRP D 172 17.46 34.04 -22.16
C TRP D 172 17.95 34.10 -20.66
N SER D 173 18.54 35.18 -20.19
CA SER D 173 18.92 35.28 -18.83
C SER D 173 18.77 36.70 -18.30
N THR D 174 18.67 36.81 -17.03
CA THR D 174 18.81 37.71 -16.05
C THR D 174 20.15 38.44 -16.26
N ASN D 175 21.24 37.75 -16.06
CA ASN D 175 22.61 38.16 -16.26
C ASN D 175 22.83 39.03 -15.03
N THR D 176 23.07 38.36 -13.97
CA THR D 176 23.19 38.67 -12.55
C THR D 176 24.18 37.73 -11.98
N ALA D 177 24.76 37.39 -10.91
CA ALA D 177 25.55 36.14 -11.16
C ALA D 177 26.84 36.77 -10.66
N GLY D 178 27.37 35.78 -10.00
CA GLY D 178 28.47 35.82 -9.05
C GLY D 178 27.74 36.23 -7.72
N LYS D 179 27.31 37.48 -7.74
CA LYS D 179 26.37 38.29 -7.06
C LYS D 179 25.55 37.23 -6.27
N GLY D 180 25.90 36.20 -5.51
CA GLY D 180 24.78 35.59 -4.93
C GLY D 180 24.90 34.23 -4.49
N THR D 181 24.18 34.19 -3.43
CA THR D 181 24.05 32.78 -2.96
C THR D 181 22.68 33.17 -2.52
N GLY D 182 22.60 34.40 -1.94
CA GLY D 182 21.25 34.72 -1.53
C GLY D 182 19.97 34.27 -2.17
N CYS D 183 19.90 34.23 -3.53
CA CYS D 183 18.69 34.40 -4.30
C CYS D 183 17.63 33.38 -4.67
N ARG D 184 16.50 33.80 -4.68
CA ARG D 184 15.18 33.61 -4.95
C ARG D 184 14.40 34.75 -5.68
N ALA D 185 13.40 34.48 -6.54
CA ALA D 185 12.52 35.06 -7.47
C ALA D 185 11.10 34.89 -7.10
N VAL D 186 10.46 36.04 -6.99
CA VAL D 186 9.03 35.84 -6.54
C VAL D 186 8.13 36.73 -7.40
N LEU D 187 6.82 36.33 -7.75
CA LEU D 187 6.47 37.47 -8.66
C LEU D 187 5.46 38.42 -8.04
N GLN D 188 5.60 39.72 -8.03
CA GLN D 188 4.78 40.57 -7.24
C GLN D 188 3.35 40.82 -7.25
N PRO D 189 2.56 41.78 -6.86
CA PRO D 189 1.06 41.89 -6.74
C PRO D 189 0.66 43.10 -7.62
N ASN D 190 1.71 43.60 -8.15
CA ASN D 190 1.76 44.61 -9.13
C ASN D 190 2.61 43.98 -10.22
N GLY D 191 3.24 42.84 -10.49
CA GLY D 191 3.81 42.33 -11.63
C GLY D 191 5.23 42.34 -11.96
N ARG D 192 5.87 42.66 -10.87
CA ARG D 192 7.38 42.70 -11.04
C ARG D 192 7.88 41.33 -10.81
N MET D 193 8.66 40.53 -11.40
CA MET D 193 9.44 39.36 -11.47
C MET D 193 10.62 40.11 -10.81
N ASP D 194 11.48 40.20 -9.89
CA ASP D 194 12.40 40.39 -8.97
C ASP D 194 13.19 39.16 -8.54
N VAL D 195 14.45 39.35 -8.91
CA VAL D 195 15.42 38.40 -8.41
C VAL D 195 15.92 38.98 -7.11
N LEU D 196 15.38 38.80 -5.90
CA LEU D 196 15.78 39.08 -4.54
C LEU D 196 16.77 38.03 -3.91
N THR D 197 17.72 38.44 -3.11
CA THR D 197 18.82 38.38 -2.25
C THR D 197 18.90 37.87 -0.83
N ASN D 198 19.96 37.25 -0.38
CA ASN D 198 19.95 36.70 0.96
C ASN D 198 19.17 37.50 1.94
N GLN D 199 19.30 38.82 2.03
CA GLN D 199 18.70 39.84 2.87
C GLN D 199 17.65 40.56 2.06
N ASN D 200 16.62 41.27 2.40
CA ASN D 200 15.72 41.55 1.24
C ASN D 200 15.95 42.60 0.21
N ILE D 201 17.03 42.53 -0.63
CA ILE D 201 17.38 43.55 -1.60
C ILE D 201 16.99 43.30 -3.04
N ALA D 202 16.48 44.21 -3.90
CA ALA D 202 16.10 43.85 -5.28
C ALA D 202 17.28 43.34 -6.12
N VAL D 203 18.06 42.31 -6.39
CA VAL D 203 19.20 42.13 -7.37
C VAL D 203 18.89 42.46 -8.85
N TRP D 204 17.83 42.13 -9.55
CA TRP D 204 17.46 42.42 -10.93
C TRP D 204 15.93 42.58 -10.87
N THR D 205 15.17 42.90 -11.89
CA THR D 205 13.77 42.94 -12.03
C THR D 205 13.21 43.34 -13.40
N SER D 206 12.09 42.75 -13.74
CA SER D 206 11.27 42.99 -14.89
C SER D 206 11.09 44.47 -15.14
N GLY D 207 10.68 45.43 -14.35
CA GLY D 207 10.63 46.73 -14.84
C GLY D 207 9.55 47.73 -14.72
N ASN D 208 8.45 47.07 -14.85
CA ASN D 208 7.19 47.52 -15.24
C ASN D 208 6.22 46.53 -14.74
N SER D 209 5.18 47.28 -14.52
CA SER D 209 4.00 46.82 -13.95
C SER D 209 2.69 47.46 -13.86
N ARG D 210 1.65 46.67 -13.69
CA ARG D 210 0.36 47.33 -13.46
C ARG D 210 -0.35 47.18 -12.16
N SER D 211 -1.59 46.97 -11.99
CA SER D 211 -2.26 47.01 -10.77
C SER D 211 -2.38 45.97 -9.69
N ALA D 212 -2.92 46.56 -8.58
CA ALA D 212 -2.74 45.57 -7.43
C ALA D 212 -3.55 44.38 -7.95
N GLY D 213 -3.12 43.08 -8.06
CA GLY D 213 -4.14 42.11 -8.51
C GLY D 213 -3.49 40.73 -8.59
N ARG D 214 -4.18 39.66 -8.96
CA ARG D 214 -3.34 38.42 -8.70
C ARG D 214 -2.54 38.20 -9.98
N TYR D 215 -1.42 37.49 -10.19
CA TYR D 215 -0.71 37.60 -11.48
C TYR D 215 -0.11 36.28 -11.76
N VAL D 216 0.39 35.97 -12.90
CA VAL D 216 0.88 34.54 -13.05
C VAL D 216 2.14 34.65 -13.92
N PHE D 217 2.92 33.65 -13.92
CA PHE D 217 4.16 33.86 -14.83
C PHE D 217 3.91 32.69 -15.64
N VAL D 218 4.06 32.31 -16.85
CA VAL D 218 3.75 31.00 -17.30
C VAL D 218 4.83 30.64 -18.22
N LEU D 219 5.49 29.56 -18.14
CA LEU D 219 6.52 29.41 -19.29
C LEU D 219 5.78 28.85 -20.44
N GLN D 220 6.02 29.37 -21.67
CA GLN D 220 4.99 28.93 -22.73
C GLN D 220 5.52 28.00 -23.77
N PRO D 221 4.63 27.58 -24.60
CA PRO D 221 5.10 26.53 -25.50
C PRO D 221 6.00 27.24 -26.48
N ASP D 222 6.15 28.53 -26.78
CA ASP D 222 7.03 29.34 -27.52
C ASP D 222 8.40 29.74 -26.98
N ARG D 223 9.30 29.03 -26.31
CA ARG D 223 10.48 29.48 -25.65
C ARG D 223 10.20 30.73 -24.90
N ASN D 224 9.37 31.29 -24.13
CA ASN D 224 8.90 32.40 -23.38
C ASN D 224 8.42 32.96 -22.03
N LEU D 225 8.49 34.18 -21.42
CA LEU D 225 7.82 34.17 -20.10
C LEU D 225 6.61 34.95 -19.98
N ALA D 226 5.44 34.82 -19.54
CA ALA D 226 4.61 36.01 -19.96
C ALA D 226 4.16 36.04 -18.48
N ILE D 227 4.14 37.34 -18.13
CA ILE D 227 3.50 37.47 -16.81
C ILE D 227 2.11 37.94 -17.22
N TYR D 228 1.03 37.50 -16.90
CA TYR D 228 -0.23 37.98 -17.33
C TYR D 228 -1.03 38.54 -16.22
N GLY D 229 -1.67 39.72 -16.24
CA GLY D 229 -2.20 40.49 -15.35
C GLY D 229 -3.30 41.35 -15.17
N GLY D 230 -3.71 42.21 -14.15
CA GLY D 230 -4.62 42.31 -13.43
C GLY D 230 -5.29 40.91 -13.34
N ALA D 231 -6.46 40.42 -13.09
CA ALA D 231 -7.10 39.14 -13.25
C ALA D 231 -8.57 39.27 -13.67
N LEU D 232 -9.19 38.38 -14.45
CA LEU D 232 -10.49 38.92 -14.92
C LEU D 232 -11.68 38.16 -14.56
N TRP D 233 -11.44 36.92 -14.33
CA TRP D 233 -12.61 36.24 -13.70
C TRP D 233 -12.17 34.89 -13.10
N THR D 234 -13.06 34.31 -12.36
CA THR D 234 -12.78 33.15 -11.53
C THR D 234 -14.13 32.50 -11.47
N THR D 235 -14.39 31.33 -11.11
CA THR D 235 -15.32 30.37 -10.64
C THR D 235 -15.53 30.38 -9.09
N ASN E 1 -7.34 -21.00 -13.64
CA ASN E 1 -8.33 -22.12 -13.30
C ASN E 1 -8.02 -23.07 -14.46
N ASN E 2 -8.95 -23.91 -14.77
CA ASN E 2 -9.04 -24.99 -15.68
C ASN E 2 -10.33 -25.21 -16.34
N ILE E 3 -11.24 -24.31 -16.17
CA ILE E 3 -12.48 -24.49 -16.88
C ILE E 3 -12.77 -23.31 -17.87
N LEU E 4 -13.64 -23.68 -18.86
CA LEU E 4 -13.98 -22.65 -19.82
C LEU E 4 -15.42 -22.42 -19.76
N PHE E 5 -16.06 -21.35 -20.16
CA PHE E 5 -17.48 -21.25 -19.98
C PHE E 5 -18.11 -21.16 -21.37
N GLY E 6 -19.14 -21.94 -20.85
CA GLY E 6 -20.07 -22.16 -22.08
C GLY E 6 -20.39 -20.71 -22.47
N LEU E 7 -20.29 -20.43 -23.76
CA LEU E 7 -20.75 -19.03 -23.99
C LEU E 7 -22.09 -18.61 -23.46
N SER E 8 -23.10 -18.95 -22.73
CA SER E 8 -24.27 -18.41 -22.17
C SER E 8 -23.74 -17.94 -20.81
N HIS E 9 -24.17 -16.73 -20.93
CA HIS E 9 -23.99 -15.69 -19.96
C HIS E 9 -23.21 -15.84 -18.65
N GLU E 10 -23.83 -15.02 -17.93
CA GLU E 10 -24.13 -14.07 -17.01
C GLU E 10 -22.76 -13.88 -16.54
N GLY E 11 -22.36 -14.02 -15.36
CA GLY E 11 -21.01 -13.65 -15.07
C GLY E 11 -20.12 -14.68 -15.50
N SER E 12 -18.99 -14.94 -14.95
CA SER E 12 -18.01 -15.96 -15.16
C SER E 12 -17.60 -16.27 -16.59
N HIS E 13 -16.26 -16.24 -16.50
CA HIS E 13 -15.62 -16.38 -17.79
C HIS E 13 -14.56 -17.35 -17.68
N PRO E 14 -13.50 -17.36 -18.32
CA PRO E 14 -13.47 -17.52 -19.74
C PRO E 14 -14.76 -17.82 -20.51
N GLN E 15 -15.08 -16.89 -21.44
CA GLN E 15 -16.09 -17.37 -22.28
C GLN E 15 -15.48 -17.93 -23.56
N THR E 16 -14.17 -17.72 -23.69
CA THR E 16 -13.31 -18.05 -24.77
C THR E 16 -11.84 -18.46 -24.61
N LEU E 17 -11.34 -19.36 -25.54
CA LEU E 17 -9.85 -19.35 -25.40
C LEU E 17 -9.20 -18.46 -26.40
N HIS E 18 -8.26 -17.59 -26.25
CA HIS E 18 -7.87 -16.61 -27.23
C HIS E 18 -6.58 -17.13 -27.78
N ALA E 19 -5.53 -16.37 -27.83
CA ALA E 19 -4.64 -17.11 -28.73
C ALA E 19 -3.33 -17.39 -28.19
N ALA E 20 -2.96 -17.10 -26.96
CA ALA E 20 -1.78 -17.84 -26.43
C ALA E 20 -2.17 -18.02 -24.99
N GLN E 21 -3.52 -18.11 -24.97
CA GLN E 21 -4.42 -18.43 -23.92
C GLN E 21 -4.47 -19.95 -23.74
N SER E 22 -4.28 -20.46 -22.50
CA SER E 22 -4.56 -21.84 -22.13
C SER E 22 -5.33 -21.93 -20.79
N LEU E 23 -5.51 -23.20 -20.38
CA LEU E 23 -6.21 -23.50 -19.17
C LEU E 23 -5.10 -24.43 -18.66
N GLU E 24 -4.77 -24.37 -17.35
CA GLU E 24 -3.74 -25.12 -16.64
C GLU E 24 -4.19 -25.88 -15.45
N LEU E 25 -3.83 -27.07 -15.04
CA LEU E 25 -3.92 -27.82 -13.78
C LEU E 25 -2.47 -28.15 -13.33
N SER E 26 -1.68 -27.39 -12.58
CA SER E 26 -0.37 -27.99 -12.46
C SER E 26 0.27 -28.62 -13.56
N SER E 27 0.82 -28.46 -14.69
CA SER E 27 1.39 -29.58 -15.51
C SER E 27 0.84 -29.79 -16.93
N PHE E 28 -0.47 -29.76 -16.83
CA PHE E 28 -1.40 -29.85 -17.92
C PHE E 28 -1.64 -28.43 -18.29
N ARG E 29 -1.64 -27.97 -19.45
CA ARG E 29 -2.02 -26.69 -20.03
C ARG E 29 -2.81 -27.05 -21.32
N PHE E 30 -4.10 -26.68 -21.47
CA PHE E 30 -4.83 -26.94 -22.73
C PHE E 30 -4.89 -25.54 -23.30
N THR E 31 -4.04 -24.96 -24.05
CA THR E 31 -3.81 -23.78 -24.78
C THR E 31 -4.23 -23.83 -26.28
N MET E 32 -4.78 -22.74 -26.78
CA MET E 32 -5.28 -22.39 -28.07
C MET E 32 -4.15 -21.99 -28.99
N GLN E 33 -2.89 -22.29 -29.05
CA GLN E 33 -1.92 -21.76 -30.01
C GLN E 33 -2.32 -20.91 -31.18
N SER E 34 -1.53 -20.05 -31.58
CA SER E 34 -0.66 -19.02 -32.11
C SER E 34 -1.01 -19.43 -33.50
N ASP E 35 -0.86 -20.56 -34.12
CA ASP E 35 -1.28 -21.04 -35.41
C ASP E 35 -2.46 -21.90 -35.42
N CYS E 36 -3.65 -21.66 -35.14
CA CYS E 36 -4.86 -22.37 -34.98
C CYS E 36 -4.80 -23.73 -34.39
N ASN E 37 -3.78 -24.43 -33.94
CA ASN E 37 -4.00 -25.75 -33.38
C ASN E 37 -4.50 -25.83 -31.94
N LEU E 38 -5.59 -26.43 -31.51
CA LEU E 38 -5.86 -26.44 -30.06
C LEU E 38 -5.13 -27.57 -29.46
N VAL E 39 -4.30 -27.80 -28.53
CA VAL E 39 -3.45 -28.77 -28.01
C VAL E 39 -3.37 -29.01 -26.51
N LEU E 40 -3.09 -30.15 -25.96
CA LEU E 40 -3.07 -30.31 -24.55
C LEU E 40 -1.70 -30.87 -24.28
N PHE E 41 -1.13 -30.51 -23.16
CA PHE E 41 0.25 -30.99 -23.01
C PHE E 41 0.46 -31.31 -21.54
N ASP E 42 1.40 -32.21 -21.34
CA ASP E 42 1.62 -32.50 -19.94
C ASP E 42 3.11 -32.20 -20.06
N SER E 43 3.54 -31.13 -19.45
CA SER E 43 4.94 -30.85 -19.75
C SER E 43 5.00 -30.40 -21.18
N ASP E 44 5.83 -30.80 -22.01
CA ASP E 44 6.30 -30.70 -23.32
C ASP E 44 5.80 -32.12 -23.58
N VAL E 45 4.85 -32.42 -24.37
CA VAL E 45 4.35 -33.67 -24.81
C VAL E 45 3.04 -33.22 -25.43
N ARG E 46 2.85 -33.57 -26.67
CA ARG E 46 1.62 -33.34 -27.39
C ARG E 46 0.74 -34.51 -26.97
N VAL E 47 -0.08 -34.46 -25.96
CA VAL E 47 -1.00 -35.44 -25.56
C VAL E 47 -2.09 -35.43 -26.61
N TRP E 48 -2.88 -34.46 -26.94
CA TRP E 48 -4.06 -34.42 -27.78
C TRP E 48 -4.09 -33.21 -28.70
N ALA E 49 -4.89 -32.89 -29.72
CA ALA E 49 -4.78 -31.68 -30.49
C ALA E 49 -5.91 -31.81 -31.50
N SER E 50 -6.46 -30.70 -31.84
CA SER E 50 -7.37 -30.36 -32.91
C SER E 50 -6.43 -30.67 -34.09
N ASN E 51 -5.19 -30.20 -34.28
CA ASN E 51 -4.38 -30.53 -35.43
C ASN E 51 -5.30 -30.10 -36.59
N THR E 52 -5.46 -28.82 -36.57
CA THR E 52 -6.13 -27.90 -37.48
C THR E 52 -4.93 -27.00 -37.71
N ALA E 53 -3.82 -27.16 -38.36
CA ALA E 53 -2.79 -26.09 -38.18
C ALA E 53 -2.81 -25.29 -39.46
N GLY E 54 -2.01 -24.25 -39.56
CA GLY E 54 -1.83 -23.28 -40.60
C GLY E 54 -2.74 -22.08 -40.70
N ALA E 55 -3.44 -21.40 -39.84
CA ALA E 55 -4.28 -20.29 -40.16
C ALA E 55 -4.02 -19.21 -39.12
N THR E 56 -4.81 -18.12 -39.07
CA THR E 56 -4.39 -17.25 -37.98
C THR E 56 -5.54 -16.38 -37.47
N GLY E 57 -5.53 -16.30 -36.16
CA GLY E 57 -6.57 -15.70 -35.45
C GLY E 57 -7.70 -16.66 -35.35
N CYS E 58 -7.33 -17.75 -34.73
CA CYS E 58 -8.41 -18.59 -34.19
C CYS E 58 -8.65 -18.12 -32.74
N ARG E 59 -9.65 -18.83 -32.26
CA ARG E 59 -10.27 -18.64 -30.96
C ARG E 59 -11.14 -19.92 -30.85
N ALA E 60 -10.85 -20.42 -29.67
CA ALA E 60 -11.39 -21.58 -29.04
C ALA E 60 -12.66 -21.18 -28.39
N VAL E 61 -13.39 -20.58 -27.53
CA VAL E 61 -14.96 -20.86 -27.80
C VAL E 61 -15.90 -22.09 -28.12
N LEU E 62 -16.85 -22.20 -27.09
CA LEU E 62 -17.66 -23.21 -26.56
C LEU E 62 -19.10 -22.80 -26.28
N GLN E 63 -19.59 -23.67 -27.16
CA GLN E 63 -20.99 -23.38 -27.32
C GLN E 63 -22.28 -23.63 -26.65
N SER E 64 -23.38 -22.99 -26.97
CA SER E 64 -24.52 -23.17 -26.05
C SER E 64 -25.20 -24.39 -26.15
N ASP E 65 -24.71 -25.55 -26.20
CA ASP E 65 -25.26 -26.90 -26.54
C ASP E 65 -23.99 -27.75 -26.87
N GLY E 66 -22.96 -27.28 -26.07
CA GLY E 66 -21.65 -27.66 -26.17
C GLY E 66 -21.12 -28.04 -27.49
N LEU E 67 -21.20 -27.15 -28.44
CA LEU E 67 -20.25 -27.59 -29.44
C LEU E 67 -18.94 -26.88 -29.10
N LEU E 68 -17.90 -27.63 -29.36
CA LEU E 68 -16.75 -26.78 -29.10
C LEU E 68 -16.07 -26.55 -30.39
N VAL E 69 -16.04 -25.29 -30.77
CA VAL E 69 -15.41 -24.87 -32.04
C VAL E 69 -14.04 -24.22 -31.81
N ILE E 70 -13.39 -24.32 -32.88
CA ILE E 70 -12.18 -23.54 -32.90
C ILE E 70 -12.54 -22.50 -33.88
N LEU E 71 -12.94 -21.31 -33.59
CA LEU E 71 -13.46 -20.38 -34.56
C LEU E 71 -12.31 -19.56 -35.17
N THR E 72 -12.91 -19.16 -36.27
CA THR E 72 -11.95 -18.26 -37.02
C THR E 72 -12.00 -16.78 -36.73
N ALA E 73 -11.00 -16.35 -37.51
CA ALA E 73 -10.27 -15.23 -37.99
C ALA E 73 -11.32 -14.16 -38.18
N GLN E 74 -12.43 -14.66 -38.74
CA GLN E 74 -13.48 -14.32 -39.54
C GLN E 74 -14.68 -15.23 -39.48
N ASN E 75 -14.73 -15.83 -38.31
CA ASN E 75 -15.98 -16.51 -37.96
C ASN E 75 -16.34 -17.70 -38.84
N THR E 76 -15.20 -18.23 -39.33
CA THR E 76 -15.52 -19.41 -40.00
C THR E 76 -15.18 -20.54 -39.14
N ILE E 77 -15.90 -21.63 -39.05
CA ILE E 77 -15.55 -22.68 -38.10
C ILE E 77 -14.54 -23.62 -38.57
N ARG E 78 -13.33 -23.51 -38.11
CA ARG E 78 -12.18 -24.34 -38.37
C ARG E 78 -12.45 -25.71 -37.83
N TRP E 79 -13.27 -26.09 -36.91
CA TRP E 79 -13.10 -27.42 -36.34
C TRP E 79 -14.12 -27.39 -35.21
N SER E 80 -14.91 -28.44 -35.10
CA SER E 80 -15.72 -28.41 -33.94
C SER E 80 -15.41 -29.77 -33.38
N SER E 81 -16.05 -30.03 -32.26
CA SER E 81 -15.75 -31.25 -31.51
C SER E 81 -16.63 -32.24 -32.30
N GLY E 82 -17.88 -32.16 -31.80
CA GLY E 82 -18.67 -33.01 -32.62
C GLY E 82 -20.01 -33.17 -32.07
N THR E 83 -20.09 -33.55 -30.85
CA THR E 83 -21.40 -33.87 -30.34
C THR E 83 -22.10 -32.58 -30.03
N LYS E 84 -23.32 -32.56 -29.71
CA LYS E 84 -24.27 -31.57 -29.41
C LYS E 84 -25.28 -32.11 -28.44
N GLY E 85 -25.57 -31.35 -27.48
CA GLY E 85 -26.57 -31.84 -26.51
C GLY E 85 -27.45 -30.62 -26.72
N SER E 86 -28.49 -30.52 -26.13
CA SER E 86 -29.49 -29.76 -25.62
C SER E 86 -29.16 -28.36 -25.25
N ILE E 87 -29.96 -27.61 -24.48
CA ILE E 87 -29.45 -26.24 -24.41
C ILE E 87 -28.62 -25.49 -23.45
N GLY E 88 -29.01 -25.07 -22.30
CA GLY E 88 -28.40 -24.38 -21.21
C GLY E 88 -26.91 -24.21 -21.05
N ASN E 89 -26.46 -24.09 -19.80
CA ASN E 89 -25.03 -23.62 -19.81
C ASN E 89 -24.03 -24.71 -19.81
N TYR E 90 -22.74 -24.63 -19.82
CA TYR E 90 -21.99 -25.82 -20.11
C TYR E 90 -20.58 -25.58 -19.82
N VAL E 91 -19.69 -26.43 -19.47
CA VAL E 91 -18.37 -26.04 -18.93
C VAL E 91 -17.37 -26.90 -19.62
N LEU E 92 -16.17 -26.62 -19.98
CA LEU E 92 -15.14 -27.51 -20.51
C LEU E 92 -14.22 -27.59 -19.24
N VAL E 93 -13.83 -28.79 -18.71
CA VAL E 93 -12.83 -28.79 -17.66
C VAL E 93 -11.59 -29.54 -18.03
N LEU E 94 -10.43 -29.17 -17.60
CA LEU E 94 -9.27 -30.01 -17.91
C LEU E 94 -8.95 -30.65 -16.52
N GLN E 95 -8.97 -31.95 -16.35
CA GLN E 95 -8.85 -32.79 -15.28
C GLN E 95 -7.58 -33.54 -14.94
N PRO E 96 -7.61 -33.99 -13.64
CA PRO E 96 -6.53 -34.78 -13.08
C PRO E 96 -6.21 -35.92 -13.97
N ASP E 97 -7.35 -36.42 -14.54
CA ASP E 97 -7.41 -37.50 -15.52
C ASP E 97 -6.73 -37.16 -16.77
N ARG E 98 -6.28 -35.98 -16.94
CA ARG E 98 -5.40 -35.72 -18.08
C ARG E 98 -6.27 -35.45 -19.27
N THR E 99 -7.48 -34.97 -19.06
CA THR E 99 -8.57 -34.63 -19.91
C THR E 99 -9.55 -33.50 -20.08
N VAL E 100 -9.68 -32.99 -21.30
CA VAL E 100 -10.69 -31.95 -21.46
C VAL E 100 -12.06 -32.64 -21.62
N THR E 101 -13.07 -32.25 -20.93
CA THR E 101 -14.30 -32.94 -20.94
C THR E 101 -15.38 -32.02 -20.63
N ILE E 102 -16.47 -32.05 -21.26
CA ILE E 102 -17.51 -31.04 -21.23
C ILE E 102 -18.79 -31.59 -20.57
N TYR E 103 -19.20 -30.59 -19.75
CA TYR E 103 -20.46 -31.29 -19.19
C TYR E 103 -21.60 -30.39 -19.18
N GLY E 104 -22.81 -30.69 -19.20
CA GLY E 104 -23.90 -29.92 -19.42
C GLY E 104 -25.13 -30.33 -20.08
N PRO E 105 -26.28 -29.91 -19.60
CA PRO E 105 -26.77 -28.61 -19.28
C PRO E 105 -26.43 -28.65 -17.78
N GLY E 106 -26.90 -27.65 -17.14
CA GLY E 106 -26.71 -27.80 -15.73
C GLY E 106 -27.97 -28.56 -15.27
N LEU E 107 -28.18 -28.51 -13.99
CA LEU E 107 -29.14 -29.24 -13.26
C LEU E 107 -29.20 -28.67 -11.89
N TRP E 108 -28.34 -28.09 -11.14
CA TRP E 108 -28.96 -27.41 -9.94
C TRP E 108 -28.11 -26.20 -9.66
N ASP E 109 -28.59 -25.07 -9.20
CA ASP E 109 -27.58 -24.03 -8.99
C ASP E 109 -28.09 -23.48 -7.63
N SER E 110 -27.11 -22.78 -7.01
CA SER E 110 -27.52 -22.36 -5.68
C SER E 110 -28.45 -21.17 -5.80
N GLY E 111 -27.95 -20.16 -6.51
CA GLY E 111 -28.84 -19.04 -6.57
C GLY E 111 -28.29 -17.89 -5.76
N THR E 112 -27.03 -18.14 -5.63
CA THR E 112 -26.24 -17.07 -5.11
C THR E 112 -25.53 -16.34 -6.25
N SER E 113 -25.79 -15.63 -7.35
CA SER E 113 -24.64 -15.10 -8.12
C SER E 113 -24.42 -13.66 -7.58
N ASN E 114 -23.31 -13.15 -8.14
CA ASN E 114 -22.67 -11.97 -7.80
C ASN E 114 -21.47 -11.29 -8.41
N LYS E 115 -21.92 -10.43 -9.29
CA LYS E 115 -21.09 -9.47 -10.02
C LYS E 115 -20.29 -8.62 -9.03
N GLY E 116 -19.04 -8.35 -9.36
CA GLY E 116 -18.06 -7.63 -8.55
C GLY E 116 -16.74 -8.36 -8.82
N SER E 117 -15.75 -8.30 -7.98
CA SER E 117 -14.44 -8.91 -8.05
C SER E 117 -14.13 -10.35 -8.41
N VAL E 118 -15.00 -11.09 -9.06
CA VAL E 118 -14.96 -12.40 -9.72
C VAL E 118 -13.54 -12.90 -9.72
N VAL E 119 -13.02 -13.78 -8.85
CA VAL E 119 -11.53 -13.92 -8.79
C VAL E 119 -10.67 -15.06 -9.26
N VAL E 120 -9.41 -15.27 -8.89
CA VAL E 120 -8.37 -16.27 -9.14
C VAL E 120 -6.95 -15.67 -8.94
N ALA E 121 -5.96 -16.58 -8.91
CA ALA E 121 -4.54 -16.37 -8.67
C ALA E 121 -3.77 -17.59 -9.24
N ASN E 122 -4.43 -18.69 -8.86
CA ASN E 122 -4.24 -20.11 -9.06
C ASN E 122 -5.65 -20.77 -9.13
N ASN E 123 -6.04 -21.74 -8.33
CA ASN E 123 -6.87 -22.84 -8.08
C ASN E 123 -8.00 -23.30 -7.16
N GLY E 124 -8.36 -24.56 -7.45
CA GLY E 124 -9.08 -25.62 -6.89
C GLY E 124 -10.40 -25.79 -6.24
N ASN E 125 -11.50 -25.59 -6.90
CA ASN E 125 -12.82 -25.32 -7.16
C ASN E 125 -14.06 -25.96 -7.72
N SER E 126 -14.14 -27.16 -8.05
CA SER E 126 -15.01 -28.13 -8.61
C SER E 126 -14.75 -29.55 -7.95
N ILE E 127 -15.77 -30.34 -7.68
CA ILE E 127 -15.93 -31.72 -7.29
C ILE E 127 -16.60 -32.88 -8.17
N LEU E 128 -15.76 -34.00 -8.32
CA LEU E 128 -16.08 -34.88 -9.37
C LEU E 128 -17.11 -35.84 -8.91
N TYR E 129 -18.46 -35.95 -8.78
CA TYR E 129 -19.07 -37.28 -9.03
C TYR E 129 -18.58 -38.69 -8.57
N SER E 130 -17.51 -39.57 -8.65
CA SER E 130 -17.33 -41.02 -8.42
C SER E 130 -16.71 -41.91 -9.54
N THR E 131 -15.50 -42.35 -10.02
CA THR E 131 -14.27 -42.84 -10.56
C THR E 131 -12.83 -42.26 -11.37
N ASN E 136 -9.03 -39.04 -10.72
CA ASN E 136 -9.93 -37.76 -11.00
C ASN E 136 -10.65 -37.20 -9.71
N HIS E 137 -10.05 -36.47 -8.76
CA HIS E 137 -10.47 -35.93 -7.47
C HIS E 137 -10.50 -34.62 -6.64
N PRO E 138 -11.52 -34.15 -5.98
CA PRO E 138 -12.30 -34.37 -4.87
C PRO E 138 -13.66 -34.86 -5.48
N GLN E 139 -13.59 -36.10 -5.06
CA GLN E 139 -14.80 -36.82 -5.32
C GLN E 139 -15.31 -36.81 -3.93
N THR E 140 -14.92 -35.91 -3.09
CA THR E 140 -15.53 -35.88 -1.79
C THR E 140 -14.97 -34.89 -0.76
N LEU E 141 -16.05 -34.39 -0.01
CA LEU E 141 -15.48 -33.45 0.97
C LEU E 141 -16.05 -33.71 2.32
N HIS E 142 -15.21 -33.69 3.32
CA HIS E 142 -14.91 -34.06 4.61
C HIS E 142 -15.01 -33.37 5.94
N ALA E 143 -14.59 -32.14 6.08
CA ALA E 143 -14.96 -31.34 7.31
C ALA E 143 -13.57 -31.07 7.75
N THR E 144 -13.21 -29.87 7.73
CA THR E 144 -11.85 -29.50 7.60
C THR E 144 -11.41 -29.63 6.15
N GLN E 145 -12.36 -29.81 5.24
CA GLN E 145 -12.16 -30.35 3.88
C GLN E 145 -13.19 -29.40 3.26
N SER E 146 -12.69 -28.85 2.20
CA SER E 146 -13.06 -27.78 1.38
C SER E 146 -12.80 -27.48 -0.05
N LEU E 147 -12.53 -27.31 -1.26
CA LEU E 147 -13.17 -26.21 -2.14
C LEU E 147 -13.29 -24.70 -2.08
N GLN E 148 -12.62 -23.89 -2.80
CA GLN E 148 -12.46 -22.50 -2.60
C GLN E 148 -11.98 -21.76 -3.80
N LEU E 149 -12.61 -20.69 -4.24
CA LEU E 149 -12.27 -19.91 -5.36
C LEU E 149 -11.62 -18.69 -4.70
N SER E 150 -12.56 -17.75 -4.32
CA SER E 150 -11.47 -16.93 -3.76
C SER E 150 -11.57 -16.19 -2.49
N PRO E 151 -12.20 -15.09 -2.72
CA PRO E 151 -12.66 -14.43 -1.50
C PRO E 151 -13.86 -15.19 -1.00
N TYR E 152 -14.27 -16.32 -1.48
CA TYR E 152 -15.36 -17.18 -1.45
C TYR E 152 -14.55 -18.47 -1.43
N ARG E 153 -15.31 -19.32 -0.79
CA ARG E 153 -14.86 -20.76 -0.73
C ARG E 153 -15.95 -21.52 0.02
N LEU E 154 -16.36 -22.77 -0.29
CA LEU E 154 -17.43 -23.32 0.51
C LEU E 154 -16.84 -24.62 1.08
N SER E 155 -17.48 -24.93 2.18
CA SER E 155 -16.91 -26.02 2.91
C SER E 155 -17.56 -26.76 4.06
N MET E 156 -17.16 -27.89 4.64
CA MET E 156 -18.04 -28.83 5.27
C MET E 156 -17.70 -28.77 6.71
N GLU E 157 -18.83 -28.64 7.44
CA GLU E 157 -18.15 -28.31 8.76
C GLU E 157 -18.21 -29.12 9.96
N THR E 158 -17.91 -29.13 11.23
CA THR E 158 -18.50 -30.32 11.78
C THR E 158 -19.90 -30.12 12.17
N ASP E 159 -20.58 -29.33 12.86
CA ASP E 159 -22.06 -29.42 12.90
C ASP E 159 -22.77 -29.91 11.71
N CYS E 160 -22.29 -30.17 10.59
CA CYS E 160 -22.46 -30.90 9.41
C CYS E 160 -23.12 -29.92 8.50
N ASN E 161 -22.58 -28.71 8.54
CA ASN E 161 -23.30 -27.79 7.66
C ASN E 161 -22.33 -27.51 6.56
N LEU E 162 -23.06 -27.19 5.47
CA LEU E 162 -22.32 -27.05 4.15
C LEU E 162 -22.37 -25.54 4.00
N VAL E 163 -21.31 -24.78 3.79
CA VAL E 163 -21.53 -23.35 4.02
C VAL E 163 -20.62 -22.64 3.05
N LEU E 164 -21.24 -21.48 2.63
CA LEU E 164 -20.47 -20.79 1.60
C LEU E 164 -19.81 -19.47 1.95
N PHE E 165 -18.49 -19.23 1.79
CA PHE E 165 -18.20 -17.95 2.33
C PHE E 165 -17.84 -16.73 1.57
N ASP E 166 -18.54 -15.61 1.66
CA ASP E 166 -17.87 -14.40 1.08
C ASP E 166 -16.98 -13.85 2.19
N ARG E 167 -15.71 -13.58 1.94
CA ARG E 167 -14.63 -13.35 2.85
C ARG E 167 -14.86 -13.69 4.29
N ASP E 168 -15.60 -14.54 5.00
CA ASP E 168 -15.58 -14.62 6.48
C ASP E 168 -16.91 -14.05 6.93
N ASP E 169 -18.02 -14.36 6.31
CA ASP E 169 -19.40 -14.16 6.62
C ASP E 169 -20.16 -14.90 5.52
N ARG E 170 -20.84 -15.89 5.91
CA ARG E 170 -21.56 -16.97 5.42
C ARG E 170 -22.63 -16.34 4.55
N VAL E 171 -22.82 -16.75 3.37
CA VAL E 171 -23.90 -16.22 2.64
C VAL E 171 -24.72 -17.47 2.46
N TRP E 172 -24.47 -18.59 1.85
CA TRP E 172 -25.45 -19.67 1.64
C TRP E 172 -24.94 -20.78 2.52
N SER E 173 -25.89 -21.62 2.76
CA SER E 173 -25.87 -22.84 3.48
C SER E 173 -27.00 -23.83 3.50
N THR E 174 -26.67 -25.06 3.54
CA THR E 174 -27.51 -26.24 3.67
C THR E 174 -28.34 -26.22 4.93
N ASN E 175 -28.05 -25.42 5.94
CA ASN E 175 -28.99 -25.30 7.05
C ASN E 175 -29.24 -26.69 7.64
N THR E 176 -28.08 -27.20 8.02
CA THR E 176 -27.96 -28.51 8.63
C THR E 176 -27.01 -28.48 9.82
N ALA E 177 -27.43 -28.39 11.05
CA ALA E 177 -26.42 -28.51 12.07
C ALA E 177 -27.06 -29.57 12.92
N GLY E 178 -26.14 -30.27 13.53
CA GLY E 178 -26.44 -31.22 14.55
C GLY E 178 -27.42 -32.25 14.12
N LYS E 179 -27.41 -32.36 12.85
CA LYS E 179 -28.07 -33.44 12.17
C LYS E 179 -26.94 -34.39 11.81
N GLY E 180 -26.19 -35.01 12.75
CA GLY E 180 -25.18 -36.00 12.48
C GLY E 180 -23.81 -35.43 12.76
N THR E 181 -22.83 -36.18 12.24
CA THR E 181 -21.54 -35.55 12.47
C THR E 181 -20.58 -36.33 11.62
N GLY E 182 -21.25 -37.32 11.10
CA GLY E 182 -20.21 -37.98 10.23
C GLY E 182 -19.51 -36.98 9.29
N CYS E 183 -20.27 -36.27 8.54
CA CYS E 183 -20.72 -35.45 7.59
C CYS E 183 -19.71 -35.19 6.52
N ARG E 184 -20.16 -35.56 5.32
CA ARG E 184 -19.43 -35.24 4.16
C ARG E 184 -20.59 -34.95 3.21
N ALA E 185 -20.39 -34.08 2.27
CA ALA E 185 -21.05 -33.88 1.00
C ALA E 185 -20.52 -34.64 -0.22
N VAL E 186 -21.42 -35.25 -1.05
CA VAL E 186 -20.80 -35.94 -2.23
C VAL E 186 -21.55 -35.95 -3.55
N LEU E 187 -20.95 -35.85 -4.76
CA LEU E 187 -21.93 -35.78 -5.84
C LEU E 187 -22.20 -37.17 -6.32
N GLN E 188 -23.49 -37.47 -6.27
CA GLN E 188 -23.92 -38.80 -6.68
C GLN E 188 -23.54 -39.27 -8.02
N PRO E 189 -23.42 -40.42 -8.60
CA PRO E 189 -23.05 -40.48 -10.04
C PRO E 189 -24.23 -40.08 -10.94
N ASN E 190 -25.30 -39.63 -10.24
CA ASN E 190 -26.35 -39.04 -11.03
C ASN E 190 -26.51 -37.57 -10.88
N GLY E 191 -25.76 -36.71 -10.25
CA GLY E 191 -25.68 -35.30 -10.07
C GLY E 191 -26.62 -34.91 -9.01
N ARG E 192 -26.47 -35.65 -7.95
CA ARG E 192 -27.21 -35.21 -6.73
C ARG E 192 -26.21 -34.96 -5.61
N MET E 193 -26.30 -33.80 -4.99
CA MET E 193 -25.38 -33.48 -3.89
C MET E 193 -26.30 -34.17 -2.80
N ASP E 194 -25.72 -34.83 -1.83
CA ASP E 194 -26.00 -35.51 -0.65
C ASP E 194 -24.92 -35.09 0.37
N VAL E 195 -25.55 -34.59 1.46
CA VAL E 195 -24.60 -34.29 2.57
C VAL E 195 -24.96 -35.39 3.53
N LEU E 196 -24.02 -36.32 3.71
CA LEU E 196 -24.55 -37.46 4.48
C LEU E 196 -23.81 -37.73 5.76
N THR E 197 -24.60 -38.10 6.74
CA THR E 197 -24.15 -38.30 8.11
C THR E 197 -23.27 -39.48 7.99
N ASN E 198 -22.51 -39.84 8.91
CA ASN E 198 -21.60 -40.88 9.25
C ASN E 198 -22.21 -42.25 9.08
N GLN E 199 -23.50 -42.34 9.05
CA GLN E 199 -24.34 -43.45 8.98
C GLN E 199 -24.95 -43.51 7.63
N ASN E 200 -24.42 -42.94 6.63
CA ASN E 200 -24.68 -42.73 5.25
C ASN E 200 -26.16 -42.58 4.97
N ILE E 201 -26.71 -41.63 5.59
CA ILE E 201 -28.05 -41.14 5.52
C ILE E 201 -27.86 -39.77 4.90
N ALA E 202 -28.96 -39.37 4.24
CA ALA E 202 -28.78 -37.98 3.70
C ALA E 202 -29.71 -37.06 4.46
N VAL E 203 -29.31 -35.98 5.08
CA VAL E 203 -29.77 -34.90 5.86
C VAL E 203 -30.07 -33.70 5.03
N TRP E 204 -29.47 -33.58 3.91
CA TRP E 204 -29.69 -32.64 2.90
C TRP E 204 -29.20 -33.27 1.60
N THR E 205 -29.97 -32.89 0.61
CA THR E 205 -29.93 -33.17 -0.81
C THR E 205 -30.00 -32.08 -1.91
N SER E 206 -29.85 -32.42 -3.17
CA SER E 206 -29.85 -31.42 -4.19
C SER E 206 -31.08 -31.48 -4.96
N GLY E 207 -31.89 -32.47 -5.01
CA GLY E 207 -33.21 -32.56 -5.58
C GLY E 207 -33.10 -33.37 -6.85
N ASN E 208 -32.57 -32.76 -7.89
CA ASN E 208 -32.84 -33.20 -9.23
C ASN E 208 -31.82 -34.22 -9.32
N SER E 209 -31.69 -34.69 -10.47
CA SER E 209 -30.83 -35.81 -10.79
C SER E 209 -31.65 -36.16 -12.03
N ARG E 210 -30.99 -36.83 -12.82
CA ARG E 210 -31.10 -37.33 -14.13
C ARG E 210 -30.26 -38.62 -14.29
N SER E 211 -29.96 -38.73 -15.52
CA SER E 211 -29.25 -39.68 -16.28
C SER E 211 -28.08 -40.28 -15.48
N ALA E 212 -27.76 -41.42 -14.83
CA ALA E 212 -26.38 -41.61 -14.53
C ALA E 212 -25.28 -41.36 -15.58
N GLY E 213 -24.17 -40.77 -15.14
CA GLY E 213 -22.95 -40.65 -15.94
C GLY E 213 -21.97 -40.06 -14.90
N ARG E 214 -20.95 -39.34 -15.40
CA ARG E 214 -19.98 -38.43 -14.85
C ARG E 214 -20.57 -37.00 -14.76
N TYR E 215 -20.89 -36.32 -13.68
CA TYR E 215 -21.25 -34.99 -13.49
C TYR E 215 -20.07 -34.32 -12.77
N VAL E 216 -20.34 -33.02 -12.69
CA VAL E 216 -19.43 -32.11 -11.98
C VAL E 216 -20.04 -31.05 -11.06
N PHE E 217 -19.51 -30.48 -9.95
CA PHE E 217 -20.31 -29.39 -9.27
C PHE E 217 -19.45 -28.14 -9.19
N VAL E 218 -19.82 -26.88 -9.39
CA VAL E 218 -18.64 -25.97 -9.57
C VAL E 218 -18.85 -24.78 -8.67
N LEU E 219 -18.04 -24.24 -7.90
CA LEU E 219 -17.92 -23.06 -7.22
C LEU E 219 -17.29 -22.10 -8.34
N GLN E 220 -18.21 -21.31 -8.89
CA GLN E 220 -18.02 -20.44 -10.00
C GLN E 220 -17.34 -19.23 -9.61
N PRO E 221 -17.01 -18.24 -10.37
CA PRO E 221 -16.31 -17.08 -9.87
C PRO E 221 -17.44 -16.14 -9.61
N ASP E 222 -18.62 -16.60 -9.57
CA ASP E 222 -19.61 -15.59 -9.50
C ASP E 222 -20.48 -16.09 -8.37
N ARG E 223 -19.91 -16.67 -7.31
CA ARG E 223 -20.73 -17.16 -6.19
C ARG E 223 -21.84 -18.21 -6.52
N ASN E 224 -21.91 -18.61 -7.83
CA ASN E 224 -22.90 -19.58 -8.00
C ASN E 224 -22.29 -20.90 -7.58
N LEU E 225 -23.18 -21.81 -7.22
CA LEU E 225 -22.90 -23.22 -6.92
C LEU E 225 -23.89 -23.84 -7.91
N ALA E 226 -23.33 -24.43 -8.98
CA ALA E 226 -24.14 -24.98 -10.11
C ALA E 226 -23.87 -26.46 -10.46
N ILE E 227 -24.79 -27.35 -11.05
CA ILE E 227 -24.12 -28.60 -11.36
C ILE E 227 -24.39 -29.16 -12.75
N TYR E 228 -23.49 -29.12 -13.67
CA TYR E 228 -23.57 -29.50 -15.02
C TYR E 228 -23.33 -30.97 -15.19
N GLY E 229 -24.33 -31.62 -15.62
CA GLY E 229 -25.39 -32.39 -16.08
C GLY E 229 -25.40 -33.35 -17.21
N GLY E 230 -24.21 -33.45 -17.69
CA GLY E 230 -24.37 -34.23 -18.99
C GLY E 230 -23.03 -34.91 -18.91
N ALA E 231 -22.28 -35.08 -19.90
CA ALA E 231 -20.97 -35.53 -19.66
C ALA E 231 -20.63 -35.82 -21.10
N LEU E 232 -21.29 -35.06 -22.01
CA LEU E 232 -20.80 -35.08 -23.36
C LEU E 232 -19.65 -35.10 -23.99
N TRP E 233 -18.47 -34.74 -23.56
CA TRP E 233 -17.51 -35.18 -24.74
C TRP E 233 -16.15 -35.18 -24.11
N THR E 234 -15.29 -36.07 -24.40
CA THR E 234 -14.10 -35.84 -23.63
C THR E 234 -13.04 -35.96 -24.69
N THR E 235 -11.79 -35.99 -24.36
CA THR E 235 -10.70 -36.31 -25.33
C THR E 235 -10.08 -37.72 -25.24
N ASN F 1 -5.98 -25.92 7.88
CA ASN F 1 -5.14 -27.17 7.69
C ASN F 1 -4.36 -27.64 6.42
N ASN F 2 -3.15 -28.17 6.61
CA ASN F 2 -1.90 -28.72 6.74
C ASN F 2 -1.10 -29.73 7.75
N ILE F 3 -2.01 -30.51 8.33
CA ILE F 3 -1.72 -31.74 8.85
C ILE F 3 -2.58 -32.68 7.90
N LEU F 4 -1.87 -33.78 7.59
CA LEU F 4 -2.29 -35.02 6.97
C LEU F 4 -2.37 -36.21 7.98
N PHE F 5 -3.44 -36.98 8.10
CA PHE F 5 -3.70 -38.08 8.98
C PHE F 5 -3.30 -39.47 8.46
N GLY F 6 -2.68 -40.46 9.21
CA GLY F 6 -2.40 -41.86 9.11
C GLY F 6 -3.84 -42.47 8.73
N LEU F 7 -4.03 -43.54 7.91
CA LEU F 7 -5.13 -44.39 7.55
C LEU F 7 -6.25 -44.87 8.50
N SER F 8 -5.67 -44.78 9.61
CA SER F 8 -6.20 -44.72 10.92
C SER F 8 -7.26 -43.58 11.01
N HIS F 9 -8.34 -44.35 10.51
CA HIS F 9 -9.59 -44.82 10.14
C HIS F 9 -10.83 -44.27 10.72
N GLU F 10 -10.75 -43.04 11.23
CA GLU F 10 -11.55 -42.60 12.32
C GLU F 10 -12.37 -41.42 12.21
N GLY F 11 -12.21 -40.59 11.20
CA GLY F 11 -13.17 -39.45 11.02
C GLY F 11 -12.14 -38.33 10.83
N SER F 12 -10.83 -38.57 10.76
CA SER F 12 -9.85 -37.47 10.63
C SER F 12 -9.36 -37.61 9.21
N HIS F 13 -9.91 -36.72 8.40
CA HIS F 13 -9.58 -36.42 7.03
C HIS F 13 -8.41 -35.49 7.00
N PRO F 14 -7.91 -35.44 5.84
CA PRO F 14 -7.15 -36.12 4.97
C PRO F 14 -6.63 -37.47 5.28
N GLN F 15 -6.86 -38.53 4.51
CA GLN F 15 -6.06 -39.74 4.95
C GLN F 15 -5.23 -39.87 3.74
N THR F 16 -5.57 -39.06 2.78
CA THR F 16 -4.78 -38.76 1.62
C THR F 16 -4.71 -37.47 0.77
N LEU F 17 -3.39 -37.35 0.31
CA LEU F 17 -3.33 -36.21 -0.57
C LEU F 17 -3.33 -36.84 -2.00
N HIS F 18 -4.33 -36.35 -2.68
CA HIS F 18 -4.51 -36.70 -4.00
C HIS F 18 -3.86 -35.87 -5.09
N ALA F 19 -4.25 -35.41 -6.29
CA ALA F 19 -3.26 -35.00 -7.20
C ALA F 19 -3.58 -33.64 -7.60
N ALA F 20 -4.70 -33.06 -7.62
CA ALA F 20 -4.52 -31.55 -7.78
C ALA F 20 -4.54 -30.82 -6.40
N GLN F 21 -4.36 -31.62 -5.35
CA GLN F 21 -4.55 -31.60 -3.94
C GLN F 21 -3.28 -31.35 -3.17
N SER F 22 -3.52 -30.81 -1.96
CA SER F 22 -2.42 -30.23 -1.23
C SER F 22 -2.79 -29.62 0.12
N LEU F 23 -1.69 -29.40 0.76
CA LEU F 23 -1.63 -28.78 2.02
C LEU F 23 -1.23 -27.37 2.13
N GLU F 24 -1.70 -26.59 3.09
CA GLU F 24 -1.11 -25.23 2.95
C GLU F 24 -1.17 -24.51 4.23
N LEU F 25 -0.18 -23.83 4.71
CA LEU F 25 0.02 -22.91 5.81
C LEU F 25 0.35 -21.51 5.25
N SER F 26 -0.55 -20.61 5.03
CA SER F 26 -0.29 -19.27 4.48
C SER F 26 1.15 -18.82 4.30
N SER F 27 1.68 -19.01 3.13
CA SER F 27 2.67 -19.10 2.14
C SER F 27 2.97 -20.53 1.64
N PHE F 28 3.30 -21.30 2.69
CA PHE F 28 3.60 -22.72 2.52
C PHE F 28 2.41 -23.36 1.77
N ARG F 29 2.87 -24.32 0.92
CA ARG F 29 1.99 -25.08 0.04
C ARG F 29 2.94 -26.14 -0.49
N PHE F 30 2.30 -27.25 -0.33
CA PHE F 30 2.70 -28.59 -0.53
C PHE F 30 1.51 -29.49 -0.78
N THR F 31 1.36 -29.82 -1.97
CA THR F 31 0.67 -30.41 -2.99
C THR F 31 1.27 -31.69 -3.59
N MET F 32 0.32 -32.44 -4.23
CA MET F 32 0.74 -33.64 -4.94
C MET F 32 0.56 -33.17 -6.34
N GLN F 33 1.40 -33.19 -7.34
CA GLN F 33 1.02 -32.42 -8.53
C GLN F 33 0.58 -33.33 -9.58
N SER F 34 0.36 -32.93 -10.82
CA SER F 34 -0.17 -34.01 -11.75
C SER F 34 1.00 -34.76 -12.32
N ASP F 35 2.27 -34.53 -12.12
CA ASP F 35 3.56 -34.98 -12.48
C ASP F 35 4.29 -35.97 -11.58
N CYS F 36 3.50 -36.52 -10.71
CA CYS F 36 4.02 -37.48 -9.82
C CYS F 36 4.93 -36.88 -8.75
N ASN F 37 5.32 -35.66 -8.63
CA ASN F 37 6.17 -35.14 -7.66
C ASN F 37 5.35 -34.52 -6.49
N LEU F 38 6.09 -34.44 -5.40
CA LEU F 38 5.25 -33.88 -4.30
C LEU F 38 6.21 -32.80 -3.93
N VAL F 39 5.72 -31.59 -3.94
CA VAL F 39 6.47 -30.36 -3.91
C VAL F 39 5.95 -29.44 -2.82
N LEU F 40 7.05 -28.67 -2.55
CA LEU F 40 7.02 -27.64 -1.61
C LEU F 40 7.27 -26.24 -2.10
N PHE F 41 6.09 -25.64 -2.03
CA PHE F 41 6.05 -24.25 -2.48
C PHE F 41 6.03 -23.20 -1.41
N ASP F 42 6.97 -22.24 -1.47
CA ASP F 42 6.98 -21.05 -0.61
C ASP F 42 6.65 -19.85 -1.50
N SER F 43 5.39 -19.63 -1.75
CA SER F 43 4.91 -18.51 -2.53
C SER F 43 4.85 -18.99 -3.94
N ASP F 44 5.97 -19.06 -4.52
CA ASP F 44 6.62 -19.36 -5.69
C ASP F 44 8.09 -19.19 -5.22
N VAL F 45 8.70 -20.30 -5.48
CA VAL F 45 10.08 -20.64 -5.31
C VAL F 45 9.80 -22.10 -5.01
N ARG F 46 10.44 -22.99 -5.73
CA ARG F 46 10.03 -24.33 -5.31
C ARG F 46 11.08 -24.48 -4.24
N VAL F 47 10.63 -24.87 -3.09
CA VAL F 47 11.58 -25.16 -2.10
C VAL F 47 11.92 -26.60 -1.92
N TRP F 48 11.14 -27.61 -1.77
CA TRP F 48 11.73 -28.90 -1.55
C TRP F 48 10.79 -29.81 -2.36
N ALA F 49 11.32 -30.95 -2.81
CA ALA F 49 10.42 -31.89 -3.41
C ALA F 49 11.20 -33.21 -3.39
N SER F 50 10.55 -34.33 -3.49
CA SER F 50 10.87 -35.62 -3.98
C SER F 50 11.47 -35.83 -5.33
N ASN F 51 11.58 -35.00 -6.31
CA ASN F 51 12.14 -34.96 -7.63
C ASN F 51 11.79 -36.20 -8.41
N THR F 52 10.70 -36.81 -8.06
CA THR F 52 10.08 -37.93 -8.65
C THR F 52 9.16 -37.52 -9.77
N ALA F 53 9.37 -36.55 -10.58
CA ALA F 53 8.69 -35.87 -11.64
C ALA F 53 8.61 -36.79 -12.82
N GLY F 54 7.59 -37.42 -13.35
CA GLY F 54 7.71 -38.51 -14.33
C GLY F 54 7.71 -39.98 -13.82
N ALA F 55 6.53 -40.58 -13.51
CA ALA F 55 5.57 -41.58 -12.98
C ALA F 55 4.11 -41.12 -13.04
N THR F 56 2.92 -41.62 -12.84
CA THR F 56 1.61 -41.02 -13.03
C THR F 56 0.44 -41.42 -12.10
N GLY F 57 -0.67 -40.71 -11.94
CA GLY F 57 -1.78 -41.02 -11.14
C GLY F 57 -1.58 -40.92 -9.69
N CYS F 58 -0.55 -40.30 -9.15
CA CYS F 58 0.17 -40.42 -7.92
C CYS F 58 -0.65 -39.89 -6.78
N ARG F 59 -0.39 -40.32 -5.54
CA ARG F 59 -0.84 -39.90 -4.24
C ARG F 59 0.17 -39.91 -3.07
N ALA F 60 -0.28 -38.82 -2.32
CA ALA F 60 0.52 -38.70 -1.10
C ALA F 60 -0.22 -39.38 -0.07
N VAL F 61 -1.04 -39.89 0.73
CA VAL F 61 -0.85 -41.10 1.71
C VAL F 61 0.29 -41.40 2.81
N LEU F 62 -0.48 -41.38 3.97
CA LEU F 62 0.44 -41.57 5.02
C LEU F 62 0.17 -42.74 5.92
N GLN F 63 1.36 -43.39 5.87
CA GLN F 63 1.42 -44.79 6.37
C GLN F 63 0.99 -45.21 7.73
N SER F 64 0.15 -46.20 7.79
CA SER F 64 -0.07 -46.62 9.14
C SER F 64 1.00 -46.76 10.23
N ASP F 65 2.24 -47.00 9.98
CA ASP F 65 3.36 -47.11 10.93
C ASP F 65 4.26 -45.93 10.76
N GLY F 66 3.95 -44.74 10.17
CA GLY F 66 4.52 -43.51 9.81
C GLY F 66 5.49 -43.29 8.62
N LEU F 67 5.45 -44.19 7.57
CA LEU F 67 6.28 -43.79 6.46
C LEU F 67 5.49 -42.79 5.58
N LEU F 68 6.02 -41.71 4.89
CA LEU F 68 5.03 -41.35 3.86
C LEU F 68 5.66 -41.74 2.51
N VAL F 69 4.64 -42.26 1.84
CA VAL F 69 4.88 -43.08 0.63
C VAL F 69 4.01 -42.32 -0.41
N ILE F 70 4.48 -42.11 -1.57
CA ILE F 70 3.99 -41.66 -2.77
C ILE F 70 3.88 -42.63 -3.92
N LEU F 71 2.58 -42.86 -4.07
CA LEU F 71 2.14 -43.98 -4.86
C LEU F 71 1.60 -43.73 -6.24
N THR F 72 1.73 -44.75 -7.08
CA THR F 72 1.46 -44.86 -8.52
C THR F 72 0.07 -45.34 -8.60
N ALA F 73 -0.37 -45.24 -9.82
CA ALA F 73 -1.76 -45.47 -10.27
C ALA F 73 -2.33 -46.86 -9.98
N GLN F 74 -1.45 -47.80 -9.82
CA GLN F 74 -0.62 -48.91 -9.61
C GLN F 74 0.19 -49.25 -8.38
N ASN F 75 -0.15 -49.00 -7.18
CA ASN F 75 0.44 -49.04 -5.91
C ASN F 75 1.92 -49.09 -5.85
N THR F 76 2.49 -48.00 -6.37
CA THR F 76 3.89 -48.12 -6.26
C THR F 76 4.71 -46.97 -5.98
N ILE F 77 4.84 -46.61 -4.69
CA ILE F 77 6.11 -46.32 -3.98
C ILE F 77 7.27 -45.61 -4.61
N ARG F 78 7.13 -44.37 -5.06
CA ARG F 78 8.12 -43.60 -5.86
C ARG F 78 9.22 -42.75 -5.15
N TRP F 79 8.68 -42.64 -3.91
CA TRP F 79 9.36 -42.28 -2.72
C TRP F 79 8.73 -42.70 -1.39
N SER F 80 9.51 -43.00 -0.39
CA SER F 80 9.28 -43.27 0.97
C SER F 80 10.22 -42.21 1.57
N SER F 81 9.69 -41.90 2.72
CA SER F 81 10.51 -41.12 3.61
C SER F 81 11.70 -42.06 3.91
N GLY F 82 11.41 -42.86 4.91
CA GLY F 82 12.35 -43.95 5.02
C GLY F 82 12.16 -44.58 6.36
N THR F 83 12.23 -43.65 7.28
CA THR F 83 12.20 -44.12 8.71
C THR F 83 10.73 -44.49 8.84
N LYS F 84 10.13 -45.29 9.68
CA LYS F 84 8.91 -45.84 10.21
C LYS F 84 8.92 -46.39 11.65
N GLY F 85 8.23 -46.12 12.66
CA GLY F 85 8.10 -46.39 14.10
C GLY F 85 7.12 -47.48 14.26
N SER F 86 6.21 -47.75 15.12
CA SER F 86 5.67 -49.05 15.75
C SER F 86 4.29 -49.13 15.22
N ILE F 87 3.12 -48.76 15.58
CA ILE F 87 1.95 -48.73 14.74
C ILE F 87 0.66 -47.97 14.76
N GLY F 88 -0.54 -47.90 15.29
CA GLY F 88 -1.66 -47.11 14.90
C GLY F 88 -1.49 -45.84 14.13
N ASN F 89 -1.52 -44.72 14.93
CA ASN F 89 -1.68 -43.39 14.31
C ASN F 89 -0.73 -42.24 14.29
N TYR F 90 -0.31 -41.58 13.21
CA TYR F 90 0.56 -40.45 13.19
C TYR F 90 -0.24 -39.36 12.43
N VAL F 91 0.58 -38.32 12.26
CA VAL F 91 0.26 -37.01 11.65
C VAL F 91 1.55 -36.53 10.99
N LEU F 92 1.47 -35.95 9.74
CA LEU F 92 2.58 -35.47 8.87
C LEU F 92 2.31 -33.95 8.99
N VAL F 93 3.21 -32.99 9.30
CA VAL F 93 2.61 -31.62 9.33
C VAL F 93 3.32 -30.44 8.73
N LEU F 94 2.72 -29.43 8.02
CA LEU F 94 3.71 -28.54 7.23
C LEU F 94 3.48 -27.47 8.23
N GLN F 95 4.56 -27.20 8.84
CA GLN F 95 4.55 -26.60 10.17
C GLN F 95 4.89 -25.19 10.09
N PRO F 96 4.61 -24.36 11.06
CA PRO F 96 4.95 -22.94 11.01
C PRO F 96 6.36 -22.67 10.52
N ASP F 97 7.32 -23.57 10.42
CA ASP F 97 8.55 -23.03 9.91
C ASP F 97 8.94 -23.49 8.56
N ARG F 98 8.10 -24.01 7.67
CA ARG F 98 8.55 -24.61 6.38
C ARG F 98 9.49 -25.86 6.51
N THR F 99 9.25 -26.79 7.46
CA THR F 99 9.98 -28.02 7.66
C THR F 99 8.66 -28.82 7.56
N VAL F 100 8.86 -29.87 6.72
CA VAL F 100 7.66 -30.66 6.46
C VAL F 100 7.60 -31.67 7.57
N THR F 101 6.77 -32.19 8.47
CA THR F 101 6.97 -33.39 9.24
C THR F 101 6.42 -34.59 10.03
N ILE F 102 7.13 -35.68 10.53
CA ILE F 102 6.22 -36.68 11.17
C ILE F 102 6.06 -36.90 12.70
N TYR F 103 4.93 -37.14 13.31
CA TYR F 103 4.82 -37.29 14.66
C TYR F 103 4.04 -38.55 14.94
N GLY F 104 4.48 -39.45 15.73
CA GLY F 104 3.91 -40.70 16.08
C GLY F 104 4.56 -41.56 17.04
N PRO F 105 3.44 -41.88 17.55
CA PRO F 105 2.30 -42.20 18.07
C PRO F 105 1.17 -41.42 18.63
N GLY F 106 -0.08 -41.77 18.77
CA GLY F 106 -1.14 -41.43 19.69
C GLY F 106 -0.51 -41.54 21.08
N LEU F 107 -0.92 -41.12 22.26
CA LEU F 107 -0.25 -41.11 23.56
C LEU F 107 -1.35 -40.62 24.49
N TRP F 108 -2.04 -39.56 24.24
CA TRP F 108 -3.18 -39.41 25.15
C TRP F 108 -4.30 -38.95 24.31
N ASP F 109 -5.56 -39.06 24.39
CA ASP F 109 -6.67 -38.66 23.53
C ASP F 109 -7.64 -38.28 24.66
N SER F 110 -8.40 -37.22 24.51
CA SER F 110 -9.34 -36.81 25.45
C SER F 110 -10.33 -37.93 25.18
N GLY F 111 -10.55 -38.56 24.03
CA GLY F 111 -11.84 -39.30 24.13
C GLY F 111 -12.90 -38.29 24.68
N GLY F 124 -5.78 -23.96 12.26
CA GLY F 124 -4.72 -23.54 13.21
C GLY F 124 -4.87 -23.61 14.76
N ASN F 125 -5.13 -24.78 15.23
CA ASN F 125 -5.31 -26.01 15.75
C ASN F 125 -4.21 -26.93 16.23
N SER F 126 -3.03 -27.28 16.06
CA SER F 126 -1.84 -27.82 16.48
C SER F 126 -1.32 -27.00 17.68
N ILE F 127 -0.33 -27.31 18.50
CA ILE F 127 0.25 -26.55 19.59
C ILE F 127 1.65 -27.14 19.68
N LEU F 128 2.68 -26.47 19.13
CA LEU F 128 3.98 -27.22 19.08
C LEU F 128 4.09 -26.93 20.51
N TYR F 129 4.85 -27.56 21.22
CA TYR F 129 5.66 -28.20 22.10
C TYR F 129 6.82 -27.68 22.83
N SER F 130 8.10 -27.55 22.61
CA SER F 130 9.44 -27.23 22.90
C SER F 130 10.70 -27.46 21.97
N THR F 131 10.81 -26.40 20.97
CA THR F 131 11.43 -25.46 20.03
C THR F 131 11.36 -24.34 18.84
N ASN F 136 9.29 -22.53 16.03
CA ASN F 136 7.74 -22.74 15.78
C ASN F 136 6.55 -22.52 16.75
N HIS F 137 5.50 -21.63 16.85
CA HIS F 137 4.54 -21.52 17.89
C HIS F 137 3.12 -21.55 17.51
N PRO F 138 2.29 -21.97 18.36
CA PRO F 138 2.04 -21.62 19.69
C PRO F 138 2.87 -22.53 20.58
N GLN F 139 3.30 -21.94 21.66
CA GLN F 139 4.12 -23.06 22.21
C GLN F 139 3.44 -23.09 23.50
N THR F 140 2.26 -22.48 23.51
CA THR F 140 1.54 -22.38 24.72
C THR F 140 0.20 -21.67 24.57
N LEU F 141 -0.61 -21.83 25.56
CA LEU F 141 -1.90 -21.23 25.64
C LEU F 141 -2.37 -20.59 26.90
N HIS F 142 -2.89 -19.42 27.24
CA HIS F 142 -3.36 -18.76 28.40
C HIS F 142 -4.88 -18.55 28.56
N ALA F 143 -5.41 -17.60 29.34
CA ALA F 143 -6.90 -17.73 29.38
C ALA F 143 -7.12 -16.84 28.17
N THR F 144 -8.21 -16.84 27.56
CA THR F 144 -8.17 -16.08 26.32
C THR F 144 -7.50 -17.16 25.47
N GLN F 145 -6.45 -17.95 25.61
CA GLN F 145 -6.07 -18.76 24.51
C GLN F 145 -6.89 -19.84 23.92
N SER F 146 -6.72 -20.11 22.57
CA SER F 146 -7.65 -21.00 22.01
C SER F 146 -7.60 -21.99 20.98
N LEU F 147 -6.74 -22.46 20.16
CA LEU F 147 -6.95 -23.60 19.25
C LEU F 147 -8.43 -23.94 18.97
N GLN F 148 -8.51 -23.73 17.65
CA GLN F 148 -9.87 -23.77 17.09
C GLN F 148 -9.92 -24.62 15.86
N LEU F 149 -10.97 -25.37 15.61
CA LEU F 149 -11.25 -26.29 14.62
C LEU F 149 -12.57 -25.83 14.10
N SER F 150 -13.71 -26.26 14.44
CA SER F 150 -14.62 -25.60 13.44
C SER F 150 -15.91 -25.77 14.01
N PRO F 151 -16.55 -26.90 14.25
CA PRO F 151 -17.74 -26.77 15.15
C PRO F 151 -17.11 -26.37 16.48
N TYR F 152 -15.88 -26.62 16.86
CA TYR F 152 -15.06 -26.78 17.94
C TYR F 152 -13.87 -26.08 18.50
N ARG F 153 -13.60 -25.78 19.76
CA ARG F 153 -12.30 -25.33 20.31
C ARG F 153 -11.71 -25.82 21.67
N LEU F 154 -10.37 -25.95 21.67
CA LEU F 154 -9.82 -26.16 23.03
C LEU F 154 -9.56 -24.79 23.75
N SER F 155 -10.35 -24.06 24.59
CA SER F 155 -9.68 -23.05 25.42
C SER F 155 -9.24 -23.33 26.90
N MET F 156 -8.45 -22.40 27.46
CA MET F 156 -7.76 -22.20 28.68
C MET F 156 -8.34 -20.86 29.15
N GLU F 157 -9.16 -21.02 30.18
CA GLU F 157 -10.02 -20.00 30.72
C GLU F 157 -9.25 -19.56 31.96
N THR F 158 -9.60 -18.36 32.39
CA THR F 158 -8.95 -17.97 33.61
C THR F 158 -9.61 -18.61 34.78
N ASP F 159 -10.81 -19.12 34.88
CA ASP F 159 -11.10 -20.12 35.91
C ASP F 159 -9.90 -21.04 35.81
N CYS F 160 -9.42 -21.57 34.74
CA CYS F 160 -8.05 -22.15 34.82
C CYS F 160 -8.34 -23.62 34.69
N ASN F 161 -9.46 -23.60 33.93
CA ASN F 161 -10.06 -24.71 33.30
C ASN F 161 -9.64 -24.77 31.81
N LEU F 162 -9.98 -26.01 31.38
CA LEU F 162 -9.48 -26.35 30.08
C LEU F 162 -10.51 -27.08 29.31
N VAL F 163 -11.48 -26.33 28.84
CA VAL F 163 -12.49 -27.18 28.16
C VAL F 163 -12.18 -27.30 26.66
N LEU F 164 -13.04 -28.03 25.93
CA LEU F 164 -13.00 -28.37 24.57
C LEU F 164 -14.37 -28.01 24.15
N PHE F 165 -14.93 -27.27 23.31
CA PHE F 165 -16.43 -27.45 23.42
C PHE F 165 -16.97 -27.65 22.02
N ASP F 166 -18.13 -28.06 21.60
CA ASP F 166 -18.43 -27.87 20.18
C ASP F 166 -19.50 -26.78 20.17
N ARG F 167 -19.45 -25.71 19.41
CA ARG F 167 -20.52 -24.75 19.56
C ARG F 167 -20.68 -24.44 21.04
N ASP F 168 -19.80 -23.68 21.70
CA ASP F 168 -19.98 -23.26 23.09
C ASP F 168 -21.02 -24.08 23.84
N ASP F 169 -20.83 -25.39 23.85
CA ASP F 169 -21.54 -26.35 24.64
C ASP F 169 -20.36 -27.23 24.86
N ARG F 170 -20.00 -27.68 26.01
CA ARG F 170 -18.86 -28.43 26.54
C ARG F 170 -18.70 -29.96 26.58
N VAL F 171 -17.59 -30.46 26.00
CA VAL F 171 -17.37 -31.88 25.78
C VAL F 171 -16.34 -32.51 26.66
N TRP F 172 -15.41 -31.68 27.09
CA TRP F 172 -14.40 -32.26 27.98
C TRP F 172 -13.71 -31.19 28.76
N SER F 173 -13.39 -31.26 30.00
CA SER F 173 -12.70 -30.19 30.68
C SER F 173 -11.55 -30.89 31.43
N THR F 174 -10.88 -30.29 32.35
CA THR F 174 -9.92 -30.90 33.22
C THR F 174 -10.62 -30.66 34.55
N ASN F 175 -11.49 -29.63 34.53
CA ASN F 175 -12.26 -29.33 35.71
C ASN F 175 -11.13 -28.86 36.63
N THR F 176 -10.57 -27.77 36.20
CA THR F 176 -9.70 -27.02 37.04
C THR F 176 -10.13 -25.58 37.22
N GLY F 180 -9.50 -21.29 40.11
CA GLY F 180 -8.09 -20.86 40.28
C GLY F 180 -7.53 -19.74 39.45
N THR F 181 -6.31 -19.34 39.00
CA THR F 181 -6.38 -18.18 38.11
C THR F 181 -5.38 -17.77 37.10
N GLY F 182 -4.07 -17.93 37.10
CA GLY F 182 -3.44 -17.36 35.84
C GLY F 182 -2.58 -18.45 35.25
N CYS F 183 -3.31 -19.56 35.26
CA CYS F 183 -2.79 -20.81 34.66
C CYS F 183 -3.04 -20.71 33.14
N ARG F 184 -2.16 -21.23 32.42
CA ARG F 184 -1.67 -21.55 31.21
C ARG F 184 -1.66 -23.08 31.06
N ALA F 185 -0.96 -23.54 30.02
CA ALA F 185 -1.24 -24.92 29.51
C ALA F 185 -0.15 -25.33 28.55
N VAL F 186 0.51 -26.54 28.78
CA VAL F 186 1.73 -26.53 27.92
C VAL F 186 2.25 -27.89 27.49
N LEU F 187 3.26 -28.00 26.66
CA LEU F 187 3.33 -29.41 26.29
C LEU F 187 4.80 -29.73 26.28
N GLN F 188 4.61 -30.75 27.07
CA GLN F 188 5.83 -31.11 27.77
C GLN F 188 6.92 -31.66 26.94
N PRO F 189 8.05 -31.52 27.60
CA PRO F 189 9.32 -31.99 27.08
C PRO F 189 9.47 -33.40 26.63
N ASN F 190 8.63 -34.31 26.53
CA ASN F 190 8.02 -35.52 26.27
C ASN F 190 6.46 -35.79 26.56
N GLY F 191 5.43 -35.16 25.98
CA GLY F 191 4.15 -35.75 26.24
C GLY F 191 3.24 -35.35 27.31
N ARG F 192 3.69 -34.44 28.13
CA ARG F 192 2.48 -34.17 29.01
C ARG F 192 1.94 -32.76 28.96
N MET F 193 0.62 -32.51 28.79
CA MET F 193 -0.34 -31.51 28.71
C MET F 193 -0.39 -31.21 30.22
N ASP F 194 -0.36 -30.24 31.02
CA ASP F 194 -0.17 -29.20 31.84
C ASP F 194 -1.01 -27.97 32.23
N VAL F 195 -1.34 -27.68 33.50
CA VAL F 195 -2.36 -26.72 33.67
C VAL F 195 -1.53 -25.97 34.57
N LEU F 196 -0.26 -26.20 34.87
CA LEU F 196 0.45 -24.91 35.35
C LEU F 196 -0.03 -23.43 35.59
N THR F 197 -0.11 -23.03 36.83
CA THR F 197 -0.42 -22.36 38.03
C THR F 197 0.44 -21.20 38.06
N ASN F 198 0.00 -20.02 37.91
CA ASN F 198 0.85 -18.86 37.79
C ASN F 198 2.24 -18.89 38.32
N GLN F 199 2.72 -19.79 39.15
CA GLN F 199 3.92 -19.82 39.94
C GLN F 199 4.95 -20.89 39.79
N ASN F 200 4.52 -21.85 39.03
CA ASN F 200 4.85 -23.10 38.44
C ASN F 200 4.45 -24.42 39.12
N ILE F 201 3.17 -24.71 39.25
CA ILE F 201 2.62 -25.80 39.91
C ILE F 201 1.73 -26.59 38.98
N ALA F 202 1.32 -27.80 39.01
CA ALA F 202 0.49 -28.46 38.05
C ALA F 202 -0.88 -28.46 38.59
N VAL F 203 -1.73 -27.47 38.27
CA VAL F 203 -3.20 -27.55 38.64
C VAL F 203 -3.76 -28.69 37.79
N TRP F 204 -3.32 -29.20 36.63
CA TRP F 204 -3.86 -30.44 36.07
C TRP F 204 -2.70 -31.14 35.40
N THR F 205 -2.80 -32.36 34.85
CA THR F 205 -1.82 -33.09 34.12
C THR F 205 -2.31 -34.38 33.45
N SER F 206 -1.87 -34.41 32.20
CA SER F 206 -2.23 -35.49 31.25
C SER F 206 -2.02 -36.86 31.96
N GLY F 207 -0.87 -37.41 32.37
CA GLY F 207 -0.52 -38.61 33.00
C GLY F 207 0.50 -39.48 32.37
N ASN F 208 0.93 -39.39 31.13
CA ASN F 208 1.85 -40.15 30.38
C ASN F 208 3.11 -39.48 29.84
N SER F 209 4.16 -40.25 30.01
CA SER F 209 5.44 -39.65 29.56
C SER F 209 5.84 -40.43 28.34
N ARG F 210 6.82 -40.08 27.55
CA ARG F 210 7.08 -41.07 26.46
C ARG F 210 8.39 -40.90 25.77
N SER F 211 9.27 -41.25 24.89
CA SER F 211 10.60 -40.71 24.97
C SER F 211 10.61 -39.20 25.07
N ALA F 212 11.76 -38.60 25.26
CA ALA F 212 11.72 -37.11 25.31
C ALA F 212 11.86 -36.70 23.85
N GLY F 213 11.07 -35.78 23.27
CA GLY F 213 11.35 -35.62 21.82
C GLY F 213 10.60 -34.50 21.21
N ARG F 214 10.17 -34.38 19.99
CA ARG F 214 9.42 -33.09 19.84
C ARG F 214 8.00 -33.50 19.78
N TYR F 215 6.85 -33.22 20.27
CA TYR F 215 5.51 -33.65 20.28
C TYR F 215 4.63 -32.57 19.62
N VAL F 216 3.35 -32.88 19.46
CA VAL F 216 2.31 -32.07 18.91
C VAL F 216 1.08 -32.62 19.52
N PHE F 217 0.10 -31.88 19.74
CA PHE F 217 -1.22 -31.98 20.30
C PHE F 217 -2.16 -31.62 19.15
N VAL F 218 -3.33 -32.00 18.72
CA VAL F 218 -3.88 -31.55 17.47
C VAL F 218 -5.37 -31.51 17.69
N LEU F 219 -6.18 -30.51 17.51
CA LEU F 219 -7.59 -30.55 17.85
C LEU F 219 -8.18 -31.45 16.73
N GLN F 220 -8.51 -32.69 16.98
CA GLN F 220 -8.98 -33.27 15.78
C GLN F 220 -10.31 -32.83 15.29
N PRO F 221 -10.45 -33.29 14.02
CA PRO F 221 -11.70 -33.17 13.31
C PRO F 221 -12.60 -34.28 13.82
N ASP F 222 -12.37 -35.10 14.76
CA ASP F 222 -13.36 -35.96 15.30
C ASP F 222 -13.87 -35.48 16.64
N ARG F 223 -13.90 -34.25 17.25
CA ARG F 223 -14.16 -33.88 18.62
C ARG F 223 -13.16 -34.58 19.51
N ASN F 224 -12.06 -35.14 19.04
CA ASN F 224 -10.92 -35.90 19.44
C ASN F 224 -9.94 -34.98 20.15
N LEU F 225 -8.75 -34.59 20.24
CA LEU F 225 -7.60 -34.06 20.75
C LEU F 225 -6.65 -35.21 21.26
N ALA F 226 -5.47 -35.12 20.73
CA ALA F 226 -4.76 -36.38 20.81
C ALA F 226 -3.32 -35.85 20.74
N ILE F 227 -2.34 -36.64 21.33
CA ILE F 227 -1.02 -35.99 21.24
C ILE F 227 -0.04 -36.98 20.59
N TYR F 228 0.59 -36.65 19.55
CA TYR F 228 1.42 -37.56 18.79
C TYR F 228 2.75 -37.35 19.37
N GLY F 229 3.78 -38.22 19.38
CA GLY F 229 5.06 -38.02 19.97
C GLY F 229 6.15 -39.01 19.75
N GLY F 230 7.37 -38.93 20.38
CA GLY F 230 8.57 -39.63 20.02
C GLY F 230 8.52 -38.90 18.65
N ALA F 231 8.93 -39.16 17.42
CA ALA F 231 8.84 -38.05 16.43
C ALA F 231 9.97 -38.52 15.50
N LEU F 232 9.73 -38.69 14.20
CA LEU F 232 10.13 -39.48 13.11
C LEU F 232 10.80 -39.16 11.82
N TRP F 233 10.50 -38.43 10.77
CA TRP F 233 11.36 -37.98 9.69
C TRP F 233 10.99 -36.48 9.84
N THR F 234 11.61 -35.63 9.06
CA THR F 234 11.72 -34.18 8.94
C THR F 234 12.40 -33.86 7.60
N THR F 235 12.39 -32.81 6.82
CA THR F 235 13.07 -32.22 5.69
C THR F 235 14.35 -31.38 5.82
#